data_2C23
# 
_entry.id   2C23 
# 
_audit_conform.dict_name       mmcif_pdbx.dic 
_audit_conform.dict_version    5.382 
_audit_conform.dict_location   http://mmcif.pdb.org/dictionaries/ascii/mmcif_pdbx.dic 
# 
loop_
_database_2.database_id 
_database_2.database_code 
_database_2.pdbx_database_accession 
_database_2.pdbx_DOI 
PDB   2C23         pdb_00002c23 10.2210/pdb2c23/pdb 
PDBE  EBI-25435    ?            ?                   
WWPDB D_1290025435 ?            ?                   
# 
loop_
_pdbx_database_related.db_name 
_pdbx_database_related.db_id 
_pdbx_database_related.content_type 
_pdbx_database_related.details 
PDB 1HE1 unspecified 
'CRYSTAL STRUCTURE OF THE COMPLEX BETWEEN THE GAP DOMAIN OF THE PSEUDOMONAS AERUGINOSA EXOS TOXIN AND HUMAN RAC' 
PDB 1HE9 unspecified 'CRYSTAL STRUCTURE OF THE GAP DOMAIN OF THE PSEUDOMONAS AERUGINOSA EXOS TOXIN' 
PDB 2BQ0 unspecified '14-3-3 PROTEIN BETA (HUMAN)' 
# 
_pdbx_database_status.status_code                     REL 
_pdbx_database_status.entry_id                        2C23 
_pdbx_database_status.deposit_site                    PDBE 
_pdbx_database_status.process_site                    PDBE 
_pdbx_database_status.SG_entry                        . 
_pdbx_database_status.recvd_initial_deposition_date   2005-09-26 
_pdbx_database_status.pdb_format_compatible           Y 
_pdbx_database_status.status_code_sf                  REL 
_pdbx_database_status.status_code_mr                  ? 
_pdbx_database_status.status_code_cs                  ? 
_pdbx_database_status.methods_development_category    ? 
_pdbx_database_status.status_code_nmr_data            ? 
# 
loop_
_audit_author.name 
_audit_author.pdbx_ordinal 
'Elkins, J.M.'   1 
'Schoch, G.A.'   2 
'Yang, X.'       3 
'Sundstrom, M.'  4 
'Arrowsmith, C.' 5 
'Edwards, A.'    6 
'Doyle, D.A.'    7 
# 
_citation.id                        primary 
_citation.title                     'Structural Basis for Protein-Protein Interactions in the 14-3-3 Protein Family.' 
_citation.journal_abbrev            Proc.Natl.Acad.Sci.USA 
_citation.journal_volume            103 
_citation.page_first                17237 
_citation.page_last                 ? 
_citation.year                      2006 
_citation.journal_id_ASTM           PNASA6 
_citation.country                   US 
_citation.journal_id_ISSN           0027-8424 
_citation.journal_id_CSD            0040 
_citation.book_publisher            ? 
_citation.pdbx_database_id_PubMed   17085597 
_citation.pdbx_database_id_DOI      10.1073/PNAS.0605779103 
# 
loop_
_citation_author.citation_id 
_citation_author.name 
_citation_author.ordinal 
_citation_author.identifier_ORCID 
primary 'Yang, X.'          1 ? 
primary 'Lee, W.H.'         2 ? 
primary 'Sobott, F.'        3 ? 
primary 'Papagrigoriou, E.' 4 ? 
primary 'Robinson, C.V.'    5 ? 
primary 'Grossmann, J.G.'   6 ? 
primary 'Sundstrom, M.'     7 ? 
primary 'Doyle, D.A.'       8 ? 
primary 'Elkins, J.M.'      9 ? 
# 
_cell.entry_id           2C23 
_cell.length_a           59.908 
_cell.length_b           86.841 
_cell.length_c           121.814 
_cell.angle_alpha        90.00 
_cell.angle_beta         90.00 
_cell.angle_gamma        90.00 
_cell.Z_PDB              8 
_cell.pdbx_unique_axis   ? 
# 
_symmetry.entry_id                         2C23 
_symmetry.space_group_name_H-M             'C 2 2 21' 
_symmetry.pdbx_full_space_group_name_H-M   ? 
_symmetry.cell_setting                     ? 
_symmetry.Int_Tables_number                20 
# 
loop_
_entity.id 
_entity.type 
_entity.src_method 
_entity.pdbx_description 
_entity.formula_weight 
_entity.pdbx_number_of_molecules 
_entity.pdbx_ec 
_entity.pdbx_mutation 
_entity.pdbx_fragment 
_entity.details 
1 polymer man '14-3-3 BETA/ALPHA'   28236.627 1 ? ? ?                                         ? 
2 polymer syn 'EXOENZYME S PEPTIDE' 1116.287  1 ? ? '14-3-3 BINDING REGION, RESIDUES 421-431' ? 
# 
loop_
_entity_poly.entity_id 
_entity_poly.type 
_entity_poly.nstd_linkage 
_entity_poly.nstd_monomer 
_entity_poly.pdbx_seq_one_letter_code 
_entity_poly.pdbx_seq_one_letter_code_can 
_entity_poly.pdbx_strand_id 
_entity_poly.pdbx_target_identifier 
1 'polypeptide(L)' no no 
;MTMDKSELVQKAKLAEQAERYDDMAAAMKAVTEQGHELSNEERNLLSVAYKNVVGARRSSWRVISSIEQKTERNEKKQQM
GKEYREKIEAELQDICNDVLELLDKYLIPNATQPESKVFYLKMKGDYFRYLSEVASGDNKQTTVSNSQQAYQEAFEISKK
EMQPTHPIRLGLALNFSVFYYEILNSPEKACSLAKTAFDEAIAELDTLNEESYKDSTLIMQLLRDNLTLWTSENQGDEGE
NLYFQ
;
;MTMDKSELVQKAKLAEQAERYDDMAAAMKAVTEQGHELSNEERNLLSVAYKNVVGARRSSWRVISSIEQKTERNEKKQQM
GKEYREKIEAELQDICNDVLELLDKYLIPNATQPESKVFYLKMKGDYFRYLSEVASGDNKQTTVSNSQQAYQEAFEISKK
EMQPTHPIRLGLALNFSVFYYEILNSPEKACSLAKTAFDEAIAELDTLNEESYKDSTLIMQLLRDNLTLWTSENQGDEGE
NLYFQ
;
A ? 
2 'polypeptide(L)' no no GLLDALDLASK GLLDALDLASK P ? 
# 
loop_
_entity_poly_seq.entity_id 
_entity_poly_seq.num 
_entity_poly_seq.mon_id 
_entity_poly_seq.hetero 
1 1   MET n 
1 2   THR n 
1 3   MET n 
1 4   ASP n 
1 5   LYS n 
1 6   SER n 
1 7   GLU n 
1 8   LEU n 
1 9   VAL n 
1 10  GLN n 
1 11  LYS n 
1 12  ALA n 
1 13  LYS n 
1 14  LEU n 
1 15  ALA n 
1 16  GLU n 
1 17  GLN n 
1 18  ALA n 
1 19  GLU n 
1 20  ARG n 
1 21  TYR n 
1 22  ASP n 
1 23  ASP n 
1 24  MET n 
1 25  ALA n 
1 26  ALA n 
1 27  ALA n 
1 28  MET n 
1 29  LYS n 
1 30  ALA n 
1 31  VAL n 
1 32  THR n 
1 33  GLU n 
1 34  GLN n 
1 35  GLY n 
1 36  HIS n 
1 37  GLU n 
1 38  LEU n 
1 39  SER n 
1 40  ASN n 
1 41  GLU n 
1 42  GLU n 
1 43  ARG n 
1 44  ASN n 
1 45  LEU n 
1 46  LEU n 
1 47  SER n 
1 48  VAL n 
1 49  ALA n 
1 50  TYR n 
1 51  LYS n 
1 52  ASN n 
1 53  VAL n 
1 54  VAL n 
1 55  GLY n 
1 56  ALA n 
1 57  ARG n 
1 58  ARG n 
1 59  SER n 
1 60  SER n 
1 61  TRP n 
1 62  ARG n 
1 63  VAL n 
1 64  ILE n 
1 65  SER n 
1 66  SER n 
1 67  ILE n 
1 68  GLU n 
1 69  GLN n 
1 70  LYS n 
1 71  THR n 
1 72  GLU n 
1 73  ARG n 
1 74  ASN n 
1 75  GLU n 
1 76  LYS n 
1 77  LYS n 
1 78  GLN n 
1 79  GLN n 
1 80  MET n 
1 81  GLY n 
1 82  LYS n 
1 83  GLU n 
1 84  TYR n 
1 85  ARG n 
1 86  GLU n 
1 87  LYS n 
1 88  ILE n 
1 89  GLU n 
1 90  ALA n 
1 91  GLU n 
1 92  LEU n 
1 93  GLN n 
1 94  ASP n 
1 95  ILE n 
1 96  CYS n 
1 97  ASN n 
1 98  ASP n 
1 99  VAL n 
1 100 LEU n 
1 101 GLU n 
1 102 LEU n 
1 103 LEU n 
1 104 ASP n 
1 105 LYS n 
1 106 TYR n 
1 107 LEU n 
1 108 ILE n 
1 109 PRO n 
1 110 ASN n 
1 111 ALA n 
1 112 THR n 
1 113 GLN n 
1 114 PRO n 
1 115 GLU n 
1 116 SER n 
1 117 LYS n 
1 118 VAL n 
1 119 PHE n 
1 120 TYR n 
1 121 LEU n 
1 122 LYS n 
1 123 MET n 
1 124 LYS n 
1 125 GLY n 
1 126 ASP n 
1 127 TYR n 
1 128 PHE n 
1 129 ARG n 
1 130 TYR n 
1 131 LEU n 
1 132 SER n 
1 133 GLU n 
1 134 VAL n 
1 135 ALA n 
1 136 SER n 
1 137 GLY n 
1 138 ASP n 
1 139 ASN n 
1 140 LYS n 
1 141 GLN n 
1 142 THR n 
1 143 THR n 
1 144 VAL n 
1 145 SER n 
1 146 ASN n 
1 147 SER n 
1 148 GLN n 
1 149 GLN n 
1 150 ALA n 
1 151 TYR n 
1 152 GLN n 
1 153 GLU n 
1 154 ALA n 
1 155 PHE n 
1 156 GLU n 
1 157 ILE n 
1 158 SER n 
1 159 LYS n 
1 160 LYS n 
1 161 GLU n 
1 162 MET n 
1 163 GLN n 
1 164 PRO n 
1 165 THR n 
1 166 HIS n 
1 167 PRO n 
1 168 ILE n 
1 169 ARG n 
1 170 LEU n 
1 171 GLY n 
1 172 LEU n 
1 173 ALA n 
1 174 LEU n 
1 175 ASN n 
1 176 PHE n 
1 177 SER n 
1 178 VAL n 
1 179 PHE n 
1 180 TYR n 
1 181 TYR n 
1 182 GLU n 
1 183 ILE n 
1 184 LEU n 
1 185 ASN n 
1 186 SER n 
1 187 PRO n 
1 188 GLU n 
1 189 LYS n 
1 190 ALA n 
1 191 CYS n 
1 192 SER n 
1 193 LEU n 
1 194 ALA n 
1 195 LYS n 
1 196 THR n 
1 197 ALA n 
1 198 PHE n 
1 199 ASP n 
1 200 GLU n 
1 201 ALA n 
1 202 ILE n 
1 203 ALA n 
1 204 GLU n 
1 205 LEU n 
1 206 ASP n 
1 207 THR n 
1 208 LEU n 
1 209 ASN n 
1 210 GLU n 
1 211 GLU n 
1 212 SER n 
1 213 TYR n 
1 214 LYS n 
1 215 ASP n 
1 216 SER n 
1 217 THR n 
1 218 LEU n 
1 219 ILE n 
1 220 MET n 
1 221 GLN n 
1 222 LEU n 
1 223 LEU n 
1 224 ARG n 
1 225 ASP n 
1 226 ASN n 
1 227 LEU n 
1 228 THR n 
1 229 LEU n 
1 230 TRP n 
1 231 THR n 
1 232 SER n 
1 233 GLU n 
1 234 ASN n 
1 235 GLN n 
1 236 GLY n 
1 237 ASP n 
1 238 GLU n 
1 239 GLY n 
1 240 GLU n 
1 241 ASN n 
1 242 LEU n 
1 243 TYR n 
1 244 PHE n 
1 245 GLN n 
2 1   GLY n 
2 2   LEU n 
2 3   LEU n 
2 4   ASP n 
2 5   ALA n 
2 6   LEU n 
2 7   ASP n 
2 8   LEU n 
2 9   ALA n 
2 10  SER n 
2 11  LYS n 
# 
_entity_src_gen.entity_id                          1 
_entity_src_gen.pdbx_src_id                        1 
_entity_src_gen.pdbx_alt_source_flag               sample 
_entity_src_gen.pdbx_seq_type                      ? 
_entity_src_gen.pdbx_beg_seq_num                   ? 
_entity_src_gen.pdbx_end_seq_num                   ? 
_entity_src_gen.gene_src_common_name               HUMAN 
_entity_src_gen.gene_src_genus                     ? 
_entity_src_gen.pdbx_gene_src_gene                 ? 
_entity_src_gen.gene_src_species                   ? 
_entity_src_gen.gene_src_strain                    ? 
_entity_src_gen.gene_src_tissue                    ? 
_entity_src_gen.gene_src_tissue_fraction           ? 
_entity_src_gen.gene_src_details                   ? 
_entity_src_gen.pdbx_gene_src_fragment             ? 
_entity_src_gen.pdbx_gene_src_scientific_name      'HOMO SAPIENS' 
_entity_src_gen.pdbx_gene_src_ncbi_taxonomy_id     9606 
_entity_src_gen.pdbx_gene_src_variant              ? 
_entity_src_gen.pdbx_gene_src_cell_line            ? 
_entity_src_gen.pdbx_gene_src_atcc                 ? 
_entity_src_gen.pdbx_gene_src_organ                ? 
_entity_src_gen.pdbx_gene_src_organelle            ? 
_entity_src_gen.pdbx_gene_src_cell                 ? 
_entity_src_gen.pdbx_gene_src_cellular_location    ? 
_entity_src_gen.host_org_common_name               ? 
_entity_src_gen.pdbx_host_org_scientific_name      'ESCHERICHIA COLI' 
_entity_src_gen.pdbx_host_org_ncbi_taxonomy_id     469008 
_entity_src_gen.host_org_genus                     ? 
_entity_src_gen.pdbx_host_org_gene                 ? 
_entity_src_gen.pdbx_host_org_organ                ? 
_entity_src_gen.host_org_species                   ? 
_entity_src_gen.pdbx_host_org_tissue               ? 
_entity_src_gen.pdbx_host_org_tissue_fraction      ? 
_entity_src_gen.pdbx_host_org_strain               'BL21(DE3)' 
_entity_src_gen.pdbx_host_org_variant              ? 
_entity_src_gen.pdbx_host_org_cell_line            ? 
_entity_src_gen.pdbx_host_org_atcc                 ? 
_entity_src_gen.pdbx_host_org_culture_collection   ? 
_entity_src_gen.pdbx_host_org_cell                 ? 
_entity_src_gen.pdbx_host_org_organelle            ? 
_entity_src_gen.pdbx_host_org_cellular_location    ? 
_entity_src_gen.pdbx_host_org_vector_type          PLASMID 
_entity_src_gen.pdbx_host_org_vector               ? 
_entity_src_gen.host_org_details                   ? 
_entity_src_gen.expression_system_id               ? 
_entity_src_gen.plasmid_name                       PTVHR21-SGC 
_entity_src_gen.plasmid_details                    ? 
_entity_src_gen.pdbx_description                   ? 
# 
_pdbx_entity_src_syn.entity_id              2 
_pdbx_entity_src_syn.pdbx_src_id            1 
_pdbx_entity_src_syn.pdbx_alt_source_flag   sample 
_pdbx_entity_src_syn.pdbx_beg_seq_num       ? 
_pdbx_entity_src_syn.pdbx_end_seq_num       ? 
_pdbx_entity_src_syn.organism_scientific    'PSEUDOMONAS AERUGINOSA' 
_pdbx_entity_src_syn.organism_common_name   ? 
_pdbx_entity_src_syn.ncbi_taxonomy_id       287 
_pdbx_entity_src_syn.details                ? 
# 
loop_
_struct_ref.id 
_struct_ref.db_name 
_struct_ref.db_code 
_struct_ref.entity_id 
_struct_ref.pdbx_seq_one_letter_code 
_struct_ref.pdbx_align_begin 
_struct_ref.pdbx_db_accession 
_struct_ref.pdbx_db_isoform 
1 PDB 2C23         1 ? ? 2C23   ? 
2 UNP 1433B_HUMAN  1 ? ? P31946 ? 
3 UNP Q51451_PSEAE 2 ? ? Q51451 ? 
# 
loop_
_struct_ref_seq.align_id 
_struct_ref_seq.ref_id 
_struct_ref_seq.pdbx_PDB_id_code 
_struct_ref_seq.pdbx_strand_id 
_struct_ref_seq.seq_align_beg 
_struct_ref_seq.pdbx_seq_align_beg_ins_code 
_struct_ref_seq.seq_align_end 
_struct_ref_seq.pdbx_seq_align_end_ins_code 
_struct_ref_seq.pdbx_db_accession 
_struct_ref_seq.db_align_beg 
_struct_ref_seq.pdbx_db_align_beg_ins_code 
_struct_ref_seq.db_align_end 
_struct_ref_seq.pdbx_db_align_end_ins_code 
_struct_ref_seq.pdbx_auth_seq_align_beg 
_struct_ref_seq.pdbx_auth_seq_align_end 
1 1 2C23 A 1   ? 1   ? 2C23   1   ? 1   ? 1   1   
2 2 2C23 A 2   ? 239 ? P31946 1   ? 238 ? 2   239 
3 1 2C23 A 240 ? 245 ? 2C23   240 ? 245 ? 240 245 
4 3 2C23 P 1   ? 11  ? Q51451 421 ? 431 ? 1   11  
# 
loop_
_chem_comp.id 
_chem_comp.type 
_chem_comp.mon_nstd_flag 
_chem_comp.name 
_chem_comp.pdbx_synonyms 
_chem_comp.formula 
_chem_comp.formula_weight 
ALA 'L-peptide linking' y ALANINE         ? 'C3 H7 N O2'     89.093  
ARG 'L-peptide linking' y ARGININE        ? 'C6 H15 N4 O2 1' 175.209 
ASN 'L-peptide linking' y ASPARAGINE      ? 'C4 H8 N2 O3'    132.118 
ASP 'L-peptide linking' y 'ASPARTIC ACID' ? 'C4 H7 N O4'     133.103 
CYS 'L-peptide linking' y CYSTEINE        ? 'C3 H7 N O2 S'   121.158 
GLN 'L-peptide linking' y GLUTAMINE       ? 'C5 H10 N2 O3'   146.144 
GLU 'L-peptide linking' y 'GLUTAMIC ACID' ? 'C5 H9 N O4'     147.129 
GLY 'peptide linking'   y GLYCINE         ? 'C2 H5 N O2'     75.067  
HIS 'L-peptide linking' y HISTIDINE       ? 'C6 H10 N3 O2 1' 156.162 
ILE 'L-peptide linking' y ISOLEUCINE      ? 'C6 H13 N O2'    131.173 
LEU 'L-peptide linking' y LEUCINE         ? 'C6 H13 N O2'    131.173 
LYS 'L-peptide linking' y LYSINE          ? 'C6 H15 N2 O2 1' 147.195 
MET 'L-peptide linking' y METHIONINE      ? 'C5 H11 N O2 S'  149.211 
PHE 'L-peptide linking' y PHENYLALANINE   ? 'C9 H11 N O2'    165.189 
PRO 'L-peptide linking' y PROLINE         ? 'C5 H9 N O2'     115.130 
SER 'L-peptide linking' y SERINE          ? 'C3 H7 N O3'     105.093 
THR 'L-peptide linking' y THREONINE       ? 'C4 H9 N O3'     119.119 
TRP 'L-peptide linking' y TRYPTOPHAN      ? 'C11 H12 N2 O2'  204.225 
TYR 'L-peptide linking' y TYROSINE        ? 'C9 H11 N O3'    181.189 
VAL 'L-peptide linking' y VALINE          ? 'C5 H11 N O2'    117.146 
# 
_exptl.entry_id          2C23 
_exptl.method            'X-RAY DIFFRACTION' 
_exptl.crystals_number   1 
# 
_exptl_crystal.id                    1 
_exptl_crystal.density_meas          ? 
_exptl_crystal.density_Matthews      2.81 
_exptl_crystal.density_percent_sol   55.9 
_exptl_crystal.description           ? 
# 
_exptl_crystal_grow.crystal_id      1 
_exptl_crystal_grow.method          ? 
_exptl_crystal_grow.temp            ? 
_exptl_crystal_grow.temp_details    ? 
_exptl_crystal_grow.pH              8.00 
_exptl_crystal_grow.pdbx_pH_range   ? 
_exptl_crystal_grow.pdbx_details    '0.05M MGCL2,0.1M HEPES PH7.5, 30% PEG MME 550, pH 8.00' 
# 
_diffrn.id                     1 
_diffrn.ambient_temp           100.0 
_diffrn.ambient_temp_details   ? 
_diffrn.crystal_id             1 
# 
_diffrn_detector.diffrn_id              1 
_diffrn_detector.detector               CCD 
_diffrn_detector.type                   'ADSC CCD' 
_diffrn_detector.pdbx_collection_date   2005-07-03 
_diffrn_detector.details                ? 
# 
_diffrn_radiation.diffrn_id                        1 
_diffrn_radiation.wavelength_id                    1 
_diffrn_radiation.pdbx_monochromatic_or_laue_m_l   M 
_diffrn_radiation.monochromator                    ? 
_diffrn_radiation.pdbx_diffrn_protocol             'SINGLE WAVELENGTH' 
_diffrn_radiation.pdbx_scattering_type             x-ray 
# 
_diffrn_radiation_wavelength.id           1 
_diffrn_radiation_wavelength.wavelength   0.99188 
_diffrn_radiation_wavelength.wt           1.0 
# 
_diffrn_source.diffrn_id                   1 
_diffrn_source.source                      SYNCHROTRON 
_diffrn_source.type                        'SLS BEAMLINE X10SA' 
_diffrn_source.pdbx_synchrotron_site       SLS 
_diffrn_source.pdbx_synchrotron_beamline   X10SA 
_diffrn_source.pdbx_wavelength             0.99188 
_diffrn_source.pdbx_wavelength_list        ? 
# 
_reflns.pdbx_diffrn_id               1 
_reflns.pdbx_ordinal                 1 
_reflns.entry_id                     2C23 
_reflns.observed_criterion_sigma_I   0.000 
_reflns.observed_criterion_sigma_F   ? 
_reflns.d_resolution_low             49.330 
_reflns.d_resolution_high            2.650 
_reflns.number_obs                   9558 
_reflns.number_all                   ? 
_reflns.percent_possible_obs         99.9 
_reflns.pdbx_Rmerge_I_obs            0.14000 
_reflns.pdbx_Rsym_value              ? 
_reflns.pdbx_netI_over_sigmaI        13.4000 
_reflns.B_iso_Wilson_estimate        ? 
_reflns.pdbx_redundancy              6.700 
# 
_reflns_shell.pdbx_diffrn_id         1 
_reflns_shell.pdbx_ordinal           1 
_reflns_shell.d_res_high             2.65 
_reflns_shell.d_res_low              2.79 
_reflns_shell.percent_possible_all   100.0 
_reflns_shell.Rmerge_I_obs           0.43000 
_reflns_shell.pdbx_Rsym_value        ? 
_reflns_shell.meanI_over_sigI_obs    3.000 
_reflns_shell.pdbx_redundancy        6.80 
# 
_refine.pdbx_refine_id                           'X-RAY DIFFRACTION' 
_refine.entry_id                                 2C23 
_refine.pdbx_diffrn_id                           1 
_refine.pdbx_TLS_residual_ADP_flag               ? 
_refine.ls_number_reflns_obs                     8996 
_refine.ls_number_reflns_all                     ? 
_refine.pdbx_ls_sigma_I                          ? 
_refine.pdbx_ls_sigma_F                          ? 
_refine.pdbx_data_cutoff_high_absF               ? 
_refine.pdbx_data_cutoff_low_absF                ? 
_refine.pdbx_data_cutoff_high_rms_absF           ? 
_refine.ls_d_res_low                             60.86 
_refine.ls_d_res_high                            2.65 
_refine.ls_percent_reflns_obs                    99.8 
_refine.ls_R_factor_obs                          0.224 
_refine.ls_R_factor_all                          ? 
_refine.ls_R_factor_R_work                       0.221 
_refine.ls_R_factor_R_free                       0.286 
_refine.ls_R_factor_R_free_error                 ? 
_refine.ls_R_factor_R_free_error_details         ? 
_refine.ls_percent_reflns_R_free                 5.600 
_refine.ls_number_reflns_R_free                  538 
_refine.ls_number_parameters                     ? 
_refine.ls_number_restraints                     ? 
_refine.occupancy_min                            ? 
_refine.occupancy_max                            ? 
_refine.correlation_coeff_Fo_to_Fc               0.944 
_refine.correlation_coeff_Fo_to_Fc_free          0.898 
_refine.B_iso_mean                               61.64 
_refine.aniso_B[1][1]                            -0.68000 
_refine.aniso_B[2][2]                            5.46000 
_refine.aniso_B[3][3]                            -4.78000 
_refine.aniso_B[1][2]                            0.00000 
_refine.aniso_B[1][3]                            0.00000 
_refine.aniso_B[2][3]                            0.00000 
_refine.solvent_model_details                    MASK 
_refine.solvent_model_param_ksol                 ? 
_refine.solvent_model_param_bsol                 ? 
_refine.pdbx_solvent_vdw_probe_radii             1.20 
_refine.pdbx_solvent_ion_probe_radii             0.80 
_refine.pdbx_solvent_shrinkage_radii             0.80 
_refine.pdbx_ls_cross_valid_method               THROUGHOUT 
_refine.details                                  'HYDROGENS HAVE BEEN ADDED IN THE RIDING POSITIONS.' 
_refine.pdbx_starting_model                      'PDB ENTRY 2BQ0' 
_refine.pdbx_method_to_determine_struct          'MOLECULAR REPLACEMENT' 
_refine.pdbx_isotropic_thermal_model             ? 
_refine.pdbx_stereochemistry_target_values       'MAXIMUM LIKELIHOOD' 
_refine.pdbx_stereochem_target_val_spec_case     ? 
_refine.pdbx_R_Free_selection_details            RANDOM 
_refine.pdbx_overall_ESU_R                       0.631 
_refine.pdbx_overall_ESU_R_Free                  0.350 
_refine.overall_SU_ML                            0.280 
_refine.pdbx_overall_phase_error                 ? 
_refine.overall_SU_B                             13.677 
_refine.overall_SU_R_Cruickshank_DPI             ? 
_refine.pdbx_overall_SU_R_free_Cruickshank_DPI   ? 
_refine.pdbx_overall_SU_R_Blow_DPI               ? 
_refine.pdbx_overall_SU_R_free_Blow_DPI          ? 
# 
_refine_hist.pdbx_refine_id                   'X-RAY DIFFRACTION' 
_refine_hist.cycle_id                         LAST 
_refine_hist.pdbx_number_atoms_protein        1839 
_refine_hist.pdbx_number_atoms_nucleic_acid   0 
_refine_hist.pdbx_number_atoms_ligand         0 
_refine_hist.number_atoms_solvent             0 
_refine_hist.number_atoms_total               1839 
_refine_hist.d_res_high                       2.65 
_refine_hist.d_res_low                        60.86 
# 
loop_
_refine_ls_restr.type 
_refine_ls_restr.dev_ideal 
_refine_ls_restr.dev_ideal_target 
_refine_ls_restr.weight 
_refine_ls_restr.number 
_refine_ls_restr.pdbx_refine_id 
_refine_ls_restr.pdbx_restraint_function 
r_bond_refined_d             0.016  0.022  ? 1864 'X-RAY DIFFRACTION' ? 
r_bond_other_d               0.002  0.020  ? 1677 'X-RAY DIFFRACTION' ? 
r_angle_refined_deg          1.555  1.973  ? 2519 'X-RAY DIFFRACTION' ? 
r_angle_other_deg            0.874  3.000  ? 3897 'X-RAY DIFFRACTION' ? 
r_dihedral_angle_1_deg       7.033  5.000  ? 233  'X-RAY DIFFRACTION' ? 
r_dihedral_angle_2_deg       40.408 25.568 ? 88   'X-RAY DIFFRACTION' ? 
r_dihedral_angle_3_deg       18.317 15.000 ? 333  'X-RAY DIFFRACTION' ? 
r_dihedral_angle_4_deg       18.932 15.000 ? 9    'X-RAY DIFFRACTION' ? 
r_chiral_restr               0.085  0.200  ? 288  'X-RAY DIFFRACTION' ? 
r_gen_planes_refined         0.005  0.020  ? 2079 'X-RAY DIFFRACTION' ? 
r_gen_planes_other           0.001  0.020  ? 352  'X-RAY DIFFRACTION' ? 
r_nbd_refined                0.249  0.200  ? 480  'X-RAY DIFFRACTION' ? 
r_nbd_other                  0.175  0.200  ? 1719 'X-RAY DIFFRACTION' ? 
r_nbtor_refined              0.192  0.200  ? 935  'X-RAY DIFFRACTION' ? 
r_nbtor_other                0.089  0.200  ? 1068 'X-RAY DIFFRACTION' ? 
r_xyhbond_nbd_refined        0.168  0.200  ? 47   'X-RAY DIFFRACTION' ? 
r_xyhbond_nbd_other          ?      ?      ? ?    'X-RAY DIFFRACTION' ? 
r_metal_ion_refined          ?      ?      ? ?    'X-RAY DIFFRACTION' ? 
r_metal_ion_other            ?      ?      ? ?    'X-RAY DIFFRACTION' ? 
r_symmetry_vdw_refined       0.115  0.200  ? 11   'X-RAY DIFFRACTION' ? 
r_symmetry_vdw_other         0.198  0.200  ? 37   'X-RAY DIFFRACTION' ? 
r_symmetry_hbond_refined     0.249  0.200  ? 2    'X-RAY DIFFRACTION' ? 
r_symmetry_hbond_other       ?      ?      ? ?    'X-RAY DIFFRACTION' ? 
r_symmetry_metal_ion_refined ?      ?      ? ?    'X-RAY DIFFRACTION' ? 
r_symmetry_metal_ion_other   ?      ?      ? ?    'X-RAY DIFFRACTION' ? 
r_mcbond_it                  3.908  3.000  ? 1300 'X-RAY DIFFRACTION' ? 
r_mcbond_other               ?      ?      ? ?    'X-RAY DIFFRACTION' ? 
r_mcangle_it                 5.636  5.000  ? 1874 'X-RAY DIFFRACTION' ? 
r_mcangle_other              ?      ?      ? ?    'X-RAY DIFFRACTION' ? 
r_scbond_it                  8.570  7.000  ? 761  'X-RAY DIFFRACTION' ? 
r_scbond_other               ?      ?      ? ?    'X-RAY DIFFRACTION' ? 
r_scangle_it                 10.614 11.000 ? 645  'X-RAY DIFFRACTION' ? 
r_scangle_other              ?      ?      ? ?    'X-RAY DIFFRACTION' ? 
r_long_range_B_refined       ?      ?      ? ?    'X-RAY DIFFRACTION' ? 
r_long_range_B_other         ?      ?      ? ?    'X-RAY DIFFRACTION' ? 
r_rigid_bond_restr           ?      ?      ? ?    'X-RAY DIFFRACTION' ? 
r_sphericity_free            ?      ?      ? ?    'X-RAY DIFFRACTION' ? 
r_sphericity_bonded          ?      ?      ? ?    'X-RAY DIFFRACTION' ? 
# 
_refine_ls_shell.pdbx_refine_id                   'X-RAY DIFFRACTION' 
_refine_ls_shell.pdbx_total_number_of_bins_used   20 
_refine_ls_shell.d_res_high                       2.65 
_refine_ls_shell.d_res_low                        2.72 
_refine_ls_shell.number_reflns_R_work             650 
_refine_ls_shell.R_factor_R_work                  0.3390 
_refine_ls_shell.percent_reflns_obs               ? 
_refine_ls_shell.R_factor_R_free                  0.3810 
_refine_ls_shell.R_factor_R_free_error            ? 
_refine_ls_shell.percent_reflns_R_free            ? 
_refine_ls_shell.number_reflns_R_free             42 
_refine_ls_shell.number_reflns_all                ? 
_refine_ls_shell.R_factor_all                     ? 
# 
_struct.entry_id                  2C23 
_struct.title                     '14-3-3 Protein Beta (Human) in complex with exoenzyme S peptide' 
_struct.pdbx_model_details        ? 
_struct.pdbx_CASP_flag            ? 
_struct.pdbx_model_type_details   ? 
# 
_struct_keywords.entry_id        2C23 
_struct_keywords.pdbx_keywords   'SIGNALING PROTEIN' 
_struct_keywords.text            
;SIGNALING PROTEIN, 14-3-3, YWHAB, EXOS, EXOENZYME S, STRUCTURAL GENOMICS, STRUCTURAL GENOMICS CONSORTIUM, ACETYLATION, ALTERNATIVE INITIATION, PHOSPHORYLATION, CELL REGULATOR PROTEIN
;
# 
loop_
_struct_asym.id 
_struct_asym.pdbx_blank_PDB_chainid_flag 
_struct_asym.pdbx_modified 
_struct_asym.entity_id 
_struct_asym.details 
A N N 1 ? 
B N N 2 ? 
# 
_struct_biol.id        1 
_struct_biol.details   
;THE PROTEIN IS A DIMER IN SOLUTION, BUT SINCE               
 IN THIS ENTRY IT IS IN COMPLEX WITH A PEPTIDE (CHAIN P),             
 THE ENTRY IS MARKED AS TETRAMERIC
;
# 
loop_
_struct_conf.conf_type_id 
_struct_conf.id 
_struct_conf.pdbx_PDB_helix_id 
_struct_conf.beg_label_comp_id 
_struct_conf.beg_label_asym_id 
_struct_conf.beg_label_seq_id 
_struct_conf.pdbx_beg_PDB_ins_code 
_struct_conf.end_label_comp_id 
_struct_conf.end_label_asym_id 
_struct_conf.end_label_seq_id 
_struct_conf.pdbx_end_PDB_ins_code 
_struct_conf.beg_auth_comp_id 
_struct_conf.beg_auth_asym_id 
_struct_conf.beg_auth_seq_id 
_struct_conf.end_auth_comp_id 
_struct_conf.end_auth_asym_id 
_struct_conf.end_auth_seq_id 
_struct_conf.pdbx_PDB_helix_class 
_struct_conf.details 
_struct_conf.pdbx_PDB_helix_length 
HELX_P HELX_P1  1  ASP A 4   ? GLU A 19  ? ASP A 4   GLU A 19  1 ? 16 
HELX_P HELX_P2  2  ARG A 20  ? GLN A 34  ? ARG A 20  GLN A 34  1 ? 15 
HELX_P HELX_P3  3  SER A 39  ? GLN A 69  ? SER A 39  GLN A 69  1 ? 31 
HELX_P HELX_P4  4  GLN A 78  ? TYR A 106 ? GLN A 78  TYR A 106 1 ? 29 
HELX_P HELX_P5  5  GLN A 113 ? GLU A 133 ? GLN A 113 GLU A 133 1 ? 21 
HELX_P HELX_P6  6  SER A 136 ? MET A 162 ? SER A 136 MET A 162 1 ? 27 
HELX_P HELX_P7  7  HIS A 166 ? ILE A 183 ? HIS A 166 ILE A 183 1 ? 18 
HELX_P HELX_P8  8  SER A 186 ? GLU A 204 ? SER A 186 GLU A 204 1 ? 19 
HELX_P HELX_P9  9  ASN A 209 ? GLU A 211 ? ASN A 209 GLU A 211 5 ? 3  
HELX_P HELX_P10 10 SER A 212 ? THR A 231 ? SER A 212 THR A 231 1 ? 20 
HELX_P HELX_P11 11 GLY B 1   ? LEU B 6   ? GLY P 1   LEU P 6   1 ? 6  
# 
_struct_conf_type.id          HELX_P 
_struct_conf_type.criteria    ? 
_struct_conf_type.reference   ? 
# 
_atom_sites.entry_id                    2C23 
_atom_sites.fract_transf_matrix[1][1]   0.01119543 
_atom_sites.fract_transf_matrix[1][2]   -0.00045480 
_atom_sites.fract_transf_matrix[1][3]   0.01237249 
_atom_sites.fract_transf_matrix[2][1]   -0.00011852 
_atom_sites.fract_transf_matrix[2][2]   0.01150218 
_atom_sites.fract_transf_matrix[2][3]   0.00053005 
_atom_sites.fract_transf_matrix[3][1]   -0.00608822 
_atom_sites.fract_transf_matrix[3][2]   -0.00031607 
_atom_sites.fract_transf_matrix[3][3]   0.00549740 
_atom_sites.fract_transf_vector[1]      0.149903 
_atom_sites.fract_transf_vector[2]      0.254078 
_atom_sites.fract_transf_vector[3]      0.103069 
# 
loop_
_atom_type.symbol 
C 
N 
O 
S 
# 
loop_
_atom_site.group_PDB 
_atom_site.id 
_atom_site.type_symbol 
_atom_site.label_atom_id 
_atom_site.label_alt_id 
_atom_site.label_comp_id 
_atom_site.label_asym_id 
_atom_site.label_entity_id 
_atom_site.label_seq_id 
_atom_site.pdbx_PDB_ins_code 
_atom_site.Cartn_x 
_atom_site.Cartn_y 
_atom_site.Cartn_z 
_atom_site.occupancy 
_atom_site.B_iso_or_equiv 
_atom_site.pdbx_formal_charge 
_atom_site.auth_seq_id 
_atom_site.auth_comp_id 
_atom_site.auth_asym_id 
_atom_site.auth_atom_id 
_atom_site.pdbx_PDB_model_num 
ATOM 1    N N   . MET A 1 3   ? -18.170 -15.850 -17.675 1.00 91.63  ? 3   MET A N   1 
ATOM 2    C CA  . MET A 1 3   ? -17.360 -14.852 -16.904 1.00 90.54  ? 3   MET A CA  1 
ATOM 3    C C   . MET A 1 3   ? -16.174 -14.304 -17.709 1.00 86.67  ? 3   MET A C   1 
ATOM 4    O O   . MET A 1 3   ? -15.012 -14.635 -17.478 1.00 84.34  ? 3   MET A O   1 
ATOM 5    C CB  . MET A 1 3   ? -16.915 -15.425 -15.541 1.00 90.73  ? 3   MET A CB  1 
ATOM 6    C CG  . MET A 1 3   ? -17.900 -15.127 -14.400 1.00 95.39  ? 3   MET A CG  1 
ATOM 7    S SD  . MET A 1 3   ? -18.545 -13.424 -14.478 1.00 106.13 ? 3   MET A SD  1 
ATOM 8    C CE  . MET A 1 3   ? -19.089 -13.080 -12.795 1.00 92.86  ? 3   MET A CE  1 
ATOM 9    N N   . ASP A 1 4   ? -16.497 -13.451 -18.668 1.00 85.67  ? 4   ASP A N   1 
ATOM 10   C CA  . ASP A 1 4   ? -15.481 -12.694 -19.378 1.00 84.35  ? 4   ASP A CA  1 
ATOM 11   C C   . ASP A 1 4   ? -14.722 -11.840 -18.369 1.00 76.01  ? 4   ASP A C   1 
ATOM 12   O O   . ASP A 1 4   ? -15.235 -11.482 -17.331 1.00 72.16  ? 4   ASP A O   1 
ATOM 13   C CB  . ASP A 1 4   ? -16.080 -11.713 -20.410 1.00 88.06  ? 4   ASP A CB  1 
ATOM 14   C CG  . ASP A 1 4   ? -17.172 -12.321 -21.298 1.00 99.41  ? 4   ASP A CG  1 
ATOM 15   O OD1 . ASP A 1 4   ? -17.879 -11.513 -21.951 1.00 103.19 ? 4   ASP A OD1 1 
ATOM 16   O OD2 . ASP A 1 4   ? -17.323 -13.568 -21.360 1.00 122.62 ? 4   ASP A OD2 1 
ATOM 17   N N   . LYS A 1 5   ? -13.500 -11.502 -18.717 1.00 74.25  ? 5   LYS A N   1 
ATOM 18   C CA  . LYS A 1 5   ? -12.727 -10.521 -17.998 1.00 70.30  ? 5   LYS A CA  1 
ATOM 19   C C   . LYS A 1 5   ? -13.472 -9.195  -18.064 1.00 71.95  ? 5   LYS A C   1 
ATOM 20   O O   . LYS A 1 5   ? -13.358 -8.384  -17.161 1.00 78.39  ? 5   LYS A O   1 
ATOM 21   C CB  . LYS A 1 5   ? -11.327 -10.403 -18.645 1.00 73.23  ? 5   LYS A CB  1 
ATOM 22   C CG  . LYS A 1 5   ? -10.212 -9.623  -17.865 1.00 73.15  ? 5   LYS A CG  1 
ATOM 23   C CD  . LYS A 1 5   ? -9.049  -9.206  -18.811 1.00 62.90  ? 5   LYS A CD  1 
ATOM 24   C CE  . LYS A 1 5   ? -7.666  -9.671  -18.329 1.00 68.21  ? 5   LYS A CE  1 
ATOM 25   N NZ  . LYS A 1 5   ? -7.530  -11.164 -18.349 1.00 66.31  ? 5   LYS A NZ  1 
ATOM 26   N N   . SER A 1 6   ? -14.230 -8.965  -19.135 1.00 69.90  ? 6   SER A N   1 
ATOM 27   C CA  . SER A 1 6   ? -14.946 -7.690  -19.313 1.00 66.41  ? 6   SER A CA  1 
ATOM 28   C C   . SER A 1 6   ? -16.117 -7.590  -18.333 1.00 70.15  ? 6   SER A C   1 
ATOM 29   O O   . SER A 1 6   ? -16.390 -6.499  -17.753 1.00 64.68  ? 6   SER A O   1 
ATOM 30   C CB  . SER A 1 6   ? -15.452 -7.592  -20.738 1.00 60.84  ? 6   SER A CB  1 
ATOM 31   O OG  . SER A 1 6   ? -15.734 -8.892  -21.231 1.00 63.69  ? 6   SER A OG  1 
ATOM 32   N N   . GLU A 1 7   ? -16.784 -8.747  -18.173 1.00 70.59  ? 7   GLU A N   1 
ATOM 33   C CA  . GLU A 1 7   ? -17.895 -8.949  -17.230 1.00 69.56  ? 7   GLU A CA  1 
ATOM 34   C C   . GLU A 1 7   ? -17.444 -8.669  -15.774 1.00 68.98  ? 7   GLU A C   1 
ATOM 35   O O   . GLU A 1 7   ? -17.946 -7.738  -15.138 1.00 71.54  ? 7   GLU A O   1 
ATOM 36   C CB  . GLU A 1 7   ? -18.495 -10.362 -17.388 1.00 62.34  ? 7   GLU A CB  1 
ATOM 37   C CG  . GLU A 1 7   ? -19.264 -10.596 -18.740 1.00 69.79  ? 7   GLU A CG  1 
ATOM 38   C CD  . GLU A 1 7   ? -20.085 -11.926 -18.791 1.00 72.39  ? 7   GLU A CD  1 
ATOM 39   O OE1 . GLU A 1 7   ? -19.573 -13.012 -18.413 1.00 76.85  ? 7   GLU A OE1 1 
ATOM 40   O OE2 . GLU A 1 7   ? -21.261 -11.880 -19.217 1.00 89.15  ? 7   GLU A OE2 1 
ATOM 41   N N   . LEU A 1 8   ? -16.466 -9.424  -15.284 1.00 61.43  ? 8   LEU A N   1 
ATOM 42   C CA  . LEU A 1 8   ? -15.867 -9.168  -13.982 1.00 62.14  ? 8   LEU A CA  1 
ATOM 43   C C   . LEU A 1 8   ? -15.499 -7.700  -13.705 1.00 66.58  ? 8   LEU A C   1 
ATOM 44   O O   . LEU A 1 8   ? -15.558 -7.248  -12.559 1.00 74.40  ? 8   LEU A O   1 
ATOM 45   C CB  . LEU A 1 8   ? -14.624 -10.029 -13.801 1.00 61.17  ? 8   LEU A CB  1 
ATOM 46   C CG  . LEU A 1 8   ? -14.924 -11.540 -13.805 1.00 67.78  ? 8   LEU A CG  1 
ATOM 47   C CD1 . LEU A 1 8   ? -13.689 -12.378 -14.038 1.00 69.54  ? 8   LEU A CD1 1 
ATOM 48   C CD2 . LEU A 1 8   ? -15.581 -11.955 -12.496 1.00 77.42  ? 8   LEU A CD2 1 
ATOM 49   N N   . VAL A 1 9   ? -15.134 -6.944  -14.729 1.00 62.95  ? 9   VAL A N   1 
ATOM 50   C CA  . VAL A 1 9   ? -14.647 -5.604  -14.495 1.00 63.70  ? 9   VAL A CA  1 
ATOM 51   C C   . VAL A 1 9   ? -15.807 -4.645  -14.343 1.00 64.86  ? 9   VAL A C   1 
ATOM 52   O O   . VAL A 1 9   ? -15.714 -3.626  -13.633 1.00 59.08  ? 9   VAL A O   1 
ATOM 53   C CB  . VAL A 1 9   ? -13.734 -5.121  -15.647 1.00 65.63  ? 9   VAL A CB  1 
ATOM 54   C CG1 . VAL A 1 9   ? -13.293 -3.627  -15.418 1.00 73.93  ? 9   VAL A CG1 1 
ATOM 55   C CG2 . VAL A 1 9   ? -12.522 -6.001  -15.752 1.00 57.68  ? 9   VAL A CG2 1 
ATOM 56   N N   . GLN A 1 10  ? -16.889 -4.948  -15.045 1.00 70.11  ? 10  GLN A N   1 
ATOM 57   C CA  . GLN A 1 10  ? -18.082 -4.144  -14.928 1.00 70.65  ? 10  GLN A CA  1 
ATOM 58   C C   . GLN A 1 10  ? -18.627 -4.382  -13.505 1.00 70.63  ? 10  GLN A C   1 
ATOM 59   O O   . GLN A 1 10  ? -18.808 -3.413  -12.739 1.00 74.43  ? 10  GLN A O   1 
ATOM 60   C CB  . GLN A 1 10  ? -19.088 -4.454  -16.065 1.00 67.12  ? 10  GLN A CB  1 
ATOM 61   C CG  . GLN A 1 10  ? -20.154 -3.347  -16.284 1.00 79.79  ? 10  GLN A CG  1 
ATOM 62   C CD  . GLN A 1 10  ? -19.666 -1.899  -15.948 1.00 91.20  ? 10  GLN A CD  1 
ATOM 63   O OE1 . GLN A 1 10  ? -18.709 -1.398  -16.549 1.00 95.33  ? 10  GLN A OE1 1 
ATOM 64   N NE2 . GLN A 1 10  ? -20.339 -1.238  -14.991 1.00 67.19  ? 10  GLN A NE2 1 
ATOM 65   N N   . LYS A 1 11  ? -18.798 -5.661  -13.145 1.00 62.75  ? 11  LYS A N   1 
ATOM 66   C CA  . LYS A 1 11  ? -19.154 -6.075  -11.798 1.00 63.45  ? 11  LYS A CA  1 
ATOM 67   C C   . LYS A 1 11  ? -18.374 -5.267  -10.756 1.00 66.48  ? 11  LYS A C   1 
ATOM 68   O O   . LYS A 1 11  ? -18.964 -4.665  -9.855  1.00 75.62  ? 11  LYS A O   1 
ATOM 69   C CB  . LYS A 1 11  ? -18.903 -7.575  -11.613 1.00 61.35  ? 11  LYS A CB  1 
ATOM 70   C CG  . LYS A 1 11  ? -19.021 -8.094  -10.156 1.00 69.40  ? 11  LYS A CG  1 
ATOM 71   C CD  . LYS A 1 11  ? -19.209 -9.673  -10.004 1.00 71.66  ? 11  LYS A CD  1 
ATOM 72   C CE  . LYS A 1 11  ? -19.513 -10.157 -8.505  1.00 81.27  ? 11  LYS A CE  1 
ATOM 73   N NZ  . LYS A 1 11  ? -18.309 -10.363 -7.542  1.00 72.17  ? 11  LYS A NZ  1 
ATOM 74   N N   . ALA A 1 12  ? -17.063 -5.209  -10.885 1.00 61.71  ? 12  ALA A N   1 
ATOM 75   C CA  . ALA A 1 12  ? -16.255 -4.485  -9.909  1.00 60.08  ? 12  ALA A CA  1 
ATOM 76   C C   . ALA A 1 12  ? -16.530 -2.996  -9.931  1.00 61.35  ? 12  ALA A C   1 
ATOM 77   O O   . ALA A 1 12  ? -16.503 -2.342  -8.889  1.00 55.98  ? 12  ALA A O   1 
ATOM 78   C CB  . ALA A 1 12  ? -14.813 -4.720  -10.162 1.00 62.09  ? 12  ALA A CB  1 
ATOM 79   N N   . LYS A 1 13  ? -16.780 -2.450  -11.117 1.00 64.71  ? 13  LYS A N   1 
ATOM 80   C CA  . LYS A 1 13  ? -17.020 -0.995  -11.248 1.00 67.25  ? 13  LYS A CA  1 
ATOM 81   C C   . LYS A 1 13  ? -18.353 -0.634  -10.580 1.00 63.19  ? 13  LYS A C   1 
ATOM 82   O O   . LYS A 1 13  ? -18.507 0.424   -9.989  1.00 63.86  ? 13  LYS A O   1 
ATOM 83   C CB  . LYS A 1 13  ? -16.976 -0.552  -12.733 1.00 68.42  ? 13  LYS A CB  1 
ATOM 84   C CG  . LYS A 1 13  ? -15.551 -0.392  -13.327 1.00 63.16  ? 13  LYS A CG  1 
ATOM 85   C CD  . LYS A 1 13  ? -15.535 -0.141  -14.841 1.00 67.95  ? 13  LYS A CD  1 
ATOM 86   N N   . LEU A 1 14  ? -19.295 -1.562  -10.658 1.00 64.77  ? 14  LEU A N   1 
ATOM 87   C CA  . LEU A 1 14  ? -20.600 -1.433  -10.003 1.00 64.74  ? 14  LEU A CA  1 
ATOM 88   C C   . LEU A 1 14  ? -20.455 -1.547  -8.489  1.00 62.26  ? 14  LEU A C   1 
ATOM 89   O O   . LEU A 1 14  ? -20.820 -0.626  -7.744  1.00 64.34  ? 14  LEU A O   1 
ATOM 90   C CB  . LEU A 1 14  ? -21.529 -2.551  -10.498 1.00 63.99  ? 14  LEU A CB  1 
ATOM 91   C CG  . LEU A 1 14  ? -21.965 -2.477  -11.964 1.00 57.20  ? 14  LEU A CG  1 
ATOM 92   C CD1 . LEU A 1 14  ? -22.508 -3.814  -12.444 1.00 51.22  ? 14  LEU A CD1 1 
ATOM 93   C CD2 . LEU A 1 14  ? -23.007 -1.366  -12.151 1.00 62.20  ? 14  LEU A CD2 1 
ATOM 94   N N   . ALA A 1 15  ? -19.913 -2.686  -8.051  1.00 53.35  ? 15  ALA A N   1 
ATOM 95   C CA  . ALA A 1 15  ? -19.520 -2.889  -6.663  1.00 47.97  ? 15  ALA A CA  1 
ATOM 96   C C   . ALA A 1 15  ? -18.890 -1.645  -6.069  1.00 48.46  ? 15  ALA A C   1 
ATOM 97   O O   . ALA A 1 15  ? -19.342 -1.140  -5.054  1.00 46.50  ? 15  ALA A O   1 
ATOM 98   C CB  . ALA A 1 15  ? -18.563 -4.032  -6.551  1.00 48.91  ? 15  ALA A CB  1 
ATOM 99   N N   . GLU A 1 16  ? -17.865 -1.126  -6.721  1.00 49.06  ? 16  GLU A N   1 
ATOM 100  C CA  . GLU A 1 16  ? -17.320 0.140   -6.292  1.00 51.26  ? 16  GLU A CA  1 
ATOM 101  C C   . GLU A 1 16  ? -18.394 1.188   -6.153  1.00 55.04  ? 16  GLU A C   1 
ATOM 102  O O   . GLU A 1 16  ? -18.522 1.823   -5.118  1.00 56.80  ? 16  GLU A O   1 
ATOM 103  C CB  . GLU A 1 16  ? -16.270 0.655   -7.262  1.00 52.90  ? 16  GLU A CB  1 
ATOM 104  C CG  . GLU A 1 16  ? -15.591 1.885   -6.688  1.00 56.62  ? 16  GLU A CG  1 
ATOM 105  C CD  . GLU A 1 16  ? -14.483 2.446   -7.536  1.00 53.75  ? 16  GLU A CD  1 
ATOM 106  O OE1 . GLU A 1 16  ? -14.500 2.252   -8.783  1.00 54.75  ? 16  GLU A OE1 1 
ATOM 107  O OE2 . GLU A 1 16  ? -13.616 3.120   -6.928  1.00 64.04  ? 16  GLU A OE2 1 
ATOM 108  N N   . GLN A 1 17  ? -19.156 1.397   -7.209  1.00 60.51  ? 17  GLN A N   1 
ATOM 109  C CA  . GLN A 1 17  ? -20.213 2.397   -7.146  1.00 66.66  ? 17  GLN A CA  1 
ATOM 110  C C   . GLN A 1 17  ? -21.163 2.112   -5.959  1.00 64.12  ? 17  GLN A C   1 
ATOM 111  O O   . GLN A 1 17  ? -21.570 3.033   -5.245  1.00 60.84  ? 17  GLN A O   1 
ATOM 112  C CB  . GLN A 1 17  ? -20.981 2.477   -8.497  1.00 73.70  ? 17  GLN A CB  1 
ATOM 113  C CG  . GLN A 1 17  ? -20.265 3.262   -9.652  1.00 74.12  ? 17  GLN A CG  1 
ATOM 114  C CD  . GLN A 1 17  ? -19.888 4.697   -9.255  1.00 76.13  ? 17  GLN A CD  1 
ATOM 115  O OE1 . GLN A 1 17  ? -20.642 5.621   -9.508  1.00 77.87  ? 17  GLN A OE1 1 
ATOM 116  N NE2 . GLN A 1 17  ? -18.719 4.873   -8.627  1.00 72.56  ? 17  GLN A NE2 1 
ATOM 117  N N   . ALA A 1 18  ? -21.485 0.839   -5.741  1.00 58.16  ? 18  ALA A N   1 
ATOM 118  C CA  . ALA A 1 18  ? -22.390 0.437   -4.647  1.00 58.73  ? 18  ALA A CA  1 
ATOM 119  C C   . ALA A 1 18  ? -21.763 0.432   -3.222  1.00 58.41  ? 18  ALA A C   1 
ATOM 120  O O   . ALA A 1 18  ? -22.470 0.302   -2.241  1.00 62.87  ? 18  ALA A O   1 
ATOM 121  C CB  . ALA A 1 18  ? -23.011 -0.950  -4.964  1.00 49.48  ? 18  ALA A CB  1 
ATOM 122  N N   . GLU A 1 19  ? -20.444 0.546   -3.125  1.00 59.57  ? 19  GLU A N   1 
ATOM 123  C CA  . GLU A 1 19  ? -19.690 0.497   -1.852  1.00 57.43  ? 19  GLU A CA  1 
ATOM 124  C C   . GLU A 1 19  ? -19.538 -0.867  -1.201  1.00 53.82  ? 19  GLU A C   1 
ATOM 125  O O   . GLU A 1 19  ? -19.187 -0.968  -0.037  1.00 52.45  ? 19  GLU A O   1 
ATOM 126  C CB  . GLU A 1 19  ? -20.194 1.541   -0.874  1.00 55.51  ? 19  GLU A CB  1 
ATOM 127  C CG  . GLU A 1 19  ? -19.868 2.932   -1.414  1.00 69.68  ? 19  GLU A CG  1 
ATOM 128  C CD  . GLU A 1 19  ? -20.433 3.993   -0.557  1.00 77.08  ? 19  GLU A CD  1 
ATOM 129  O OE1 . GLU A 1 19  ? -19.836 4.262   0.514   1.00 74.52  ? 19  GLU A OE1 1 
ATOM 130  O OE2 . GLU A 1 19  ? -21.489 4.527   -0.952  1.00 67.26  ? 19  GLU A OE2 1 
ATOM 131  N N   . ARG A 1 20  ? -19.741 -1.907  -1.993  1.00 53.60  ? 20  ARG A N   1 
ATOM 132  C CA  . ARG A 1 20  ? -19.486 -3.272  -1.573  1.00 54.24  ? 20  ARG A CA  1 
ATOM 133  C C   . ARG A 1 20  ? -18.108 -3.664  -2.091  1.00 55.90  ? 20  ARG A C   1 
ATOM 134  O O   . ARG A 1 20  ? -17.952 -4.190  -3.196  1.00 61.51  ? 20  ARG A O   1 
ATOM 135  C CB  . ARG A 1 20  ? -20.582 -4.175  -2.130  1.00 57.94  ? 20  ARG A CB  1 
ATOM 136  C CG  . ARG A 1 20  ? -21.973 -3.669  -1.713  1.00 54.12  ? 20  ARG A CG  1 
ATOM 137  C CD  . ARG A 1 20  ? -23.032 -4.226  -2.562  1.00 54.60  ? 20  ARG A CD  1 
ATOM 138  N NE  . ARG A 1 20  ? -22.905 -5.673  -2.729  1.00 69.88  ? 20  ARG A NE  1 
ATOM 139  C CZ  . ARG A 1 20  ? -23.405 -6.591  -1.898  1.00 69.24  ? 20  ARG A CZ  1 
ATOM 140  N NH1 . ARG A 1 20  ? -24.069 -6.235  -0.795  1.00 75.05  ? 20  ARG A NH1 1 
ATOM 141  N NH2 . ARG A 1 20  ? -23.239 -7.877  -2.177  1.00 62.41  ? 20  ARG A NH2 1 
ATOM 142  N N   . TYR A 1 21  ? -17.104 -3.364  -1.278  1.00 54.21  ? 21  TYR A N   1 
ATOM 143  C CA  . TYR A 1 21  ? -15.715 -3.566  -1.609  1.00 48.89  ? 21  TYR A CA  1 
ATOM 144  C C   . TYR A 1 21  ? -15.206 -4.976  -1.430  1.00 55.38  ? 21  TYR A C   1 
ATOM 145  O O   . TYR A 1 21  ? -14.122 -5.278  -1.924  1.00 65.72  ? 21  TYR A O   1 
ATOM 146  C CB  . TYR A 1 21  ? -14.864 -2.623  -0.778  1.00 51.73  ? 21  TYR A CB  1 
ATOM 147  C CG  . TYR A 1 21  ? -15.077 -1.170  -1.122  1.00 44.74  ? 21  TYR A CG  1 
ATOM 148  C CD1 . TYR A 1 21  ? -14.664 -0.678  -2.351  1.00 47.70  ? 21  TYR A CD1 1 
ATOM 149  C CD2 . TYR A 1 21  ? -15.678 -0.282  -0.228  1.00 47.79  ? 21  TYR A CD2 1 
ATOM 150  C CE1 . TYR A 1 21  ? -14.837 0.658   -2.714  1.00 54.42  ? 21  TYR A CE1 1 
ATOM 151  C CE2 . TYR A 1 21  ? -15.868 1.089   -0.581  1.00 47.14  ? 21  TYR A CE2 1 
ATOM 152  C CZ  . TYR A 1 21  ? -15.431 1.533   -1.834  1.00 63.73  ? 21  TYR A CZ  1 
ATOM 153  O OH  . TYR A 1 21  ? -15.564 2.833   -2.240  1.00 63.55  ? 21  TYR A OH  1 
ATOM 154  N N   . ASP A 1 22  ? -15.938 -5.862  -0.749  1.00 60.26  ? 22  ASP A N   1 
ATOM 155  C CA  . ASP A 1 22  ? -15.518 -7.288  -0.723  1.00 56.60  ? 22  ASP A CA  1 
ATOM 156  C C   . ASP A 1 22  ? -15.798 -7.902  -2.078  1.00 57.71  ? 22  ASP A C   1 
ATOM 157  O O   . ASP A 1 22  ? -15.071 -8.775  -2.541  1.00 59.15  ? 22  ASP A O   1 
ATOM 158  C CB  . ASP A 1 22  ? -16.213 -8.074  0.377   1.00 54.53  ? 22  ASP A CB  1 
ATOM 159  C CG  . ASP A 1 22  ? -15.632 -7.779  1.782   1.00 68.11  ? 22  ASP A CG  1 
ATOM 160  O OD1 . ASP A 1 22  ? -14.515 -8.259  2.121   1.00 71.40  ? 22  ASP A OD1 1 
ATOM 161  O OD2 . ASP A 1 22  ? -16.311 -7.083  2.564   1.00 71.05  ? 22  ASP A OD2 1 
ATOM 162  N N   . ASP A 1 23  ? -16.854 -7.400  -2.713  1.00 63.95  ? 23  ASP A N   1 
ATOM 163  C CA  . ASP A 1 23  ? -17.285 -7.823  -4.050  1.00 67.05  ? 23  ASP A CA  1 
ATOM 164  C C   . ASP A 1 23  ? -16.315 -7.351  -5.111  1.00 67.53  ? 23  ASP A C   1 
ATOM 165  O O   . ASP A 1 23  ? -15.843 -8.151  -5.953  1.00 66.86  ? 23  ASP A O   1 
ATOM 166  C CB  . ASP A 1 23  ? -18.656 -7.217  -4.377  1.00 65.85  ? 23  ASP A CB  1 
ATOM 167  C CG  . ASP A 1 23  ? -19.809 -8.034  -3.835  1.00 70.13  ? 23  ASP A CG  1 
ATOM 168  O OD1 . ASP A 1 23  ? -19.579 -9.023  -3.083  1.00 65.29  ? 23  ASP A OD1 1 
ATOM 169  O OD2 . ASP A 1 23  ? -20.957 -7.687  -4.194  1.00 62.84  ? 23  ASP A OD2 1 
ATOM 170  N N   . MET A 1 24  ? -16.060 -6.036  -5.057  1.00 62.20  ? 24  MET A N   1 
ATOM 171  C CA  . MET A 1 24  ? -15.115 -5.348  -5.942  1.00 60.34  ? 24  MET A CA  1 
ATOM 172  C C   . MET A 1 24  ? -13.742 -5.989  -5.890  1.00 56.96  ? 24  MET A C   1 
ATOM 173  O O   . MET A 1 24  ? -13.063 -6.088  -6.899  1.00 56.69  ? 24  MET A O   1 
ATOM 174  C CB  . MET A 1 24  ? -14.986 -3.867  -5.553  1.00 60.26  ? 24  MET A CB  1 
ATOM 175  C CG  . MET A 1 24  ? -14.136 -3.053  -6.517  1.00 48.54  ? 24  MET A CG  1 
ATOM 176  S SD  . MET A 1 24  ? -13.711 -1.474  -5.815  1.00 59.26  ? 24  MET A SD  1 
ATOM 177  C CE  . MET A 1 24  ? -12.893 -0.736  -7.222  1.00 71.15  ? 24  MET A CE  1 
ATOM 178  N N   . ALA A 1 25  ? -13.349 -6.423  -4.702  1.00 58.52  ? 25  ALA A N   1 
ATOM 179  C CA  . ALA A 1 25  ? -12.107 -7.141  -4.529  1.00 58.80  ? 25  ALA A CA  1 
ATOM 180  C C   . ALA A 1 25  ? -12.220 -8.561  -5.046  1.00 57.99  ? 25  ALA A C   1 
ATOM 181  O O   . ALA A 1 25  ? -11.320 -9.026  -5.711  1.00 63.78  ? 25  ALA A O   1 
ATOM 182  C CB  . ALA A 1 25  ? -11.699 -7.133  -3.088  1.00 62.77  ? 25  ALA A CB  1 
ATOM 183  N N   . ALA A 1 26  ? -13.316 -9.251  -4.749  1.00 63.37  ? 26  ALA A N   1 
ATOM 184  C CA  . ALA A 1 26  ? -13.513 -10.625 -5.252  1.00 65.34  ? 26  ALA A CA  1 
ATOM 185  C C   . ALA A 1 26  ? -13.541 -10.657 -6.792  1.00 65.79  ? 26  ALA A C   1 
ATOM 186  O O   . ALA A 1 26  ? -13.019 -11.607 -7.414  1.00 61.34  ? 26  ALA A O   1 
ATOM 187  C CB  . ALA A 1 26  ? -14.800 -11.246 -4.678  1.00 57.74  ? 26  ALA A CB  1 
ATOM 188  N N   . ALA A 1 27  ? -14.151 -9.623  -7.390  1.00 64.00  ? 27  ALA A N   1 
ATOM 189  C CA  . ALA A 1 27  ? -14.142 -9.436  -8.858  1.00 66.53  ? 27  ALA A CA  1 
ATOM 190  C C   . ALA A 1 27  ? -12.711 -9.309  -9.450  1.00 67.22  ? 27  ALA A C   1 
ATOM 191  O O   . ALA A 1 27  ? -12.329 -10.043 -10.353 1.00 66.96  ? 27  ALA A O   1 
ATOM 192  C CB  . ALA A 1 27  ? -14.985 -8.196  -9.235  1.00 64.27  ? 27  ALA A CB  1 
ATOM 193  N N   . MET A 1 28  ? -11.934 -8.377  -8.910  1.00 65.51  ? 28  MET A N   1 
ATOM 194  C CA  . MET A 1 28  ? -10.570 -8.177  -9.328  1.00 62.23  ? 28  MET A CA  1 
ATOM 195  C C   . MET A 1 28  ? -9.677  -9.350  -9.029  1.00 59.88  ? 28  MET A C   1 
ATOM 196  O O   . MET A 1 28  ? -8.780  -9.623  -9.815  1.00 65.13  ? 28  MET A O   1 
ATOM 197  C CB  . MET A 1 28  ? -9.998  -6.915  -8.680  1.00 66.29  ? 28  MET A CB  1 
ATOM 198  C CG  . MET A 1 28  ? -10.715 -5.614  -9.097  1.00 67.84  ? 28  MET A CG  1 
ATOM 199  S SD  . MET A 1 28  ? -11.471 -5.757  -10.725 1.00 66.64  ? 28  MET A SD  1 
ATOM 200  C CE  . MET A 1 28  ? -10.060 -5.695  -11.823 1.00 59.72  ? 28  MET A CE  1 
ATOM 201  N N   . LYS A 1 29  ? -9.901  -10.035 -7.905  1.00 55.37  ? 29  LYS A N   1 
ATOM 202  C CA  . LYS A 1 29  ? -9.155  -11.271 -7.579  1.00 54.55  ? 29  LYS A CA  1 
ATOM 203  C C   . LYS A 1 29  ? -9.474  -12.375 -8.586  1.00 55.92  ? 29  LYS A C   1 
ATOM 204  O O   . LYS A 1 29  ? -8.643  -13.235 -8.846  1.00 57.17  ? 29  LYS A O   1 
ATOM 205  C CB  . LYS A 1 29  ? -9.468  -11.763 -6.145  1.00 54.49  ? 29  LYS A CB  1 
ATOM 206  C CG  . LYS A 1 29  ? -9.025  -13.212 -5.828  1.00 48.53  ? 29  LYS A CG  1 
ATOM 207  C CD  . LYS A 1 29  ? -9.219  -13.608 -4.344  1.00 58.20  ? 29  LYS A CD  1 
ATOM 208  C CE  . LYS A 1 29  ? -8.580  -14.948 -3.950  1.00 57.21  ? 29  LYS A CE  1 
ATOM 209  N NZ  . LYS A 1 29  ? -9.162  -16.027 -4.766  1.00 65.83  ? 29  LYS A NZ  1 
ATOM 210  N N   . ALA A 1 30  ? -10.697 -12.351 -9.121  1.00 56.94  ? 30  ALA A N   1 
ATOM 211  C CA  . ALA A 1 30  ? -11.130 -13.282 -10.158 1.00 57.91  ? 30  ALA A CA  1 
ATOM 212  C C   . ALA A 1 30  ? -10.397 -12.936 -11.430 1.00 62.21  ? 30  ALA A C   1 
ATOM 213  O O   . ALA A 1 30  ? -9.750  -13.796 -12.057 1.00 59.50  ? 30  ALA A O   1 
ATOM 214  C CB  . ALA A 1 30  ? -12.641 -13.160 -10.394 1.00 56.37  ? 30  ALA A CB  1 
ATOM 215  N N   . VAL A 1 31  ? -10.518 -11.662 -11.805 1.00 59.72  ? 31  VAL A N   1 
ATOM 216  C CA  . VAL A 1 31  ? -9.826  -11.154 -12.958 1.00 59.96  ? 31  VAL A CA  1 
ATOM 217  C C   . VAL A 1 31  ? -8.351  -11.552 -12.878 1.00 58.82  ? 31  VAL A C   1 
ATOM 218  O O   . VAL A 1 31  ? -7.798  -12.054 -13.843 1.00 55.65  ? 31  VAL A O   1 
ATOM 219  C CB  . VAL A 1 31  ? -9.963  -9.630  -13.093 1.00 53.78  ? 31  VAL A CB  1 
ATOM 220  C CG1 . VAL A 1 31  ? -8.920  -9.103  -14.057 1.00 66.37  ? 31  VAL A CG1 1 
ATOM 221  C CG2 . VAL A 1 31  ? -11.350 -9.271  -13.581 1.00 62.79  ? 31  VAL A CG2 1 
ATOM 222  N N   . THR A 1 32  ? -7.729  -11.356 -11.720 1.00 58.62  ? 32  THR A N   1 
ATOM 223  C CA  . THR A 1 32  ? -6.296  -11.621 -11.580 1.00 58.87  ? 32  THR A CA  1 
ATOM 224  C C   . THR A 1 32  ? -5.913  -13.097 -11.685 1.00 56.35  ? 32  THR A C   1 
ATOM 225  O O   . THR A 1 32  ? -4.776  -13.408 -11.945 1.00 54.85  ? 32  THR A O   1 
ATOM 226  C CB  . THR A 1 32  ? -5.777  -11.083 -10.239 1.00 58.50  ? 32  THR A CB  1 
ATOM 227  O OG1 . THR A 1 32  ? -6.177  -9.725  -10.096 1.00 53.65  ? 32  THR A OG1 1 
ATOM 228  C CG2 . THR A 1 32  ? -4.267  -11.156 -10.145 1.00 59.48  ? 32  THR A CG2 1 
ATOM 229  N N   . GLU A 1 33  ? -6.863  -13.992 -11.460 1.00 63.15  ? 33  GLU A N   1 
ATOM 230  C CA  . GLU A 1 33  ? -6.586  -15.430 -11.400 1.00 67.48  ? 33  GLU A CA  1 
ATOM 231  C C   . GLU A 1 33  ? -6.618  -16.075 -12.772 1.00 64.57  ? 33  GLU A C   1 
ATOM 232  O O   . GLU A 1 33  ? -6.163  -17.194 -12.936 1.00 68.47  ? 33  GLU A O   1 
ATOM 233  C CB  . GLU A 1 33  ? -7.564  -16.128 -10.432 1.00 69.79  ? 33  GLU A CB  1 
ATOM 234  C CG  . GLU A 1 33  ? -7.090  -16.032 -8.977  1.00 73.15  ? 33  GLU A CG  1 
ATOM 235  C CD  . GLU A 1 33  ? -8.124  -16.442 -7.950  1.00 69.38  ? 33  GLU A CD  1 
ATOM 236  O OE1 . GLU A 1 33  ? -9.326  -16.405 -8.255  1.00 78.19  ? 33  GLU A OE1 1 
ATOM 237  O OE2 . GLU A 1 33  ? -7.725  -16.773 -6.815  1.00 75.85  ? 33  GLU A OE2 1 
ATOM 238  N N   . GLN A 1 34  ? -7.150  -15.356 -13.752 1.00 63.18  ? 34  GLN A N   1 
ATOM 239  C CA  . GLN A 1 34  ? -7.024  -15.736 -15.156 1.00 65.04  ? 34  GLN A CA  1 
ATOM 240  C C   . GLN A 1 34  ? -5.561  -15.629 -15.644 1.00 69.17  ? 34  GLN A C   1 
ATOM 241  O O   . GLN A 1 34  ? -5.256  -15.995 -16.786 1.00 78.56  ? 34  GLN A O   1 
ATOM 242  C CB  . GLN A 1 34  ? -7.905  -14.842 -16.041 1.00 59.65  ? 34  GLN A CB  1 
ATOM 243  C CG  . GLN A 1 34  ? -9.383  -15.008 -15.832 1.00 57.84  ? 34  GLN A CG  1 
ATOM 244  C CD  . GLN A 1 34  ? -10.201 -13.992 -16.602 1.00 69.19  ? 34  GLN A CD  1 
ATOM 245  O OE1 . GLN A 1 34  ? -9.656  -13.196 -17.399 1.00 68.37  ? 34  GLN A OE1 1 
ATOM 246  N NE2 . GLN A 1 34  ? -11.526 -14.000 -16.366 1.00 48.84  ? 34  GLN A NE2 1 
ATOM 247  N N   . GLY A 1 35  ? -4.670  -15.089 -14.815 1.00 63.33  ? 35  GLY A N   1 
ATOM 248  C CA  . GLY A 1 35  ? -3.249  -15.172 -15.080 1.00 58.95  ? 35  GLY A CA  1 
ATOM 249  C C   . GLY A 1 35  ? -2.714  -14.328 -16.217 1.00 59.28  ? 35  GLY A C   1 
ATOM 250  O O   . GLY A 1 35  ? -1.626  -14.587 -16.666 1.00 58.09  ? 35  GLY A O   1 
ATOM 251  N N   . HIS A 1 36  ? -3.460  -13.327 -16.691 1.00 63.71  ? 36  HIS A N   1 
ATOM 252  C CA  . HIS A 1 36  ? -2.943  -12.359 -17.686 1.00 58.09  ? 36  HIS A CA  1 
ATOM 253  C C   . HIS A 1 36  ? -2.398  -11.151 -16.952 1.00 57.92  ? 36  HIS A C   1 
ATOM 254  O O   . HIS A 1 36  ? -2.829  -10.876 -15.831 1.00 63.86  ? 36  HIS A O   1 
ATOM 255  C CB  . HIS A 1 36  ? -4.045  -11.927 -18.655 1.00 59.82  ? 36  HIS A CB  1 
ATOM 256  C CG  . HIS A 1 36  ? -4.585  -13.043 -19.497 1.00 56.62  ? 36  HIS A CG  1 
ATOM 257  N ND1 . HIS A 1 36  ? -5.933  -13.327 -19.582 1.00 65.64  ? 36  HIS A ND1 1 
ATOM 258  C CD2 . HIS A 1 36  ? -3.960  -13.944 -20.293 1.00 57.42  ? 36  HIS A CD2 1 
ATOM 259  C CE1 . HIS A 1 36  ? -6.114  -14.357 -20.392 1.00 66.60  ? 36  HIS A CE1 1 
ATOM 260  N NE2 . HIS A 1 36  ? -4.934  -14.752 -20.834 1.00 54.07  ? 36  HIS A NE2 1 
ATOM 261  N N   . GLU A 1 37  ? -1.442  -10.432 -17.537 1.00 60.71  ? 37  GLU A N   1 
ATOM 262  C CA  . GLU A 1 37  ? -0.943  -9.210  -16.882 1.00 59.30  ? 37  GLU A CA  1 
ATOM 263  C C   . GLU A 1 37  ? -2.101  -8.242  -16.847 1.00 61.53  ? 37  GLU A C   1 
ATOM 264  O O   . GLU A 1 37  ? -2.759  -8.041  -17.866 1.00 60.25  ? 37  GLU A O   1 
ATOM 265  C CB  . GLU A 1 37  ? 0.230   -8.582  -17.635 1.00 57.90  ? 37  GLU A CB  1 
ATOM 266  C CG  . GLU A 1 37  ? 0.791   -7.295  -16.984 1.00 65.98  ? 37  GLU A CG  1 
ATOM 267  C CD  . GLU A 1 37  ? 2.205   -6.899  -17.469 1.00 64.31  ? 37  GLU A CD  1 
ATOM 268  O OE1 . GLU A 1 37  ? 2.566   -7.299  -18.595 1.00 59.86  ? 37  GLU A OE1 1 
ATOM 269  O OE2 . GLU A 1 37  ? 2.941   -6.169  -16.740 1.00 71.30  ? 37  GLU A OE2 1 
ATOM 270  N N   . LEU A 1 38  ? -2.382  -7.680  -15.673 1.00 63.91  ? 38  LEU A N   1 
ATOM 271  C CA  . LEU A 1 38  ? -3.453  -6.680  -15.539 1.00 62.12  ? 38  LEU A CA  1 
ATOM 272  C C   . LEU A 1 38  ? -3.063  -5.445  -16.296 1.00 55.21  ? 38  LEU A C   1 
ATOM 273  O O   . LEU A 1 38  ? -1.903  -5.080  -16.295 1.00 58.50  ? 38  LEU A O   1 
ATOM 274  C CB  . LEU A 1 38  ? -3.679  -6.284  -14.071 1.00 60.90  ? 38  LEU A CB  1 
ATOM 275  C CG  . LEU A 1 38  ? -4.275  -7.325  -13.117 1.00 65.55  ? 38  LEU A CG  1 
ATOM 276  C CD1 . LEU A 1 38  ? -5.016  -6.630  -11.973 1.00 67.41  ? 38  LEU A CD1 1 
ATOM 277  C CD2 . LEU A 1 38  ? -5.219  -8.276  -13.855 1.00 69.83  ? 38  LEU A CD2 1 
ATOM 278  N N   . SER A 1 39  ? -4.032  -4.790  -16.915 1.00 56.72  ? 39  SER A N   1 
ATOM 279  C CA  . SER A 1 39  ? -3.804  -3.468  -17.509 1.00 58.24  ? 39  SER A CA  1 
ATOM 280  C C   . SER A 1 39  ? -3.518  -2.480  -16.387 1.00 57.04  ? 39  SER A C   1 
ATOM 281  O O   . SER A 1 39  ? -3.490  -2.867  -15.241 1.00 66.81  ? 39  SER A O   1 
ATOM 282  C CB  . SER A 1 39  ? -5.019  -3.025  -18.314 1.00 55.02  ? 39  SER A CB  1 
ATOM 283  O OG  . SER A 1 39  ? -5.962  -2.366  -17.487 1.00 68.23  ? 39  SER A OG  1 
ATOM 284  N N   . ASN A 1 40  ? -3.316  -1.208  -16.696 1.00 59.87  ? 40  ASN A N   1 
ATOM 285  C CA  . ASN A 1 40  ? -3.166  -0.195  -15.648 1.00 57.08  ? 40  ASN A CA  1 
ATOM 286  C C   . ASN A 1 40  ? -4.460  0.031   -14.896 1.00 54.98  ? 40  ASN A C   1 
ATOM 287  O O   . ASN A 1 40  ? -4.446  0.214   -13.692 1.00 60.22  ? 40  ASN A O   1 
ATOM 288  C CB  . ASN A 1 40  ? -2.727  1.132   -16.228 1.00 63.80  ? 40  ASN A CB  1 
ATOM 289  C CG  . ASN A 1 40  ? -1.253  1.172   -16.545 1.00 73.82  ? 40  ASN A CG  1 
ATOM 290  O OD1 . ASN A 1 40  ? -0.658  0.163   -16.894 1.00 62.92  ? 40  ASN A OD1 1 
ATOM 291  N ND2 . ASN A 1 40  ? -0.653  2.356   -16.419 1.00 81.54  ? 40  ASN A ND2 1 
ATOM 292  N N   . GLU A 1 41  ? -5.578  0.027   -15.602 1.00 60.02  ? 41  GLU A N   1 
ATOM 293  C CA  . GLU A 1 41  ? -6.880  0.248   -14.969 1.00 63.73  ? 41  GLU A CA  1 
ATOM 294  C C   . GLU A 1 41  ? -7.288  -0.954  -14.131 1.00 61.42  ? 41  GLU A C   1 
ATOM 295  O O   . GLU A 1 41  ? -7.628  -0.788  -12.954 1.00 60.34  ? 41  GLU A O   1 
ATOM 296  C CB  . GLU A 1 41  ? -7.965  0.532   -16.004 1.00 64.17  ? 41  GLU A CB  1 
ATOM 297  C CG  . GLU A 1 41  ? -9.290  1.036   -15.392 1.00 72.94  ? 41  GLU A CG  1 
ATOM 298  C CD  . GLU A 1 41  ? -10.486 0.903   -16.349 1.00 74.30  ? 41  GLU A CD  1 
ATOM 299  O OE1 . GLU A 1 41  ? -10.803 -0.249  -16.796 1.00 71.50  ? 41  GLU A OE1 1 
ATOM 300  O OE2 . GLU A 1 41  ? -11.112 1.957   -16.628 1.00 74.64  ? 41  GLU A OE2 1 
ATOM 301  N N   . GLU A 1 42  ? -7.255  -2.141  -14.743 1.00 55.70  ? 42  GLU A N   1 
ATOM 302  C CA  . GLU A 1 42  ? -7.449  -3.394  -14.026 1.00 55.21  ? 42  GLU A CA  1 
ATOM 303  C C   . GLU A 1 42  ? -6.639  -3.368  -12.730 1.00 53.61  ? 42  GLU A C   1 
ATOM 304  O O   . GLU A 1 42  ? -7.175  -3.457  -11.624 1.00 50.53  ? 42  GLU A O   1 
ATOM 305  C CB  . GLU A 1 42  ? -7.018  -4.586  -14.888 1.00 60.84  ? 42  GLU A CB  1 
ATOM 306  C CG  . GLU A 1 42  ? -7.381  -4.478  -16.368 1.00 60.88  ? 42  GLU A CG  1 
ATOM 307  C CD  . GLU A 1 42  ? -7.580  -5.826  -17.071 1.00 64.83  ? 42  GLU A CD  1 
ATOM 308  O OE1 . GLU A 1 42  ? -6.605  -6.620  -17.173 1.00 75.10  ? 42  GLU A OE1 1 
ATOM 309  O OE2 . GLU A 1 42  ? -8.723  -6.061  -17.557 1.00 65.95  ? 42  GLU A OE2 1 
ATOM 310  N N   . ARG A 1 43  ? -5.333  -3.218  -12.875 1.00 52.66  ? 43  ARG A N   1 
ATOM 311  C CA  . ARG A 1 43  ? -4.464  -3.071  -11.727 1.00 53.54  ? 43  ARG A CA  1 
ATOM 312  C C   . ARG A 1 43  ? -4.983  -2.054  -10.739 1.00 50.13  ? 43  ARG A C   1 
ATOM 313  O O   . ARG A 1 43  ? -4.942  -2.310  -9.555  1.00 51.13  ? 43  ARG A O   1 
ATOM 314  C CB  . ARG A 1 43  ? -3.051  -2.633  -12.147 1.00 53.50  ? 43  ARG A CB  1 
ATOM 315  C CG  . ARG A 1 43  ? -2.066  -2.452  -10.962 1.00 54.44  ? 43  ARG A CG  1 
ATOM 316  C CD  . ARG A 1 43  ? -0.882  -1.594  -11.334 1.00 55.16  ? 43  ARG A CD  1 
ATOM 317  N NE  . ARG A 1 43  ? -1.287  -0.202  -11.547 1.00 58.71  ? 43  ARG A NE  1 
ATOM 318  C CZ  . ARG A 1 43  ? -0.596  0.681   -12.261 1.00 48.58  ? 43  ARG A CZ  1 
ATOM 319  N NH1 . ARG A 1 43  ? 0.558   0.360   -12.842 1.00 55.55  ? 43  ARG A NH1 1 
ATOM 320  N NH2 . ARG A 1 43  ? -1.063  1.908   -12.405 1.00 77.80  ? 43  ARG A NH2 1 
ATOM 321  N N   . ASN A 1 44  ? -5.415  -0.883  -11.195 1.00 52.52  ? 44  ASN A N   1 
ATOM 322  C CA  . ASN A 1 44  ? -5.740  0.201   -10.232 1.00 57.34  ? 44  ASN A CA  1 
ATOM 323  C C   . ASN A 1 44  ? -7.025  -0.037  -9.417  1.00 59.31  ? 44  ASN A C   1 
ATOM 324  O O   . ASN A 1 44  ? -7.148  0.428   -8.295  1.00 64.83  ? 44  ASN A O   1 
ATOM 325  C CB  . ASN A 1 44  ? -5.793  1.569   -10.906 1.00 57.81  ? 44  ASN A CB  1 
ATOM 326  C CG  . ASN A 1 44  ? -4.406  2.142   -11.221 1.00 68.29  ? 44  ASN A CG  1 
ATOM 327  O OD1 . ASN A 1 44  ? -3.358  1.645   -10.763 1.00 68.94  ? 44  ASN A OD1 1 
ATOM 328  N ND2 . ASN A 1 44  ? -4.402  3.216   -12.001 1.00 61.40  ? 44  ASN A ND2 1 
ATOM 329  N N   . LEU A 1 45  ? -7.964  -0.767  -9.988  1.00 58.98  ? 45  LEU A N   1 
ATOM 330  C CA  . LEU A 1 45  ? -9.133  -1.234  -9.272  1.00 59.25  ? 45  LEU A CA  1 
ATOM 331  C C   . LEU A 1 45  ? -8.806  -2.257  -8.176  1.00 63.70  ? 45  LEU A C   1 
ATOM 332  O O   . LEU A 1 45  ? -9.199  -2.071  -7.022  1.00 71.48  ? 45  LEU A O   1 
ATOM 333  C CB  . LEU A 1 45  ? -10.102 -1.887  -10.246 1.00 57.81  ? 45  LEU A CB  1 
ATOM 334  C CG  . LEU A 1 45  ? -10.723 -0.998  -11.331 1.00 58.59  ? 45  LEU A CG  1 
ATOM 335  C CD1 . LEU A 1 45  ? -11.819 -1.792  -12.037 1.00 63.09  ? 45  LEU A CD1 1 
ATOM 336  C CD2 . LEU A 1 45  ? -11.286 0.311   -10.803 1.00 44.82  ? 45  LEU A CD2 1 
ATOM 337  N N   . LEU A 1 46  ? -8.129  -3.345  -8.533  1.00 58.67  ? 46  LEU A N   1 
ATOM 338  C CA  . LEU A 1 46  ? -7.714  -4.337  -7.542  1.00 52.18  ? 46  LEU A CA  1 
ATOM 339  C C   . LEU A 1 46  ? -7.107  -3.655  -6.342  1.00 47.82  ? 46  LEU A C   1 
ATOM 340  O O   . LEU A 1 46  ? -7.429  -3.933  -5.216  1.00 46.55  ? 46  LEU A O   1 
ATOM 341  C CB  . LEU A 1 46  ? -6.661  -5.260  -8.141  1.00 51.56  ? 46  LEU A CB  1 
ATOM 342  C CG  . LEU A 1 46  ? -6.136  -6.342  -7.220  1.00 52.14  ? 46  LEU A CG  1 
ATOM 343  C CD1 . LEU A 1 46  ? -6.984  -7.602  -7.354  1.00 64.91  ? 46  LEU A CD1 1 
ATOM 344  C CD2 . LEU A 1 46  ? -4.718  -6.634  -7.570  1.00 60.73  ? 46  LEU A CD2 1 
ATOM 345  N N   . SER A 1 47  ? -6.202  -2.740  -6.597  1.00 51.71  ? 47  SER A N   1 
ATOM 346  C CA  . SER A 1 47  ? -5.505  -2.047  -5.524  1.00 50.75  ? 47  SER A CA  1 
ATOM 347  C C   . SER A 1 47  ? -6.413  -1.122  -4.693  1.00 52.08  ? 47  SER A C   1 
ATOM 348  O O   . SER A 1 47  ? -6.304  -1.073  -3.481  1.00 55.05  ? 47  SER A O   1 
ATOM 349  C CB  . SER A 1 47  ? -4.410  -1.235  -6.149  1.00 50.47  ? 47  SER A CB  1 
ATOM 350  O OG  . SER A 1 47  ? -3.633  -0.628  -5.161  1.00 71.33  ? 47  SER A OG  1 
ATOM 351  N N   . VAL A 1 48  ? -7.317  -0.406  -5.353  1.00 52.33  ? 48  VAL A N   1 
ATOM 352  C CA  . VAL A 1 48  ? -8.321  0.417   -4.674  1.00 51.36  ? 48  VAL A CA  1 
ATOM 353  C C   . VAL A 1 48  ? -9.308  -0.452  -3.932  1.00 53.43  ? 48  VAL A C   1 
ATOM 354  O O   . VAL A 1 48  ? -9.669  -0.150  -2.808  1.00 56.95  ? 48  VAL A O   1 
ATOM 355  C CB  . VAL A 1 48  ? -9.150  1.285   -5.682  1.00 49.61  ? 48  VAL A CB  1 
ATOM 356  C CG1 . VAL A 1 48  ? -10.343 1.935   -4.978  1.00 38.42  ? 48  VAL A CG1 1 
ATOM 357  C CG2 . VAL A 1 48  ? -8.262  2.364   -6.323  1.00 49.81  ? 48  VAL A CG2 1 
ATOM 358  N N   . ALA A 1 49  ? -9.804  -1.491  -4.590  1.00 56.46  ? 49  ALA A N   1 
ATOM 359  C CA  . ALA A 1 49  ? -10.704 -2.441  -3.941  1.00 57.40  ? 49  ALA A CA  1 
ATOM 360  C C   . ALA A 1 49  ? -10.098 -2.941  -2.620  1.00 55.20  ? 49  ALA A C   1 
ATOM 361  O O   . ALA A 1 49  ? -10.663 -2.721  -1.523  1.00 47.85  ? 49  ALA A O   1 
ATOM 362  C CB  . ALA A 1 49  ? -11.019 -3.635  -4.881  1.00 57.70  ? 49  ALA A CB  1 
ATOM 363  N N   . TYR A 1 50  ? -8.938  -3.581  -2.729  1.00 50.85  ? 50  TYR A N   1 
ATOM 364  C CA  . TYR A 1 50  ? -8.307  -4.157  -1.545  1.00 54.02  ? 50  TYR A CA  1 
ATOM 365  C C   . TYR A 1 50  ? -7.925  -3.098  -0.539  1.00 51.25  ? 50  TYR A C   1 
ATOM 366  O O   . TYR A 1 50  ? -8.001  -3.361  0.649   1.00 47.81  ? 50  TYR A O   1 
ATOM 367  C CB  . TYR A 1 50  ? -7.104  -5.050  -1.878  1.00 51.71  ? 50  TYR A CB  1 
ATOM 368  C CG  . TYR A 1 50  ? -7.510  -6.482  -2.141  1.00 47.73  ? 50  TYR A CG  1 
ATOM 369  C CD1 . TYR A 1 50  ? -7.695  -7.373  -1.103  1.00 53.64  ? 50  TYR A CD1 1 
ATOM 370  C CD2 . TYR A 1 50  ? -7.697  -6.945  -3.428  1.00 35.45  ? 50  TYR A CD2 1 
ATOM 371  C CE1 . TYR A 1 50  ? -8.046  -8.704  -1.338  1.00 54.98  ? 50  TYR A CE1 1 
ATOM 372  C CE2 . TYR A 1 50  ? -8.067  -8.249  -3.677  1.00 62.43  ? 50  TYR A CE2 1 
ATOM 373  C CZ  . TYR A 1 50  ? -8.243  -9.138  -2.632  1.00 60.30  ? 50  TYR A CZ  1 
ATOM 374  O OH  . TYR A 1 50  ? -8.629  -10.447 -2.902  1.00 49.53  ? 50  TYR A OH  1 
ATOM 375  N N   . LYS A 1 51  ? -7.547  -1.905  -0.989  1.00 49.84  ? 51  LYS A N   1 
ATOM 376  C CA  . LYS A 1 51  ? -7.178  -0.836  -0.018  1.00 52.11  ? 51  LYS A CA  1 
ATOM 377  C C   . LYS A 1 51  ? -8.351  -0.498  0.923   1.00 48.49  ? 51  LYS A C   1 
ATOM 378  O O   . LYS A 1 51  ? -8.160  -0.267  2.124   1.00 40.02  ? 51  LYS A O   1 
ATOM 379  C CB  . LYS A 1 51  ? -6.660  0.422   -0.740  1.00 54.67  ? 51  LYS A CB  1 
ATOM 380  C CG  . LYS A 1 51  ? -7.139  1.753   -0.198  1.00 58.74  ? 51  LYS A CG  1 
ATOM 381  C CD  . LYS A 1 51  ? -7.137  2.771   -1.283  1.00 67.65  ? 51  LYS A CD  1 
ATOM 382  C CE  . LYS A 1 51  ? -7.626  4.101   -0.766  1.00 69.37  ? 51  LYS A CE  1 
ATOM 383  N NZ  . LYS A 1 51  ? -6.783  5.167   -1.358  1.00 59.41  ? 51  LYS A NZ  1 
ATOM 384  N N   . ASN A 1 52  ? -9.557  -0.482  0.358   1.00 46.52  ? 52  ASN A N   1 
ATOM 385  C CA  . ASN A 1 52  ? -10.774 -0.203  1.116   1.00 44.98  ? 52  ASN A CA  1 
ATOM 386  C C   . ASN A 1 52  ? -11.184 -1.376  1.974   1.00 47.79  ? 52  ASN A C   1 
ATOM 387  O O   . ASN A 1 52  ? -11.642 -1.175  3.091   1.00 53.14  ? 52  ASN A O   1 
ATOM 388  C CB  . ASN A 1 52  ? -11.914 0.180   0.173   1.00 43.35  ? 52  ASN A CB  1 
ATOM 389  C CG  . ASN A 1 52  ? -11.734 1.562   -0.380  1.00 50.25  ? 52  ASN A CG  1 
ATOM 390  O OD1 . ASN A 1 52  ? -12.023 2.530   0.309   1.00 59.15  ? 52  ASN A OD1 1 
ATOM 391  N ND2 . ASN A 1 52  ? -11.214 1.672   -1.619  1.00 48.51  ? 52  ASN A ND2 1 
ATOM 392  N N   . VAL A 1 53  ? -11.036 -2.602  1.458   1.00 47.58  ? 53  VAL A N   1 
ATOM 393  C CA  . VAL A 1 53  ? -11.364 -3.800  2.229   1.00 41.07  ? 53  VAL A CA  1 
ATOM 394  C C   . VAL A 1 53  ? -10.564 -3.848  3.516   1.00 46.15  ? 53  VAL A C   1 
ATOM 395  O O   . VAL A 1 53  ? -11.128 -3.837  4.588   1.00 57.25  ? 53  VAL A O   1 
ATOM 396  C CB  . VAL A 1 53  ? -11.154 -5.115  1.395   1.00 42.93  ? 53  VAL A CB  1 
ATOM 397  C CG1 . VAL A 1 53  ? -11.097 -6.384  2.286   1.00 38.18  ? 53  VAL A CG1 1 
ATOM 398  C CG2 . VAL A 1 53  ? -12.263 -5.251  0.358   1.00 39.57  ? 53  VAL A CG2 1 
ATOM 399  N N   . VAL A 1 54  ? -9.249  -3.892  3.408   1.00 50.18  ? 54  VAL A N   1 
ATOM 400  C CA  . VAL A 1 54  ? -8.388  -3.963  4.573   1.00 50.67  ? 54  VAL A CA  1 
ATOM 401  C C   . VAL A 1 54  ? -8.449  -2.669  5.353   1.00 50.54  ? 54  VAL A C   1 
ATOM 402  O O   . VAL A 1 54  ? -8.401  -2.672  6.577   1.00 54.80  ? 54  VAL A O   1 
ATOM 403  C CB  . VAL A 1 54  ? -6.937  -4.265  4.151   1.00 55.23  ? 54  VAL A CB  1 
ATOM 404  C CG1 . VAL A 1 54  ? -6.265  -3.007  3.600   1.00 62.28  ? 54  VAL A CG1 1 
ATOM 405  C CG2 . VAL A 1 54  ? -6.134  -4.887  5.315   1.00 57.70  ? 54  VAL A CG2 1 
ATOM 406  N N   . GLY A 1 55  ? -8.589  -1.556  4.641   1.00 54.63  ? 55  GLY A N   1 
ATOM 407  C CA  . GLY A 1 55  ? -8.717  -0.241  5.269   1.00 52.24  ? 55  GLY A CA  1 
ATOM 408  C C   . GLY A 1 55  ? -9.811  -0.129  6.316   1.00 54.50  ? 55  GLY A C   1 
ATOM 409  O O   . GLY A 1 55  ? -9.675  0.667   7.254   1.00 57.36  ? 55  GLY A O   1 
ATOM 410  N N   . ALA A 1 56  ? -10.889 -0.915  6.164   1.00 52.34  ? 56  ALA A N   1 
ATOM 411  C CA  . ALA A 1 56  ? -12.002 -0.958  7.150   1.00 53.67  ? 56  ALA A CA  1 
ATOM 412  C C   . ALA A 1 56  ? -11.670 -1.771  8.412   1.00 57.49  ? 56  ALA A C   1 
ATOM 413  O O   . ALA A 1 56  ? -12.093 -1.424  9.528   1.00 62.67  ? 56  ALA A O   1 
ATOM 414  C CB  . ALA A 1 56  ? -13.288 -1.483  6.523   1.00 43.57  ? 56  ALA A CB  1 
ATOM 415  N N   . ARG A 1 57  ? -10.913 -2.844  8.241   1.00 54.88  ? 57  ARG A N   1 
ATOM 416  C CA  . ARG A 1 57  ? -10.449 -3.603  9.388   1.00 50.58  ? 57  ARG A CA  1 
ATOM 417  C C   . ARG A 1 57  ? -9.371  -2.801  10.086  1.00 48.73  ? 57  ARG A C   1 
ATOM 418  O O   . ARG A 1 57  ? -9.358  -2.715  11.290  1.00 54.79  ? 57  ARG A O   1 
ATOM 419  C CB  . ARG A 1 57  ? -9.929  -4.962  8.970   1.00 46.52  ? 57  ARG A CB  1 
ATOM 420  C CG  . ARG A 1 57  ? -10.998 -5.938  8.598   1.00 51.91  ? 57  ARG A CG  1 
ATOM 421  C CD  . ARG A 1 57  ? -11.818 -5.442  7.462   1.00 48.64  ? 57  ARG A CD  1 
ATOM 422  N NE  . ARG A 1 57  ? -12.496 -6.523  6.768   1.00 59.16  ? 57  ARG A NE  1 
ATOM 423  C CZ  . ARG A 1 57  ? -13.340 -6.319  5.756   1.00 69.29  ? 57  ARG A CZ  1 
ATOM 424  N NH1 . ARG A 1 57  ? -13.574 -5.083  5.325   1.00 78.12  ? 57  ARG A NH1 1 
ATOM 425  N NH2 . ARG A 1 57  ? -13.944 -7.341  5.156   1.00 62.97  ? 57  ARG A NH2 1 
ATOM 426  N N   . ARG A 1 58  ? -8.455  -2.186  9.362   1.00 53.67  ? 58  ARG A N   1 
ATOM 427  C CA  . ARG A 1 58  ? -7.465  -1.360  10.078  1.00 57.50  ? 58  ARG A CA  1 
ATOM 428  C C   . ARG A 1 58  ? -8.180  -0.296  10.932  1.00 57.07  ? 58  ARG A C   1 
ATOM 429  O O   . ARG A 1 58  ? -7.846  -0.101  12.087  1.00 58.49  ? 58  ARG A O   1 
ATOM 430  C CB  . ARG A 1 58  ? -6.470  -0.670  9.142   1.00 49.73  ? 58  ARG A CB  1 
ATOM 431  C CG  . ARG A 1 58  ? -5.577  -1.610  8.355   1.00 67.69  ? 58  ARG A CG  1 
ATOM 432  C CD  . ARG A 1 58  ? -4.626  -0.833  7.440   1.00 58.23  ? 58  ARG A CD  1 
ATOM 433  N NE  . ARG A 1 58  ? -3.609  -0.126  8.217   1.00 67.31  ? 58  ARG A NE  1 
ATOM 434  C CZ  . ARG A 1 58  ? -3.068  1.056   7.897   1.00 65.74  ? 58  ARG A CZ  1 
ATOM 435  N NH1 . ARG A 1 58  ? -3.433  1.726   6.808   1.00 51.55  ? 58  ARG A NH1 1 
ATOM 436  N NH2 . ARG A 1 58  ? -2.141  1.575   8.689   1.00 52.11  ? 58  ARG A NH2 1 
ATOM 437  N N   . SER A 1 59  ? -9.158  0.397   10.364  1.00 56.51  ? 59  SER A N   1 
ATOM 438  C CA  . SER A 1 59  ? -9.815  1.474   11.105  1.00 58.75  ? 59  SER A CA  1 
ATOM 439  C C   . SER A 1 59  ? -10.556 0.884   12.351  1.00 59.22  ? 59  SER A C   1 
ATOM 440  O O   . SER A 1 59  ? -10.360 1.345   13.507  1.00 52.87  ? 59  SER A O   1 
ATOM 441  C CB  . SER A 1 59  ? -10.727 2.304   10.177  1.00 49.59  ? 59  SER A CB  1 
ATOM 442  O OG  . SER A 1 59  ? -11.762 2.907   10.931  1.00 55.12  ? 59  SER A OG  1 
ATOM 443  N N   . SER A 1 60  ? -11.338 -0.167  12.104  1.00 56.45  ? 60  SER A N   1 
ATOM 444  C CA  . SER A 1 60  ? -11.990 -0.931  13.162  1.00 60.70  ? 60  SER A CA  1 
ATOM 445  C C   . SER A 1 60  ? -11.038 -1.410  14.269  1.00 64.93  ? 60  SER A C   1 
ATOM 446  O O   . SER A 1 60  ? -11.330 -1.217  15.445  1.00 69.29  ? 60  SER A O   1 
ATOM 447  C CB  . SER A 1 60  ? -12.742 -2.111  12.566  1.00 57.26  ? 60  SER A CB  1 
ATOM 448  O OG  . SER A 1 60  ? -13.833 -1.619  11.783  1.00 63.22  ? 60  SER A OG  1 
ATOM 449  N N   . TRP A 1 61  ? -9.907  -1.998  13.897  1.00 64.19  ? 61  TRP A N   1 
ATOM 450  C CA  . TRP A 1 61  ? -8.896  -2.427  14.858  1.00 61.56  ? 61  TRP A CA  1 
ATOM 451  C C   . TRP A 1 61  ? -8.476  -1.258  15.749  1.00 61.34  ? 61  TRP A C   1 
ATOM 452  O O   . TRP A 1 61  ? -8.456  -1.350  16.977  1.00 64.61  ? 61  TRP A O   1 
ATOM 453  C CB  . TRP A 1 61  ? -7.687  -3.008  14.109  1.00 62.18  ? 61  TRP A CB  1 
ATOM 454  C CG  . TRP A 1 61  ? -6.633  -3.691  14.994  1.00 65.90  ? 61  TRP A CG  1 
ATOM 455  C CD1 . TRP A 1 61  ? -6.598  -5.021  15.391  1.00 67.44  ? 61  TRP A CD1 1 
ATOM 456  C CD2 . TRP A 1 61  ? -5.456  -3.078  15.554  1.00 53.31  ? 61  TRP A CD2 1 
ATOM 457  N NE1 . TRP A 1 61  ? -5.481  -5.245  16.180  1.00 65.04  ? 61  TRP A NE1 1 
ATOM 458  C CE2 . TRP A 1 61  ? -4.771  -4.076  16.294  1.00 58.86  ? 61  TRP A CE2 1 
ATOM 459  C CE3 . TRP A 1 61  ? -4.924  -1.781  15.509  1.00 63.27  ? 61  TRP A CE3 1 
ATOM 460  C CZ2 . TRP A 1 61  ? -3.586  -3.812  16.970  1.00 58.17  ? 61  TRP A CZ2 1 
ATOM 461  C CZ3 . TRP A 1 61  ? -3.738  -1.519  16.182  1.00 60.77  ? 61  TRP A CZ3 1 
ATOM 462  C CH2 . TRP A 1 61  ? -3.083  -2.525  16.901  1.00 63.74  ? 61  TRP A CH2 1 
ATOM 463  N N   . ARG A 1 62  ? -8.173  -0.135  15.140  1.00 61.32  ? 62  ARG A N   1 
ATOM 464  C CA  . ARG A 1 62  ? -7.736  1.023   15.922  1.00 68.52  ? 62  ARG A CA  1 
ATOM 465  C C   . ARG A 1 62  ? -8.779  1.484   16.936  1.00 67.99  ? 62  ARG A C   1 
ATOM 466  O O   . ARG A 1 62  ? -8.462  1.750   18.094  1.00 70.62  ? 62  ARG A O   1 
ATOM 467  C CB  . ARG A 1 62  ? -7.336  2.167   14.985  1.00 68.87  ? 62  ARG A CB  1 
ATOM 468  C CG  . ARG A 1 62  ? -6.030  1.843   14.252  1.00 76.66  ? 62  ARG A CG  1 
ATOM 469  C CD  . ARG A 1 62  ? -5.610  2.874   13.242  1.00 74.91  ? 62  ARG A CD  1 
ATOM 470  N NE  . ARG A 1 62  ? -4.334  2.477   12.662  1.00 80.82  ? 62  ARG A NE  1 
ATOM 471  C CZ  . ARG A 1 62  ? -3.598  3.218   11.841  1.00 83.68  ? 62  ARG A CZ  1 
ATOM 472  N NH1 . ARG A 1 62  ? -3.987  4.431   11.469  1.00 92.57  ? 62  ARG A NH1 1 
ATOM 473  N NH2 . ARG A 1 62  ? -2.450  2.734   11.391  1.00 97.85  ? 62  ARG A NH2 1 
ATOM 474  N N   . VAL A 1 63  ? -10.021 1.572   16.480  1.00 68.75  ? 63  VAL A N   1 
ATOM 475  C CA  . VAL A 1 63  ? -11.150 1.878   17.348  1.00 69.61  ? 63  VAL A CA  1 
ATOM 476  C C   . VAL A 1 63  ? -11.198 0.951   18.579  1.00 72.40  ? 63  VAL A C   1 
ATOM 477  O O   . VAL A 1 63  ? -11.168 1.448   19.717  1.00 77.74  ? 63  VAL A O   1 
ATOM 478  C CB  . VAL A 1 63  ? -12.485 1.867   16.534  1.00 71.46  ? 63  VAL A CB  1 
ATOM 479  C CG1 . VAL A 1 63  ? -13.698 1.481   17.394  1.00 77.37  ? 63  VAL A CG1 1 
ATOM 480  C CG2 . VAL A 1 63  ? -12.695 3.236   15.880  1.00 60.21  ? 63  VAL A CG2 1 
ATOM 481  N N   . ILE A 1 64  ? -11.254 -0.367  18.343  1.00 63.79  ? 64  ILE A N   1 
ATOM 482  C CA  . ILE A 1 64  ? -11.215 -1.383  19.398  1.00 64.10  ? 64  ILE A CA  1 
ATOM 483  C C   . ILE A 1 64  ? -9.949  -1.342  20.283  1.00 65.52  ? 64  ILE A C   1 
ATOM 484  O O   . ILE A 1 64  ? -10.010 -1.706  21.458  1.00 65.99  ? 64  ILE A O   1 
ATOM 485  C CB  . ILE A 1 64  ? -11.374 -2.831  18.800  1.00 62.49  ? 64  ILE A CB  1 
ATOM 486  C CG1 . ILE A 1 64  ? -12.723 -2.991  18.104  1.00 71.43  ? 64  ILE A CG1 1 
ATOM 487  C CG2 . ILE A 1 64  ? -11.219 -3.931  19.858  1.00 59.63  ? 64  ILE A CG2 1 
ATOM 488  C CD1 . ILE A 1 64  ? -13.895 -2.494  18.887  1.00 78.75  ? 64  ILE A CD1 1 
ATOM 489  N N   . SER A 1 65  ? -8.809  -0.928  19.742  1.00 68.64  ? 65  SER A N   1 
ATOM 490  C CA  . SER A 1 65  ? -7.588  -0.850  20.560  1.00 70.72  ? 65  SER A CA  1 
ATOM 491  C C   . SER A 1 65  ? -7.549  0.465   21.364  1.00 70.33  ? 65  SER A C   1 
ATOM 492  O O   . SER A 1 65  ? -6.971  0.506   22.458  1.00 67.96  ? 65  SER A O   1 
ATOM 493  C CB  . SER A 1 65  ? -6.320  -1.035  19.701  1.00 74.10  ? 65  SER A CB  1 
ATOM 494  O OG  . SER A 1 65  ? -6.011  -2.413  19.563  1.00 71.54  ? 65  SER A OG  1 
ATOM 495  N N   . SER A 1 66  ? -8.158  1.525   20.825  1.00 71.00  ? 66  SER A N   1 
ATOM 496  C CA  . SER A 1 66  ? -8.321  2.794   21.562  1.00 75.12  ? 66  SER A CA  1 
ATOM 497  C C   . SER A 1 66  ? -9.206  2.596   22.792  1.00 80.24  ? 66  SER A C   1 
ATOM 498  O O   . SER A 1 66  ? -8.922  3.097   23.870  1.00 82.99  ? 66  SER A O   1 
ATOM 499  C CB  . SER A 1 66  ? -8.964  3.861   20.677  1.00 74.29  ? 66  SER A CB  1 
ATOM 500  O OG  . SER A 1 66  ? -10.087 4.424   21.342  1.00 84.71  ? 66  SER A OG  1 
ATOM 501  N N   . ILE A 1 67  ? -10.303 1.878   22.585  1.00 84.57  ? 67  ILE A N   1 
ATOM 502  C CA  . ILE A 1 67  ? -11.249 1.514   23.632  1.00 84.38  ? 67  ILE A CA  1 
ATOM 503  C C   . ILE A 1 67  ? -10.664 0.540   24.667  1.00 89.23  ? 67  ILE A C   1 
ATOM 504  O O   . ILE A 1 67  ? -10.918 0.692   25.873  1.00 91.53  ? 67  ILE A O   1 
ATOM 505  C CB  . ILE A 1 67  ? -12.509 0.907   22.980  1.00 83.24  ? 67  ILE A CB  1 
ATOM 506  C CG1 . ILE A 1 67  ? -13.387 2.050   22.445  1.00 80.20  ? 67  ILE A CG1 1 
ATOM 507  C CG2 . ILE A 1 67  ? -13.232 -0.076  23.934  1.00 70.86  ? 67  ILE A CG2 1 
ATOM 508  C CD1 . ILE A 1 67  ? -14.636 1.585   21.667  1.00 82.33  ? 67  ILE A CD1 1 
ATOM 509  N N   . GLU A 1 68  ? -9.917  -0.467  24.205  1.00 87.12  ? 68  GLU A N   1 
ATOM 510  C CA  . GLU A 1 68  ? -9.183  -1.363  25.114  1.00 88.61  ? 68  GLU A CA  1 
ATOM 511  C C   . GLU A 1 68  ? -8.338  -0.604  26.146  1.00 91.93  ? 68  GLU A C   1 
ATOM 512  O O   . GLU A 1 68  ? -8.190  -1.053  27.282  1.00 94.46  ? 68  GLU A O   1 
ATOM 513  C CB  . GLU A 1 68  ? -8.242  -2.273  24.334  1.00 89.53  ? 68  GLU A CB  1 
ATOM 514  C CG  . GLU A 1 68  ? -8.787  -3.644  23.997  1.00 93.76  ? 68  GLU A CG  1 
ATOM 515  C CD  . GLU A 1 68  ? -7.665  -4.593  23.589  1.00 91.42  ? 68  GLU A CD  1 
ATOM 516  O OE1 . GLU A 1 68  ? -6.745  -4.122  22.865  1.00 89.96  ? 68  GLU A OE1 1 
ATOM 517  O OE2 . GLU A 1 68  ? -7.697  -5.789  24.010  1.00 82.08  ? 68  GLU A OE2 1 
ATOM 518  N N   . GLN A 1 69  ? -7.770  0.535   25.742  1.00 93.21  ? 69  GLN A N   1 
ATOM 519  C CA  . GLN A 1 69  ? -6.944  1.353   26.634  1.00 91.57  ? 69  GLN A CA  1 
ATOM 520  C C   . GLN A 1 69  ? -7.750  2.184   27.665  1.00 93.71  ? 69  GLN A C   1 
ATOM 521  O O   . GLN A 1 69  ? -7.182  3.060   28.307  1.00 97.62  ? 69  GLN A O   1 
ATOM 522  C CB  . GLN A 1 69  ? -5.996  2.247   25.818  1.00 88.53  ? 69  GLN A CB  1 
ATOM 523  N N   . LYS A 1 70  ? -9.051  1.918   27.830  1.00 93.53  ? 70  LYS A N   1 
ATOM 524  C CA  . LYS A 1 70  ? -9.770  2.286   29.073  1.00 90.59  ? 70  LYS A CA  1 
ATOM 525  C C   . LYS A 1 70  ? -9.527  1.210   30.156  1.00 89.20  ? 70  LYS A C   1 
ATOM 526  O O   . LYS A 1 70  ? -10.337 0.294   30.359  1.00 86.84  ? 70  LYS A O   1 
ATOM 527  C CB  . LYS A 1 70  ? -11.273 2.467   28.826  1.00 86.15  ? 70  LYS A CB  1 
ATOM 528  N N   . LYS A 1 76  ? -12.363 -4.720  34.005  1.00 100.98 ? 76  LYS A N   1 
ATOM 529  C CA  . LYS A 1 76  ? -12.160 -5.971  34.745  1.00 102.17 ? 76  LYS A CA  1 
ATOM 530  C C   . LYS A 1 76  ? -12.315 -7.199  33.835  1.00 102.76 ? 76  LYS A C   1 
ATOM 531  O O   . LYS A 1 76  ? -11.372 -7.972  33.671  1.00 102.43 ? 76  LYS A O   1 
ATOM 532  C CB  . LYS A 1 76  ? -13.122 -6.061  35.940  1.00 101.58 ? 76  LYS A CB  1 
ATOM 533  N N   . LYS A 1 77  ? -13.500 -7.382  33.247  1.00 102.90 ? 77  LYS A N   1 
ATOM 534  C CA  . LYS A 1 77  ? -13.700 -8.415  32.225  1.00 101.61 ? 77  LYS A CA  1 
ATOM 535  C C   . LYS A 1 77  ? -13.560 -7.782  30.829  1.00 103.84 ? 77  LYS A C   1 
ATOM 536  O O   . LYS A 1 77  ? -14.477 -7.851  29.997  1.00 102.06 ? 77  LYS A O   1 
ATOM 537  C CB  . LYS A 1 77  ? -15.062 -9.096  32.389  1.00 101.63 ? 77  LYS A CB  1 
ATOM 538  N N   . GLN A 1 78  ? -12.397 -7.157  30.594  1.00 102.52 ? 78  GLN A N   1 
ATOM 539  C CA  . GLN A 1 78  ? -12.011 -6.618  29.279  1.00 97.56  ? 78  GLN A CA  1 
ATOM 540  C C   . GLN A 1 78  ? -11.497 -7.672  28.299  1.00 91.85  ? 78  GLN A C   1 
ATOM 541  O O   . GLN A 1 78  ? -11.271 -7.334  27.147  1.00 87.84  ? 78  GLN A O   1 
ATOM 542  C CB  . GLN A 1 78  ? -10.939 -5.524  29.409  1.00 96.64  ? 78  GLN A CB  1 
ATOM 543  C CG  . GLN A 1 78  ? -11.469 -4.132  29.749  1.00 99.67  ? 78  GLN A CG  1 
ATOM 544  C CD  . GLN A 1 78  ? -10.482 -3.012  29.396  1.00 101.84 ? 78  GLN A CD  1 
ATOM 545  O OE1 . GLN A 1 78  ? -9.437  -3.259  28.782  1.00 104.79 ? 78  GLN A OE1 1 
ATOM 546  N NE2 . GLN A 1 78  ? -10.816 -1.773  29.782  1.00 96.85  ? 78  GLN A NE2 1 
ATOM 547  N N   . GLN A 1 79  ? -11.332 -8.931  28.728  1.00 92.13  ? 79  GLN A N   1 
ATOM 548  C CA  . GLN A 1 79  ? -11.026 -10.043 27.796  1.00 94.47  ? 79  GLN A CA  1 
ATOM 549  C C   . GLN A 1 79  ? -12.053 -10.168 26.641  1.00 98.34  ? 79  GLN A C   1 
ATOM 550  O O   . GLN A 1 79  ? -12.020 -11.148 25.867  1.00 99.79  ? 79  GLN A O   1 
ATOM 551  C CB  . GLN A 1 79  ? -10.919 -11.387 28.535  1.00 86.30  ? 79  GLN A CB  1 
ATOM 552  N N   . MET A 1 80  ? -12.976 -9.194  26.548  1.00 100.36 ? 80  MET A N   1 
ATOM 553  C CA  . MET A 1 80  ? -13.922 -9.071  25.418  1.00 97.28  ? 80  MET A CA  1 
ATOM 554  C C   . MET A 1 80  ? -13.335 -8.208  24.321  1.00 92.76  ? 80  MET A C   1 
ATOM 555  O O   . MET A 1 80  ? -13.364 -8.609  23.158  1.00 89.25  ? 80  MET A O   1 
ATOM 556  C CB  . MET A 1 80  ? -15.298 -8.517  25.853  1.00 96.27  ? 80  MET A CB  1 
ATOM 557  C CG  . MET A 1 80  ? -16.208 -9.542  26.508  1.00 93.47  ? 80  MET A CG  1 
ATOM 558  S SD  . MET A 1 80  ? -15.682 -11.262 26.229  1.00 118.31 ? 80  MET A SD  1 
ATOM 559  C CE  . MET A 1 80  ? -14.842 -11.671 27.791  1.00 114.55 ? 80  MET A CE  1 
ATOM 560  N N   . GLY A 1 81  ? -12.806 -7.036  24.688  1.00 88.64  ? 81  GLY A N   1 
ATOM 561  C CA  . GLY A 1 81  ? -12.013 -6.227  23.752  1.00 85.58  ? 81  GLY A CA  1 
ATOM 562  C C   . GLY A 1 81  ? -10.976 -7.084  23.034  1.00 82.13  ? 81  GLY A C   1 
ATOM 563  O O   . GLY A 1 81  ? -10.824 -7.001  21.818  1.00 85.21  ? 81  GLY A O   1 
ATOM 564  N N   . LYS A 1 82  ? -10.315 -7.945  23.799  1.00 77.11  ? 82  LYS A N   1 
ATOM 565  C CA  . LYS A 1 82  ? -9.234  -8.782  23.334  1.00 74.47  ? 82  LYS A CA  1 
ATOM 566  C C   . LYS A 1 82  ? -9.737  -9.894  22.422  1.00 77.98  ? 82  LYS A C   1 
ATOM 567  O O   . LYS A 1 82  ? -9.154  -10.123 21.356  1.00 84.57  ? 82  LYS A O   1 
ATOM 568  C CB  . LYS A 1 82  ? -8.511  -9.362  24.555  1.00 74.38  ? 82  LYS A CB  1 
ATOM 569  C CG  . LYS A 1 82  ? -7.227  -10.126 24.290  1.00 79.98  ? 82  LYS A CG  1 
ATOM 570  C CD  . LYS A 1 82  ? -6.438  -10.372 25.597  1.00 74.53  ? 82  LYS A CD  1 
ATOM 571  C CE  . LYS A 1 82  ? -5.353  -11.462 25.444  1.00 74.94  ? 82  LYS A CE  1 
ATOM 572  N NZ  . LYS A 1 82  ? -5.928  -12.830 25.135  1.00 80.30  ? 82  LYS A NZ  1 
ATOM 573  N N   . GLU A 1 83  ? -10.811 -10.588 22.826  1.00 78.44  ? 83  GLU A N   1 
ATOM 574  C CA  . GLU A 1 83  ? -11.364 -11.698 22.017  1.00 76.40  ? 83  GLU A CA  1 
ATOM 575  C C   . GLU A 1 83  ? -11.919 -11.142 20.685  1.00 75.47  ? 83  GLU A C   1 
ATOM 576  O O   . GLU A 1 83  ? -11.908 -11.825 19.646  1.00 68.08  ? 83  GLU A O   1 
ATOM 577  C CB  . GLU A 1 83  ? -12.426 -12.507 22.799  1.00 77.01  ? 83  GLU A CB  1 
ATOM 578  N N   . TYR A 1 84  ? -12.352 -9.879  20.733  1.00 72.48  ? 84  TYR A N   1 
ATOM 579  C CA  . TYR A 1 84  ? -12.853 -9.189  19.569  1.00 76.04  ? 84  TYR A CA  1 
ATOM 580  C C   . TYR A 1 84  ? -11.698 -8.703  18.684  1.00 79.75  ? 84  TYR A C   1 
ATOM 581  O O   . TYR A 1 84  ? -11.637 -9.040  17.482  1.00 79.30  ? 84  TYR A O   1 
ATOM 582  C CB  . TYR A 1 84  ? -13.760 -8.010  19.978  1.00 73.25  ? 84  TYR A CB  1 
ATOM 583  C CG  . TYR A 1 84  ? -14.720 -7.577  18.871  1.00 78.77  ? 84  TYR A CG  1 
ATOM 584  C CD1 . TYR A 1 84  ? -15.465 -8.536  18.155  1.00 72.62  ? 84  TYR A CD1 1 
ATOM 585  C CD2 . TYR A 1 84  ? -14.886 -6.223  18.536  1.00 70.19  ? 84  TYR A CD2 1 
ATOM 586  C CE1 . TYR A 1 84  ? -16.328 -8.172  17.157  1.00 70.68  ? 84  TYR A CE1 1 
ATOM 587  C CE2 . TYR A 1 84  ? -15.768 -5.849  17.517  1.00 68.55  ? 84  TYR A CE2 1 
ATOM 588  C CZ  . TYR A 1 84  ? -16.490 -6.836  16.841  1.00 63.35  ? 84  TYR A CZ  1 
ATOM 589  O OH  . TYR A 1 84  ? -17.375 -6.521  15.839  1.00 69.84  ? 84  TYR A OH  1 
ATOM 590  N N   . ARG A 1 85  ? -10.792 -7.917  19.278  1.00 77.59  ? 85  ARG A N   1 
ATOM 591  C CA  . ARG A 1 85  ? -9.577  -7.482  18.584  1.00 76.84  ? 85  ARG A CA  1 
ATOM 592  C C   . ARG A 1 85  ? -9.035  -8.655  17.776  1.00 70.31  ? 85  ARG A C   1 
ATOM 593  O O   . ARG A 1 85  ? -8.843  -8.539  16.590  1.00 74.64  ? 85  ARG A O   1 
ATOM 594  C CB  . ARG A 1 85  ? -8.518  -6.974  19.568  1.00 77.51  ? 85  ARG A CB  1 
ATOM 595  C CG  . ARG A 1 85  ? -7.631  -5.840  19.040  1.00 84.07  ? 85  ARG A CG  1 
ATOM 596  C CD  . ARG A 1 85  ? -6.383  -5.632  19.931  1.00 81.90  ? 85  ARG A CD  1 
ATOM 597  N NE  . ARG A 1 85  ? -5.549  -6.836  19.889  1.00 86.46  ? 85  ARG A NE  1 
ATOM 598  C CZ  . ARG A 1 85  ? -5.227  -7.610  20.922  1.00 79.12  ? 85  ARG A CZ  1 
ATOM 599  N NH1 . ARG A 1 85  ? -5.601  -7.304  22.161  1.00 82.28  ? 85  ARG A NH1 1 
ATOM 600  N NH2 . ARG A 1 85  ? -4.500  -8.703  20.707  1.00 82.18  ? 85  ARG A NH2 1 
ATOM 601  N N   . GLU A 1 86  ? -8.861  -9.806  18.399  1.00 68.17  ? 86  GLU A N   1 
ATOM 602  C CA  . GLU A 1 86  ? -8.258  -10.947 17.696  1.00 71.49  ? 86  GLU A CA  1 
ATOM 603  C C   . GLU A 1 86  ? -9.104  -11.473 16.516  1.00 73.40  ? 86  GLU A C   1 
ATOM 604  O O   . GLU A 1 86  ? -8.566  -11.920 15.501  1.00 72.18  ? 86  GLU A O   1 
ATOM 605  C CB  . GLU A 1 86  ? -7.881  -12.029 18.711  1.00 69.31  ? 86  GLU A CB  1 
ATOM 606  C CG  . GLU A 1 86  ? -6.784  -11.482 19.655  1.00 78.15  ? 86  GLU A CG  1 
ATOM 607  C CD  . GLU A 1 86  ? -6.517  -12.294 20.917  1.00 78.74  ? 86  GLU A CD  1 
ATOM 608  O OE1 . GLU A 1 86  ? -7.360  -13.157 21.269  1.00 71.06  ? 86  GLU A OE1 1 
ATOM 609  O OE2 . GLU A 1 86  ? -5.449  -12.029 21.552  1.00 74.16  ? 86  GLU A OE2 1 
ATOM 610  N N   . LYS A 1 87  ? -10.428 -11.382 16.632  1.00 77.91  ? 87  LYS A N   1 
ATOM 611  C CA  . LYS A 1 87  ? -11.318 -11.722 15.522  1.00 73.41  ? 87  LYS A CA  1 
ATOM 612  C C   . LYS A 1 87  ? -11.028 -10.775 14.362  1.00 71.33  ? 87  LYS A C   1 
ATOM 613  O O   . LYS A 1 87  ? -10.764 -11.249 13.264  1.00 69.96  ? 87  LYS A O   1 
ATOM 614  C CB  . LYS A 1 87  ? -12.788 -11.640 15.945  1.00 69.28  ? 87  LYS A CB  1 
ATOM 615  C CG  . LYS A 1 87  ? -13.796 -11.895 14.821  1.00 78.02  ? 87  LYS A CG  1 
ATOM 616  C CD  . LYS A 1 87  ? -15.229 -11.459 15.244  1.00 79.63  ? 87  LYS A CD  1 
ATOM 617  C CE  . LYS A 1 87  ? -16.272 -11.632 14.125  1.00 76.26  ? 87  LYS A CE  1 
ATOM 618  N NZ  . LYS A 1 87  ? -16.432 -13.044 13.650  1.00 70.45  ? 87  LYS A NZ  1 
ATOM 619  N N   . ILE A 1 88  ? -11.059 -9.455  14.615  1.00 65.37  ? 88  ILE A N   1 
ATOM 620  C CA  . ILE A 1 88  ? -10.728 -8.439  13.588  1.00 64.94  ? 88  ILE A CA  1 
ATOM 621  C C   . ILE A 1 88  ? -9.350  -8.673  13.008  1.00 60.49  ? 88  ILE A C   1 
ATOM 622  O O   . ILE A 1 88  ? -9.166  -8.541  11.807  1.00 65.05  ? 88  ILE A O   1 
ATOM 623  C CB  . ILE A 1 88  ? -10.667 -6.981  14.141  1.00 64.09  ? 88  ILE A CB  1 
ATOM 624  C CG1 . ILE A 1 88  ? -12.010 -6.531  14.685  1.00 68.68  ? 88  ILE A CG1 1 
ATOM 625  C CG2 . ILE A 1 88  ? -10.234 -5.974  13.037  1.00 61.91  ? 88  ILE A CG2 1 
ATOM 626  C CD1 . ILE A 1 88  ? -11.904 -5.294  15.576  1.00 68.32  ? 88  ILE A CD1 1 
ATOM 627  N N   . GLU A 1 89  ? -8.383  -8.934  13.889  1.00 57.27  ? 89  GLU A N   1 
ATOM 628  C CA  . GLU A 1 89  ? -7.011  -9.261  13.517  1.00 56.33  ? 89  GLU A CA  1 
ATOM 629  C C   . GLU A 1 89  ? -6.951  -10.481 12.648  1.00 53.34  ? 89  GLU A C   1 
ATOM 630  O O   . GLU A 1 89  ? -6.334  -10.442 11.596  1.00 63.60  ? 89  GLU A O   1 
ATOM 631  C CB  . GLU A 1 89  ? -6.149  -9.527  14.740  1.00 54.80  ? 89  GLU A CB  1 
ATOM 632  C CG  . GLU A 1 89  ? -5.758  -8.297  15.536  1.00 54.88  ? 89  GLU A CG  1 
ATOM 633  C CD  . GLU A 1 89  ? -4.776  -8.614  16.686  1.00 59.59  ? 89  GLU A CD  1 
ATOM 634  O OE1 . GLU A 1 89  ? -4.569  -9.806  17.051  1.00 65.17  ? 89  GLU A OE1 1 
ATOM 635  O OE2 . GLU A 1 89  ? -4.192  -7.660  17.231  1.00 58.28  ? 89  GLU A OE2 1 
ATOM 636  N N   . ALA A 1 90  ? -7.569  -11.572 13.068  1.00 48.76  ? 90  ALA A N   1 
ATOM 637  C CA  . ALA A 1 90  ? -7.600  -12.795 12.210  1.00 50.27  ? 90  ALA A CA  1 
ATOM 638  C C   . ALA A 1 90  ? -8.135  -12.518 10.810  1.00 46.93  ? 90  ALA A C   1 
ATOM 639  O O   . ALA A 1 90  ? -7.689  -13.108 9.832   1.00 50.61  ? 90  ALA A O   1 
ATOM 640  C CB  . ALA A 1 90  ? -8.451  -13.902 12.852  1.00 43.48  ? 90  ALA A CB  1 
ATOM 641  N N   . GLU A 1 91  ? -9.123  -11.633 10.742  1.00 46.44  ? 91  GLU A N   1 
ATOM 642  C CA  . GLU A 1 91  ? -9.795  -11.303 9.505   1.00 49.40  ? 91  GLU A CA  1 
ATOM 643  C C   . GLU A 1 91  ? -8.859  -10.446 8.644   1.00 53.66  ? 91  GLU A C   1 
ATOM 644  O O   . GLU A 1 91  ? -8.751  -10.667 7.431   1.00 50.62  ? 91  GLU A O   1 
ATOM 645  C CB  . GLU A 1 91  ? -11.075 -10.538 9.813   1.00 46.78  ? 91  GLU A CB  1 
ATOM 646  C CG  . GLU A 1 91  ? -12.025 -10.437 8.635   1.00 62.36  ? 91  GLU A CG  1 
ATOM 647  C CD  . GLU A 1 91  ? -13.145 -9.430  8.852   1.00 56.99  ? 91  GLU A CD  1 
ATOM 648  O OE1 . GLU A 1 91  ? -13.307 -8.526  8.007   1.00 68.27  ? 91  GLU A OE1 1 
ATOM 649  O OE2 . GLU A 1 91  ? -13.848 -9.527  9.870   1.00 60.34  ? 91  GLU A OE2 1 
ATOM 650  N N   . LEU A 1 92  ? -8.177  -9.489  9.285   1.00 56.87  ? 92  LEU A N   1 
ATOM 651  C CA  . LEU A 1 92  ? -7.192  -8.639  8.630   1.00 56.32  ? 92  LEU A CA  1 
ATOM 652  C C   . LEU A 1 92  ? -6.071  -9.489  8.079   1.00 55.23  ? 92  LEU A C   1 
ATOM 653  O O   . LEU A 1 92  ? -5.656  -9.302  6.956   1.00 57.50  ? 92  LEU A O   1 
ATOM 654  C CB  . LEU A 1 92  ? -6.651  -7.603  9.602   1.00 57.99  ? 92  LEU A CB  1 
ATOM 655  C CG  . LEU A 1 92  ? -5.803  -6.456  9.044   1.00 61.91  ? 92  LEU A CG  1 
ATOM 656  C CD1 . LEU A 1 92  ? -6.628  -5.247  8.637   1.00 71.32  ? 92  LEU A CD1 1 
ATOM 657  C CD2 . LEU A 1 92  ? -4.824  -5.998  10.088  1.00 77.94  ? 92  LEU A CD2 1 
ATOM 658  N N   . GLN A 1 93  ? -5.610  -10.464 8.840   1.00 59.33  ? 93  GLN A N   1 
ATOM 659  C CA  . GLN A 1 93  ? -4.575  -11.377 8.332   1.00 59.90  ? 93  GLN A CA  1 
ATOM 660  C C   . GLN A 1 93  ? -4.999  -12.186 7.112   1.00 59.12  ? 93  GLN A C   1 
ATOM 661  O O   . GLN A 1 93  ? -4.198  -12.436 6.204   1.00 56.90  ? 93  GLN A O   1 
ATOM 662  C CB  . GLN A 1 93  ? -4.125  -12.334 9.406   1.00 58.17  ? 93  GLN A CB  1 
ATOM 663  C CG  . GLN A 1 93  ? -3.429  -11.652 10.537  1.00 62.19  ? 93  GLN A CG  1 
ATOM 664  C CD  . GLN A 1 93  ? -3.292  -12.568 11.717  1.00 76.05  ? 93  GLN A CD  1 
ATOM 665  O OE1 . GLN A 1 93  ? -3.682  -13.748 11.667  1.00 80.80  ? 93  GLN A OE1 1 
ATOM 666  N NE2 . GLN A 1 93  ? -2.734  -12.040 12.797  1.00 61.34  ? 93  GLN A NE2 1 
ATOM 667  N N   . ASP A 1 94  ? -6.249  -12.599 7.062   1.00 57.65  ? 94  ASP A N   1 
ATOM 668  C CA  . ASP A 1 94  ? -6.680  -13.301 5.869   1.00 62.15  ? 94  ASP A CA  1 
ATOM 669  C C   . ASP A 1 94  ? -6.740  -12.425 4.638   1.00 57.96  ? 94  ASP A C   1 
ATOM 670  O O   . ASP A 1 94  ? -6.398  -12.873 3.571   1.00 59.40  ? 94  ASP A O   1 
ATOM 671  C CB  . ASP A 1 94  ? -7.996  -14.019 6.102   1.00 66.65  ? 94  ASP A CB  1 
ATOM 672  C CG  . ASP A 1 94  ? -7.772  -15.381 6.676   1.00 83.42  ? 94  ASP A CG  1 
ATOM 673  O OD1 . ASP A 1 94  ? -7.623  -15.490 7.916   1.00 100.26 ? 94  ASP A OD1 1 
ATOM 674  O OD2 . ASP A 1 94  ? -7.686  -16.329 5.869   1.00 102.21 ? 94  ASP A OD2 1 
ATOM 675  N N   . ILE A 1 95  ? -7.157  -11.175 4.775   1.00 59.93  ? 95  ILE A N   1 
ATOM 676  C CA  . ILE A 1 95  ? -7.179  -10.257 3.625   1.00 60.94  ? 95  ILE A CA  1 
ATOM 677  C C   . ILE A 1 95  ? -5.751  -10.046 3.093   1.00 61.33  ? 95  ILE A C   1 
ATOM 678  O O   . ILE A 1 95  ? -5.492  -10.162 1.890   1.00 57.36  ? 95  ILE A O   1 
ATOM 679  C CB  . ILE A 1 95  ? -7.796  -8.876  4.006   1.00 65.56  ? 95  ILE A CB  1 
ATOM 680  C CG1 . ILE A 1 95  ? -9.289  -9.000  4.341   1.00 59.95  ? 95  ILE A CG1 1 
ATOM 681  C CG2 . ILE A 1 95  ? -7.619  -7.847  2.883   1.00 64.73  ? 95  ILE A CG2 1 
ATOM 682  C CD1 . ILE A 1 95  ? -9.822  -7.843  5.259   1.00 57.21  ? 95  ILE A CD1 1 
ATOM 683  N N   . CYS A 1 96  ? -4.830  -9.726  3.993   1.00 59.94  ? 96  CYS A N   1 
ATOM 684  C CA  . CYS A 1 96  ? -3.447  -9.541  3.608   1.00 62.79  ? 96  CYS A CA  1 
ATOM 685  C C   . CYS A 1 96  ? -2.854  -10.801 2.968   1.00 67.08  ? 96  CYS A C   1 
ATOM 686  O O   . CYS A 1 96  ? -2.101  -10.691 2.002   1.00 76.21  ? 96  CYS A O   1 
ATOM 687  C CB  . CYS A 1 96  ? -2.604  -9.099  4.804   1.00 64.09  ? 96  CYS A CB  1 
ATOM 688  S SG  . CYS A 1 96  ? -3.156  -7.506  5.484   1.00 59.79  ? 96  CYS A SG  1 
ATOM 689  N N   . ASN A 1 97  ? -3.183  -11.992 3.466   1.00 65.00  ? 97  ASN A N   1 
ATOM 690  C CA  . ASN A 1 97  ? -2.615  -13.224 2.856   1.00 62.69  ? 97  ASN A CA  1 
ATOM 691  C C   . ASN A 1 97  ? -3.192  -13.400 1.466   1.00 55.38  ? 97  ASN A C   1 
ATOM 692  O O   . ASN A 1 97  ? -2.464  -13.722 0.560   1.00 57.49  ? 97  ASN A O   1 
ATOM 693  C CB  . ASN A 1 97  ? -2.830  -14.497 3.708   1.00 59.85  ? 97  ASN A CB  1 
ATOM 694  C CG  . ASN A 1 97  ? -2.305  -14.345 5.136   1.00 62.49  ? 97  ASN A CG  1 
ATOM 695  O OD1 . ASN A 1 97  ? -1.203  -13.861 5.345   1.00 57.17  ? 97  ASN A OD1 1 
ATOM 696  N ND2 . ASN A 1 97  ? -3.115  -14.728 6.121   1.00 71.02  ? 97  ASN A ND2 1 
ATOM 697  N N   . ASP A 1 98  ? -4.483  -13.152 1.286   1.00 54.52  ? 98  ASP A N   1 
ATOM 698  C CA  . ASP A 1 98  ? -5.061  -13.108 -0.074  1.00 63.55  ? 98  ASP A CA  1 
ATOM 699  C C   . ASP A 1 98  ? -4.125  -12.353 -0.991  1.00 61.85  ? 98  ASP A C   1 
ATOM 700  O O   . ASP A 1 98  ? -3.571  -12.915 -1.925  1.00 66.44  ? 98  ASP A O   1 
ATOM 701  C CB  . ASP A 1 98  ? -6.402  -12.352 -0.115  1.00 67.98  ? 98  ASP A CB  1 
ATOM 702  C CG  . ASP A 1 98  ? -7.617  -13.255 -0.281  1.00 84.41  ? 98  ASP A CG  1 
ATOM 703  O OD1 . ASP A 1 98  ? -7.534  -14.447 0.127   1.00 80.65  ? 98  ASP A OD1 1 
ATOM 704  O OD2 . ASP A 1 98  ? -8.658  -12.722 -0.798  1.00 75.80  ? 98  ASP A OD2 1 
ATOM 705  N N   . VAL A 1 99  ? -3.950  -11.068 -0.685  1.00 62.02  ? 99  VAL A N   1 
ATOM 706  C CA  . VAL A 1 99  ? -3.243  -10.127 -1.551  1.00 58.82  ? 99  VAL A CA  1 
ATOM 707  C C   . VAL A 1 99  ? -1.776  -10.552 -1.771  1.00 54.73  ? 99  VAL A C   1 
ATOM 708  O O   . VAL A 1 99  ? -1.244  -10.426 -2.877  1.00 51.89  ? 99  VAL A O   1 
ATOM 709  C CB  . VAL A 1 99  ? -3.325  -8.702  -0.958  1.00 58.44  ? 99  VAL A CB  1 
ATOM 710  C CG1 . VAL A 1 99  ? -2.395  -7.761  -1.670  1.00 66.78  ? 99  VAL A CG1 1 
ATOM 711  C CG2 . VAL A 1 99  ? -4.721  -8.188  -1.053  1.00 61.26  ? 99  VAL A CG2 1 
ATOM 712  N N   . LEU A 1 100 ? -1.127  -11.070 -0.737  1.00 47.16  ? 100 LEU A N   1 
ATOM 713  C CA  . LEU A 1 100 ? 0.245   -11.524 -0.901  1.00 50.12  ? 100 LEU A CA  1 
ATOM 714  C C   . LEU A 1 100 ? 0.335   -12.809 -1.748  1.00 51.35  ? 100 LEU A C   1 
ATOM 715  O O   . LEU A 1 100 ? 1.215   -12.959 -2.582  1.00 54.36  ? 100 LEU A O   1 
ATOM 716  C CB  . LEU A 1 100 ? 0.889   -11.700 0.460   1.00 47.76  ? 100 LEU A CB  1 
ATOM 717  C CG  . LEU A 1 100 ? 0.994   -10.384 1.237   1.00 52.77  ? 100 LEU A CG  1 
ATOM 718  C CD1 . LEU A 1 100 ? 1.288   -10.693 2.684   1.00 62.80  ? 100 LEU A CD1 1 
ATOM 719  C CD2 . LEU A 1 100 ? 2.046   -9.417  0.653   1.00 50.06  ? 100 LEU A CD2 1 
ATOM 720  N N   . GLU A 1 101 ? -0.591  -13.723 -1.552  1.00 58.96  ? 101 GLU A N   1 
ATOM 721  C CA  . GLU A 1 101 ? -0.684  -14.888 -2.414  1.00 63.95  ? 101 GLU A CA  1 
ATOM 722  C C   . GLU A 1 101 ? -0.823  -14.410 -3.886  1.00 60.74  ? 101 GLU A C   1 
ATOM 723  O O   . GLU A 1 101 ? -0.009  -14.761 -4.748  1.00 54.05  ? 101 GLU A O   1 
ATOM 724  C CB  . GLU A 1 101 ? -1.845  -15.794 -1.923  1.00 69.52  ? 101 GLU A CB  1 
ATOM 725  C CG  . GLU A 1 101 ? -2.403  -16.857 -2.906  1.00 76.05  ? 101 GLU A CG  1 
ATOM 726  C CD  . GLU A 1 101 ? -1.580  -18.139 -2.958  1.00 93.21  ? 101 GLU A CD  1 
ATOM 727  O OE1 . GLU A 1 101 ? -0.442  -18.142 -2.433  1.00 98.36  ? 101 GLU A OE1 1 
ATOM 728  O OE2 . GLU A 1 101 ? -2.074  -19.137 -3.541  1.00 92.74  ? 101 GLU A OE2 1 
ATOM 729  N N   . LEU A 1 102 ? -1.820  -13.575 -4.148  1.00 59.43  ? 102 LEU A N   1 
ATOM 730  C CA  . LEU A 1 102 ? -1.959  -12.912 -5.453  1.00 61.38  ? 102 LEU A CA  1 
ATOM 731  C C   . LEU A 1 102 ? -0.713  -12.209 -5.971  1.00 58.34  ? 102 LEU A C   1 
ATOM 732  O O   . LEU A 1 102 ? -0.366  -12.321 -7.143  1.00 59.33  ? 102 LEU A O   1 
ATOM 733  C CB  . LEU A 1 102 ? -3.055  -11.864 -5.383  1.00 63.58  ? 102 LEU A CB  1 
ATOM 734  C CG  . LEU A 1 102 ? -4.480  -12.382 -5.456  1.00 62.40  ? 102 LEU A CG  1 
ATOM 735  C CD1 . LEU A 1 102 ? -5.382  -11.176 -5.490  1.00 55.97  ? 102 LEU A CD1 1 
ATOM 736  C CD2 . LEU A 1 102 ? -4.709  -13.281 -6.697  1.00 61.26  ? 102 LEU A CD2 1 
ATOM 737  N N   . LEU A 1 103 ? -0.054  -11.449 -5.114  1.00 58.35  ? 103 LEU A N   1 
ATOM 738  C CA  . LEU A 1 103 ? 1.136   -10.746 -5.552  1.00 61.74  ? 103 LEU A CA  1 
ATOM 739  C C   . LEU A 1 103 ? 2.241   -11.768 -5.934  1.00 64.54  ? 103 LEU A C   1 
ATOM 740  O O   . LEU A 1 103 ? 2.801   -11.707 -7.032  1.00 66.59  ? 103 LEU A O   1 
ATOM 741  C CB  . LEU A 1 103 ? 1.602   -9.712  -4.497  1.00 56.99  ? 103 LEU A CB  1 
ATOM 742  C CG  . LEU A 1 103 ? 0.794   -8.416  -4.377  1.00 53.66  ? 103 LEU A CG  1 
ATOM 743  C CD1 . LEU A 1 103 ? 1.088   -7.695  -3.095  1.00 49.07  ? 103 LEU A CD1 1 
ATOM 744  C CD2 . LEU A 1 103 ? 1.076   -7.503  -5.519  1.00 63.58  ? 103 LEU A CD2 1 
ATOM 745  N N   . ASP A 1 104 ? 2.513   -12.710 -5.033  1.00 67.44  ? 104 ASP A N   1 
ATOM 746  C CA  . ASP A 1 104 ? 3.511   -13.758 -5.240  1.00 66.16  ? 104 ASP A CA  1 
ATOM 747  C C   . ASP A 1 104 ? 3.168   -14.691 -6.422  1.00 65.00  ? 104 ASP A C   1 
ATOM 748  O O   . ASP A 1 104 ? 4.046   -15.034 -7.196  1.00 59.22  ? 104 ASP A O   1 
ATOM 749  C CB  . ASP A 1 104 ? 3.639   -14.599 -3.953  1.00 70.97  ? 104 ASP A CB  1 
ATOM 750  C CG  . ASP A 1 104 ? 4.702   -15.722 -4.056  1.00 79.89  ? 104 ASP A CG  1 
ATOM 751  O OD1 . ASP A 1 104 ? 5.835   -15.439 -4.497  1.00 102.19 ? 104 ASP A OD1 1 
ATOM 752  O OD2 . ASP A 1 104 ? 4.418   -16.885 -3.673  1.00 85.39  ? 104 ASP A OD2 1 
ATOM 753  N N   . LYS A 1 105 ? 1.907   -15.100 -6.552  1.00 64.50  ? 105 LYS A N   1 
ATOM 754  C CA  . LYS A 1 105 ? 1.518   -16.081 -7.566  1.00 65.79  ? 105 LYS A CA  1 
ATOM 755  C C   . LYS A 1 105 ? 1.327   -15.475 -8.963  1.00 63.83  ? 105 LYS A C   1 
ATOM 756  O O   . LYS A 1 105 ? 1.631   -16.137 -9.944  1.00 69.28  ? 105 LYS A O   1 
ATOM 757  C CB  . LYS A 1 105 ? 0.241   -16.826 -7.121  1.00 67.95  ? 105 LYS A CB  1 
ATOM 758  C CG  . LYS A 1 105 ? -0.217  -17.981 -8.041  1.00 71.48  ? 105 LYS A CG  1 
ATOM 759  C CD  . LYS A 1 105 ? -1.493  -18.719 -7.540  1.00 72.15  ? 105 LYS A CD  1 
ATOM 760  N N   . TYR A 1 106 ? 0.850   -14.234 -9.060  1.00 60.51  ? 106 TYR A N   1 
ATOM 761  C CA  . TYR A 1 106 ? 0.415   -13.662 -10.347 1.00 62.46  ? 106 TYR A CA  1 
ATOM 762  C C   . TYR A 1 106 ? 0.968   -12.288 -10.637 1.00 64.24  ? 106 TYR A C   1 
ATOM 763  O O   . TYR A 1 106 ? 1.612   -12.061 -11.663 1.00 66.66  ? 106 TYR A O   1 
ATOM 764  C CB  . TYR A 1 106 ? -1.108  -13.519 -10.406 1.00 65.83  ? 106 TYR A CB  1 
ATOM 765  C CG  . TYR A 1 106 ? -1.881  -14.810 -10.247 1.00 74.71  ? 106 TYR A CG  1 
ATOM 766  C CD1 . TYR A 1 106 ? -1.866  -15.790 -11.253 1.00 80.21  ? 106 TYR A CD1 1 
ATOM 767  C CD2 . TYR A 1 106 ? -2.652  -15.048 -9.110  1.00 69.45  ? 106 TYR A CD2 1 
ATOM 768  C CE1 . TYR A 1 106 ? -2.589  -16.982 -11.126 1.00 70.46  ? 106 TYR A CE1 1 
ATOM 769  C CE2 . TYR A 1 106 ? -3.379  -16.232 -8.975  1.00 80.26  ? 106 TYR A CE2 1 
ATOM 770  C CZ  . TYR A 1 106 ? -3.335  -17.197 -9.981  1.00 78.36  ? 106 TYR A CZ  1 
ATOM 771  O OH  . TYR A 1 106 ? -4.048  -18.357 -9.836  1.00 73.32  ? 106 TYR A OH  1 
ATOM 772  N N   . LEU A 1 107 ? 0.707   -11.340 -9.754  1.00 63.29  ? 107 LEU A N   1 
ATOM 773  C CA  . LEU A 1 107 ? 0.981   -9.945  -10.118 1.00 61.04  ? 107 LEU A CA  1 
ATOM 774  C C   . LEU A 1 107 ? 2.458   -9.703  -10.416 1.00 57.44  ? 107 LEU A C   1 
ATOM 775  O O   . LEU A 1 107 ? 2.806   -9.264  -11.503 1.00 55.76  ? 107 LEU A O   1 
ATOM 776  C CB  . LEU A 1 107 ? 0.474   -9.004  -9.046  1.00 54.10  ? 107 LEU A CB  1 
ATOM 777  C CG  . LEU A 1 107 ? -1.008  -9.267  -8.872  1.00 45.39  ? 107 LEU A CG  1 
ATOM 778  C CD1 . LEU A 1 107 ? -1.476  -8.531  -7.640  1.00 57.63  ? 107 LEU A CD1 1 
ATOM 779  C CD2 . LEU A 1 107 ? -1.820  -8.884  -10.141 1.00 46.99  ? 107 LEU A CD2 1 
ATOM 780  N N   . ILE A 1 108 ? 3.309   -10.045 -9.454  1.00 59.07  ? 108 ILE A N   1 
ATOM 781  C CA  . ILE A 1 108 ? 4.741   -9.817  -9.554  1.00 57.65  ? 108 ILE A CA  1 
ATOM 782  C C   . ILE A 1 108 ? 5.407   -10.685 -10.641 1.00 61.77  ? 108 ILE A C   1 
ATOM 783  O O   . ILE A 1 108 ? 6.112   -10.155 -11.493 1.00 67.43  ? 108 ILE A O   1 
ATOM 784  C CB  . ILE A 1 108 ? 5.404   -10.002 -8.182  1.00 55.71  ? 108 ILE A CB  1 
ATOM 785  C CG1 . ILE A 1 108 ? 4.822   -9.009  -7.181  1.00 59.90  ? 108 ILE A CG1 1 
ATOM 786  C CG2 . ILE A 1 108 ? 6.889   -9.780  -8.255  1.00 54.24  ? 108 ILE A CG2 1 
ATOM 787  C CD1 . ILE A 1 108 ? 5.554   -8.955  -5.852  1.00 61.65  ? 108 ILE A CD1 1 
ATOM 788  N N   . PRO A 1 109 ? 5.204   -12.018 -10.623 1.00 63.32  ? 109 PRO A N   1 
ATOM 789  C CA  . PRO A 1 109 ? 5.734   -12.797 -11.755 1.00 61.59  ? 109 PRO A CA  1 
ATOM 790  C C   . PRO A 1 109 ? 5.168   -12.405 -13.123 1.00 62.51  ? 109 PRO A C   1 
ATOM 791  O O   . PRO A 1 109 ? 5.932   -12.362 -14.069 1.00 65.38  ? 109 PRO A O   1 
ATOM 792  C CB  . PRO A 1 109 ? 5.354   -14.240 -11.418 1.00 61.38  ? 109 PRO A CB  1 
ATOM 793  C CG  . PRO A 1 109 ? 4.269   -14.125 -10.422 1.00 70.70  ? 109 PRO A CG  1 
ATOM 794  C CD  . PRO A 1 109 ? 4.563   -12.882 -9.626  1.00 60.12  ? 109 PRO A CD  1 
ATOM 795  N N   . ASN A 1 110 ? 3.872   -12.109 -13.242 1.00 61.57  ? 110 ASN A N   1 
ATOM 796  C CA  . ASN A 1 110 ? 3.301   -11.701 -14.560 1.00 59.22  ? 110 ASN A CA  1 
ATOM 797  C C   . ASN A 1 110 ? 3.703   -10.301 -15.011 1.00 58.47  ? 110 ASN A C   1 
ATOM 798  O O   . ASN A 1 110 ? 3.275   -9.865  -16.087 1.00 57.02  ? 110 ASN A O   1 
ATOM 799  C CB  . ASN A 1 110 ? 1.760   -11.763 -14.566 1.00 58.84  ? 110 ASN A CB  1 
ATOM 800  C CG  . ASN A 1 110 ? 1.206   -13.177 -14.854 1.00 62.66  ? 110 ASN A CG  1 
ATOM 801  O OD1 . ASN A 1 110 ? 1.701   -14.192 -14.342 1.00 56.85  ? 110 ASN A OD1 1 
ATOM 802  N ND2 . ASN A 1 110 ? 0.145   -13.232 -15.675 1.00 44.44  ? 110 ASN A ND2 1 
ATOM 803  N N   . ALA A 1 111 ? 4.489   -9.595  -14.184 1.00 57.82  ? 111 ALA A N   1 
ATOM 804  C CA  . ALA A 1 111 ? 4.854   -8.179  -14.426 1.00 56.14  ? 111 ALA A CA  1 
ATOM 805  C C   . ALA A 1 111 ? 6.060   -8.001  -15.350 1.00 56.46  ? 111 ALA A C   1 
ATOM 806  O O   . ALA A 1 111 ? 7.156   -8.525  -15.139 1.00 57.99  ? 111 ALA A O   1 
ATOM 807  C CB  . ALA A 1 111 ? 5.073   -7.416  -13.111 1.00 48.81  ? 111 ALA A CB  1 
ATOM 808  N N   . THR A 1 112 ? 5.853   -7.173  -16.349 1.00 60.48  ? 112 THR A N   1 
ATOM 809  C CA  . THR A 1 112 ? 6.671   -7.205  -17.544 1.00 62.70  ? 112 THR A CA  1 
ATOM 810  C C   . THR A 1 112 ? 7.492   -5.921  -17.691 1.00 63.97  ? 112 THR A C   1 
ATOM 811  O O   . THR A 1 112 ? 8.314   -5.809  -18.578 1.00 70.35  ? 112 THR A O   1 
ATOM 812  C CB  . THR A 1 112 ? 5.689   -7.439  -18.728 1.00 61.17  ? 112 THR A CB  1 
ATOM 813  O OG1 . THR A 1 112 ? 6.060   -8.578  -19.507 1.00 69.81  ? 112 THR A OG1 1 
ATOM 814  C CG2 . THR A 1 112 ? 5.547   -6.259  -19.573 1.00 55.87  ? 112 THR A CG2 1 
ATOM 815  N N   . GLN A 1 113 ? 7.300   -4.975  -16.783 1.00 68.40  ? 113 GLN A N   1 
ATOM 816  C CA  . GLN A 1 113 ? 7.691   -3.594  -17.019 1.00 70.35  ? 113 GLN A CA  1 
ATOM 817  C C   . GLN A 1 113 ? 7.884   -2.855  -15.714 1.00 68.95  ? 113 GLN A C   1 
ATOM 818  O O   . GLN A 1 113 ? 6.997   -2.893  -14.887 1.00 69.33  ? 113 GLN A O   1 
ATOM 819  C CB  . GLN A 1 113 ? 6.560   -2.875  -17.739 1.00 65.56  ? 113 GLN A CB  1 
ATOM 820  C CG  . GLN A 1 113 ? 6.611   -2.910  -19.219 1.00 71.48  ? 113 GLN A CG  1 
ATOM 821  C CD  . GLN A 1 113 ? 5.503   -2.062  -19.831 1.00 74.30  ? 113 GLN A CD  1 
ATOM 822  O OE1 . GLN A 1 113 ? 4.329   -2.197  -19.483 1.00 76.07  ? 113 GLN A OE1 1 
ATOM 823  N NE2 . GLN A 1 113 ? 5.879   -1.176  -20.747 1.00 81.90  ? 113 GLN A NE2 1 
ATOM 824  N N   . PRO A 1 114 ? 9.002   -2.129  -15.551 1.00 70.35  ? 114 PRO A N   1 
ATOM 825  C CA  . PRO A 1 114 ? 9.291   -1.263  -14.391 1.00 68.96  ? 114 PRO A CA  1 
ATOM 826  C C   . PRO A 1 114 ? 8.099   -0.698  -13.597 1.00 66.21  ? 114 PRO A C   1 
ATOM 827  O O   . PRO A 1 114 ? 7.991   -0.976  -12.394 1.00 60.88  ? 114 PRO A O   1 
ATOM 828  C CB  . PRO A 1 114 ? 10.091  -0.115  -15.018 1.00 68.95  ? 114 PRO A CB  1 
ATOM 829  C CG  . PRO A 1 114 ? 10.753  -0.727  -16.234 1.00 72.38  ? 114 PRO A CG  1 
ATOM 830  C CD  . PRO A 1 114 ? 10.115  -2.081  -16.512 1.00 69.44  ? 114 PRO A CD  1 
ATOM 831  N N   . GLU A 1 115 ? 7.225   0.065   -14.265 1.00 70.52  ? 115 GLU A N   1 
ATOM 832  C CA  . GLU A 1 115 ? 6.101   0.779   -13.628 1.00 70.39  ? 115 GLU A CA  1 
ATOM 833  C C   . GLU A 1 115 ? 5.269   -0.202  -12.748 1.00 71.83  ? 115 GLU A C   1 
ATOM 834  O O   . GLU A 1 115 ? 4.927   0.081   -11.573 1.00 66.40  ? 115 GLU A O   1 
ATOM 835  C CB  . GLU A 1 115 ? 5.243   1.478   -14.709 1.00 71.18  ? 115 GLU A CB  1 
ATOM 836  C CG  . GLU A 1 115 ? 4.491   2.785   -14.267 1.00 79.94  ? 115 GLU A CG  1 
ATOM 837  C CD  . GLU A 1 115 ? 3.189   3.103   -15.099 1.00 83.99  ? 115 GLU A CD  1 
ATOM 838  O OE1 . GLU A 1 115 ? 3.212   2.892   -16.345 1.00 81.86  ? 115 GLU A OE1 1 
ATOM 839  O OE2 . GLU A 1 115 ? 2.158   3.574   -14.501 1.00 75.70  ? 115 GLU A OE2 1 
ATOM 840  N N   . SER A 1 116 ? 4.987   -1.377  -13.303 1.00 67.21  ? 116 SER A N   1 
ATOM 841  C CA  . SER A 1 116 ? 4.184   -2.348  -12.598 1.00 62.54  ? 116 SER A CA  1 
ATOM 842  C C   . SER A 1 116 ? 4.987   -3.260  -11.646 1.00 58.85  ? 116 SER A C   1 
ATOM 843  O O   . SER A 1 116 ? 4.570   -3.507  -10.516 1.00 62.50  ? 116 SER A O   1 
ATOM 844  C CB  . SER A 1 116 ? 3.318   -3.101  -13.598 1.00 66.56  ? 116 SER A CB  1 
ATOM 845  O OG  . SER A 1 116 ? 2.116   -2.333  -13.801 1.00 63.68  ? 116 SER A OG  1 
ATOM 846  N N   . LYS A 1 117 ? 6.150   -3.719  -12.054 1.00 53.92  ? 117 LYS A N   1 
ATOM 847  C CA  . LYS A 1 117 ? 7.034   -4.409  -11.118 1.00 57.30  ? 117 LYS A CA  1 
ATOM 848  C C   . LYS A 1 117 ? 7.189   -3.680  -9.794  1.00 56.85  ? 117 LYS A C   1 
ATOM 849  O O   . LYS A 1 117 ? 7.098   -4.311  -8.753  1.00 61.22  ? 117 LYS A O   1 
ATOM 850  C CB  . LYS A 1 117 ? 8.419   -4.640  -11.726 1.00 64.89  ? 117 LYS A CB  1 
ATOM 851  C CG  . LYS A 1 117 ? 9.037   -6.008  -11.371 1.00 70.57  ? 117 LYS A CG  1 
ATOM 852  C CD  . LYS A 1 117 ? 8.226   -7.176  -11.974 1.00 83.02  ? 117 LYS A CD  1 
ATOM 853  C CE  . LYS A 1 117 ? 9.063   -8.444  -12.157 1.00 84.54  ? 117 LYS A CE  1 
ATOM 854  N NZ  . LYS A 1 117 ? 10.112  -8.527  -11.105 1.00 80.23  ? 117 LYS A NZ  1 
ATOM 855  N N   . VAL A 1 118 ? 7.409   -2.364  -9.834  1.00 56.42  ? 118 VAL A N   1 
ATOM 856  C CA  . VAL A 1 118 ? 7.537   -1.521  -8.625  1.00 49.69  ? 118 VAL A CA  1 
ATOM 857  C C   . VAL A 1 118 ? 6.229   -1.417  -7.899  1.00 51.07  ? 118 VAL A C   1 
ATOM 858  O O   . VAL A 1 118 ? 6.164   -1.453  -6.672  1.00 56.30  ? 118 VAL A O   1 
ATOM 859  C CB  . VAL A 1 118 ? 7.931   -0.036  -9.003  1.00 61.02  ? 118 VAL A CB  1 
ATOM 860  C CG1 . VAL A 1 118 ? 7.595   1.003   -7.846  1.00 37.59  ? 118 VAL A CG1 1 
ATOM 861  C CG2 . VAL A 1 118 ? 9.439   0.063   -9.485  1.00 59.51  ? 118 VAL A CG2 1 
ATOM 862  N N   . PHE A 1 119 ? 5.172   -1.212  -8.658  1.00 49.01  ? 119 PHE A N   1 
ATOM 863  C CA  . PHE A 1 119 ? 3.879   -1.019  -8.046  1.00 48.96  ? 119 PHE A CA  1 
ATOM 864  C C   . PHE A 1 119 ? 3.555   -2.257  -7.195  1.00 53.13  ? 119 PHE A C   1 
ATOM 865  O O   . PHE A 1 119 ? 3.195   -2.157  -6.006  1.00 50.32  ? 119 PHE A O   1 
ATOM 866  C CB  . PHE A 1 119 ? 2.812   -0.803  -9.125  1.00 44.33  ? 119 PHE A CB  1 
ATOM 867  C CG  . PHE A 1 119 ? 1.498   -0.351  -8.591  1.00 52.51  ? 119 PHE A CG  1 
ATOM 868  C CD1 . PHE A 1 119 ? 0.529   -1.282  -8.184  1.00 63.23  ? 119 PHE A CD1 1 
ATOM 869  C CD2 . PHE A 1 119 ? 1.207   1.011   -8.484  1.00 54.11  ? 119 PHE A CD2 1 
ATOM 870  C CE1 . PHE A 1 119 ? -0.728  -0.863  -7.696  1.00 45.49  ? 119 PHE A CE1 1 
ATOM 871  C CE2 . PHE A 1 119 ? -0.033  1.443   -7.979  1.00 56.63  ? 119 PHE A CE2 1 
ATOM 872  C CZ  . PHE A 1 119 ? -1.012  0.496   -7.592  1.00 50.12  ? 119 PHE A CZ  1 
ATOM 873  N N   . TYR A 1 120 ? 3.697   -3.435  -7.791  1.00 52.66  ? 120 TYR A N   1 
ATOM 874  C CA  . TYR A 1 120 ? 3.338   -4.625  -7.056  1.00 51.64  ? 120 TYR A CA  1 
ATOM 875  C C   . TYR A 1 120 ? 4.304   -4.884  -5.905  1.00 52.46  ? 120 TYR A C   1 
ATOM 876  O O   . TYR A 1 120 ? 3.877   -5.380  -4.872  1.00 56.33  ? 120 TYR A O   1 
ATOM 877  C CB  . TYR A 1 120 ? 3.222   -5.824  -7.965  1.00 51.34  ? 120 TYR A CB  1 
ATOM 878  C CG  . TYR A 1 120 ? 2.138   -5.714  -8.997  1.00 47.65  ? 120 TYR A CG  1 
ATOM 879  C CD1 . TYR A 1 120 ? 0.822   -5.394  -8.644  1.00 55.29  ? 120 TYR A CD1 1 
ATOM 880  C CD2 . TYR A 1 120 ? 2.407   -5.976  -10.335 1.00 58.22  ? 120 TYR A CD2 1 
ATOM 881  C CE1 . TYR A 1 120 ? -0.211  -5.307  -9.623  1.00 52.17  ? 120 TYR A CE1 1 
ATOM 882  C CE2 . TYR A 1 120 ? 1.397   -5.887  -11.311 1.00 61.17  ? 120 TYR A CE2 1 
ATOM 883  C CZ  . TYR A 1 120 ? 0.093   -5.573  -10.945 1.00 43.15  ? 120 TYR A CZ  1 
ATOM 884  O OH  . TYR A 1 120 ? -0.866  -5.515  -11.913 1.00 56.41  ? 120 TYR A OH  1 
ATOM 885  N N   . LEU A 1 121 ? 5.575   -4.513  -6.033  1.00 47.72  ? 121 LEU A N   1 
ATOM 886  C CA  . LEU A 1 121 ? 6.479   -4.672  -4.880  1.00 50.79  ? 121 LEU A CA  1 
ATOM 887  C C   . LEU A 1 121 ? 6.206   -3.682  -3.763  1.00 52.92  ? 121 LEU A C   1 
ATOM 888  O O   . LEU A 1 121 ? 6.384   -4.010  -2.594  1.00 57.27  ? 121 LEU A O   1 
ATOM 889  C CB  . LEU A 1 121 ? 7.945   -4.592  -5.283  1.00 48.85  ? 121 LEU A CB  1 
ATOM 890  C CG  . LEU A 1 121 ? 8.417   -5.820  -6.050  1.00 46.20  ? 121 LEU A CG  1 
ATOM 891  C CD1 . LEU A 1 121 ? 9.682   -5.487  -6.801  1.00 59.55  ? 121 LEU A CD1 1 
ATOM 892  C CD2 . LEU A 1 121 ? 8.657   -6.930  -5.082  1.00 42.24  ? 121 LEU A CD2 1 
ATOM 893  N N   . LYS A 1 122 ? 5.801   -2.470  -4.109  1.00 51.32  ? 122 LYS A N   1 
ATOM 894  C CA  . LYS A 1 122 ? 5.319   -1.521  -3.094  1.00 52.30  ? 122 LYS A CA  1 
ATOM 895  C C   . LYS A 1 122 ? 4.146   -2.142  -2.301  1.00 51.11  ? 122 LYS A C   1 
ATOM 896  O O   . LYS A 1 122 ? 4.110   -2.158  -1.075  1.00 57.74  ? 122 LYS A O   1 
ATOM 897  C CB  . LYS A 1 122 ? 4.847   -0.229  -3.785  1.00 51.13  ? 122 LYS A CB  1 
ATOM 898  C CG  . LYS A 1 122 ? 4.725   0.931   -2.871  1.00 53.57  ? 122 LYS A CG  1 
ATOM 899  C CD  . LYS A 1 122 ? 4.003   2.096   -3.489  1.00 55.41  ? 122 LYS A CD  1 
ATOM 900  C CE  . LYS A 1 122 ? 2.850   2.480   -2.598  1.00 57.85  ? 122 LYS A CE  1 
ATOM 901  N NZ  . LYS A 1 122 ? 1.847   1.376   -2.738  1.00 64.05  ? 122 LYS A NZ  1 
ATOM 902  N N   . MET A 1 123 ? 3.178   -2.634  -3.039  1.00 46.92  ? 123 MET A N   1 
ATOM 903  C CA  . MET A 1 123 ? 1.993   -3.243  -2.476  1.00 52.05  ? 123 MET A CA  1 
ATOM 904  C C   . MET A 1 123 ? 2.356   -4.398  -1.531  1.00 53.07  ? 123 MET A C   1 
ATOM 905  O O   . MET A 1 123 ? 1.878   -4.476  -0.413  1.00 59.98  ? 123 MET A O   1 
ATOM 906  C CB  . MET A 1 123 ? 1.112   -3.739  -3.634  1.00 48.83  ? 123 MET A CB  1 
ATOM 907  C CG  . MET A 1 123 ? -0.299  -3.964  -3.279  1.00 56.19  ? 123 MET A CG  1 
ATOM 908  S SD  . MET A 1 123 ? -1.363  -4.225  -4.714  1.00 49.99  ? 123 MET A SD  1 
ATOM 909  C CE  . MET A 1 123 ? -1.309  -2.593  -5.373  1.00 56.67  ? 123 MET A CE  1 
ATOM 910  N N   . LYS A 1 124 ? 3.221   -5.288  -1.971  1.00 53.25  ? 124 LYS A N   1 
ATOM 911  C CA  . LYS A 1 124 ? 3.732   -6.317  -1.067  1.00 58.00  ? 124 LYS A CA  1 
ATOM 912  C C   . LYS A 1 124 ? 4.332   -5.712  0.223   1.00 53.51  ? 124 LYS A C   1 
ATOM 913  O O   . LYS A 1 124 ? 4.189   -6.273  1.299   1.00 51.49  ? 124 LYS A O   1 
ATOM 914  C CB  . LYS A 1 124 ? 4.765   -7.179  -1.796  1.00 55.72  ? 124 LYS A CB  1 
ATOM 915  C CG  . LYS A 1 124 ? 5.458   -8.198  -0.948  1.00 48.07  ? 124 LYS A CG  1 
ATOM 916  C CD  . LYS A 1 124 ? 6.129   -9.210  -1.875  1.00 63.23  ? 124 LYS A CD  1 
ATOM 917  C CE  . LYS A 1 124 ? 7.247   -10.002 -1.199  1.00 63.38  ? 124 LYS A CE  1 
ATOM 918  N NZ  . LYS A 1 124 ? 7.297   -11.366 -1.765  1.00 45.97  ? 124 LYS A NZ  1 
ATOM 919  N N   . GLY A 1 125 ? 4.991   -4.568  0.106   1.00 51.83  ? 125 GLY A N   1 
ATOM 920  C CA  . GLY A 1 125 ? 5.518   -3.859  1.271   1.00 49.09  ? 125 GLY A CA  1 
ATOM 921  C C   . GLY A 1 125 ? 4.384   -3.408  2.155   1.00 49.02  ? 125 GLY A C   1 
ATOM 922  O O   . GLY A 1 125 ? 4.391   -3.670  3.376   1.00 48.75  ? 125 GLY A O   1 
ATOM 923  N N   . ASP A 1 126 ? 3.392   -2.762  1.533   1.00 46.39  ? 126 ASP A N   1 
ATOM 924  C CA  . ASP A 1 126 ? 2.212   -2.252  2.258   1.00 47.02  ? 126 ASP A CA  1 
ATOM 925  C C   . ASP A 1 126 ? 1.589   -3.363  3.106   1.00 50.86  ? 126 ASP A C   1 
ATOM 926  O O   . ASP A 1 126 ? 1.514   -3.272  4.344   1.00 42.16  ? 126 ASP A O   1 
ATOM 927  C CB  . ASP A 1 126 ? 1.161   -1.686  1.295   1.00 43.83  ? 126 ASP A CB  1 
ATOM 928  C CG  . ASP A 1 126 ? 1.608   -0.366  0.600   1.00 50.57  ? 126 ASP A CG  1 
ATOM 929  O OD1 . ASP A 1 126 ? 2.416   0.450   1.151   1.00 29.85  ? 126 ASP A OD1 1 
ATOM 930  O OD2 . ASP A 1 126 ? 1.123   -0.161  -0.529  1.00 39.44  ? 126 ASP A OD2 1 
ATOM 931  N N   . TYR A 1 127 ? 1.200   -4.444  2.436   1.00 52.73  ? 127 TYR A N   1 
ATOM 932  C CA  . TYR A 1 127 ? 0.440   -5.508  3.089   1.00 48.66  ? 127 TYR A CA  1 
ATOM 933  C C   . TYR A 1 127 ? 1.207   -6.191  4.214   1.00 52.81  ? 127 TYR A C   1 
ATOM 934  O O   . TYR A 1 127 ? 0.666   -6.346  5.309   1.00 52.84  ? 127 TYR A O   1 
ATOM 935  C CB  . TYR A 1 127 ? -0.158  -6.444  2.045   1.00 46.28  ? 127 TYR A CB  1 
ATOM 936  C CG  . TYR A 1 127 ? -1.328  -5.699  1.439   1.00 53.77  ? 127 TYR A CG  1 
ATOM 937  C CD1 . TYR A 1 127 ? -1.160  -4.819  0.381   1.00 54.79  ? 127 TYR A CD1 1 
ATOM 938  C CD2 . TYR A 1 127 ? -2.577  -5.775  2.000   1.00 45.42  ? 127 TYR A CD2 1 
ATOM 939  C CE1 . TYR A 1 127 ? -2.238  -4.092  -0.137  1.00 52.86  ? 127 TYR A CE1 1 
ATOM 940  C CE2 . TYR A 1 127 ? -3.648  -5.056  1.485   1.00 59.98  ? 127 TYR A CE2 1 
ATOM 941  C CZ  . TYR A 1 127 ? -3.468  -4.201  0.426   1.00 42.31  ? 127 TYR A CZ  1 
ATOM 942  O OH  . TYR A 1 127 ? -4.553  -3.484  -0.065  1.00 59.23  ? 127 TYR A OH  1 
ATOM 943  N N   . PHE A 1 128 ? 2.471   -6.534  3.998   1.00 54.46  ? 128 PHE A N   1 
ATOM 944  C CA  . PHE A 1 128 ? 3.287   -6.988  5.113   1.00 50.86  ? 128 PHE A CA  1 
ATOM 945  C C   . PHE A 1 128 ? 3.368   -5.940  6.244   1.00 52.40  ? 128 PHE A C   1 
ATOM 946  O O   . PHE A 1 128 ? 3.404   -6.299  7.413   1.00 54.13  ? 128 PHE A O   1 
ATOM 947  C CB  . PHE A 1 128 ? 4.686   -7.389  4.631   1.00 53.34  ? 128 PHE A CB  1 
ATOM 948  C CG  . PHE A 1 128 ? 4.784   -8.826  4.143   1.00 49.46  ? 128 PHE A CG  1 
ATOM 949  C CD1 . PHE A 1 128 ? 4.343   -9.887  4.934   1.00 47.01  ? 128 PHE A CD1 1 
ATOM 950  C CD2 . PHE A 1 128 ? 5.367   -9.116  2.932   1.00 43.97  ? 128 PHE A CD2 1 
ATOM 951  C CE1 . PHE A 1 128 ? 4.435   -11.218 4.490   1.00 56.79  ? 128 PHE A CE1 1 
ATOM 952  C CE2 . PHE A 1 128 ? 5.462   -10.454 2.473   1.00 62.14  ? 128 PHE A CE2 1 
ATOM 953  C CZ  . PHE A 1 128 ? 4.993   -11.510 3.249   1.00 40.23  ? 128 PHE A CZ  1 
ATOM 954  N N   . ARG A 1 129 ? 3.362   -4.646  5.908   1.00 55.22  ? 129 ARG A N   1 
ATOM 955  C CA  . ARG A 1 129 ? 3.348   -3.585  6.941   1.00 50.69  ? 129 ARG A CA  1 
ATOM 956  C C   . ARG A 1 129 ? 2.053   -3.612  7.741   1.00 53.59  ? 129 ARG A C   1 
ATOM 957  O O   . ARG A 1 129 ? 2.031   -3.416  8.965   1.00 57.16  ? 129 ARG A O   1 
ATOM 958  C CB  . ARG A 1 129 ? 3.538   -2.208  6.294   1.00 54.74  ? 129 ARG A CB  1 
ATOM 959  C CG  . ARG A 1 129 ? 3.000   -1.033  7.092   1.00 50.44  ? 129 ARG A CG  1 
ATOM 960  C CD  . ARG A 1 129 ? 3.632   0.290   6.718   1.00 49.71  ? 129 ARG A CD  1 
ATOM 961  N NE  . ARG A 1 129 ? 3.307   0.738   5.360   1.00 58.35  ? 129 ARG A NE  1 
ATOM 962  C CZ  . ARG A 1 129 ? 2.270   1.514   5.039   1.00 50.37  ? 129 ARG A CZ  1 
ATOM 963  N NH1 . ARG A 1 129 ? 1.443   1.956   5.959   1.00 49.98  ? 129 ARG A NH1 1 
ATOM 964  N NH2 . ARG A 1 129 ? 2.078   1.874   3.779   1.00 53.96  ? 129 ARG A NH2 1 
ATOM 965  N N   . TYR A 1 130 ? 0.966   -3.859  7.028   1.00 53.36  ? 130 TYR A N   1 
ATOM 966  C CA  . TYR A 1 130 ? -0.339  -4.022  7.638   1.00 48.69  ? 130 TYR A CA  1 
ATOM 967  C C   . TYR A 1 130 ? -0.412  -5.217  8.576   1.00 49.25  ? 130 TYR A C   1 
ATOM 968  O O   . TYR A 1 130 ? -1.039  -5.110  9.627   1.00 55.54  ? 130 TYR A O   1 
ATOM 969  C CB  . TYR A 1 130 ? -1.413  -4.153  6.562   1.00 45.82  ? 130 TYR A CB  1 
ATOM 970  C CG  . TYR A 1 130 ? -1.569  -2.936  5.662   1.00 46.97  ? 130 TYR A CG  1 
ATOM 971  C CD1 . TYR A 1 130 ? -1.104  -1.676  6.050   1.00 43.41  ? 130 TYR A CD1 1 
ATOM 972  C CD2 . TYR A 1 130 ? -2.223  -3.040  4.436   1.00 48.98  ? 130 TYR A CD2 1 
ATOM 973  C CE1 . TYR A 1 130 ? -1.279  -0.557  5.232   1.00 48.06  ? 130 TYR A CE1 1 
ATOM 974  C CE2 . TYR A 1 130 ? -2.377  -1.928  3.604   1.00 64.93  ? 130 TYR A CE2 1 
ATOM 975  C CZ  . TYR A 1 130 ? -1.911  -0.687  4.018   1.00 50.67  ? 130 TYR A CZ  1 
ATOM 976  O OH  . TYR A 1 130 ? -2.073  0.416   3.221   1.00 43.87  ? 130 TYR A OH  1 
ATOM 977  N N   . LEU A 1 131 ? 0.184   -6.343  8.190   1.00 46.89  ? 131 LEU A N   1 
ATOM 978  C CA  . LEU A 1 131 ? 0.299   -7.504  9.071   1.00 48.99  ? 131 LEU A CA  1 
ATOM 979  C C   . LEU A 1 131 ? 1.138   -7.179  10.289  1.00 52.31  ? 131 LEU A C   1 
ATOM 980  O O   . LEU A 1 131 ? 0.791   -7.568  11.426  1.00 49.49  ? 131 LEU A O   1 
ATOM 981  C CB  . LEU A 1 131 ? 0.943   -8.684  8.354   1.00 51.10  ? 131 LEU A CB  1 
ATOM 982  C CG  . LEU A 1 131 ? 0.102   -9.386  7.288   1.00 56.39  ? 131 LEU A CG  1 
ATOM 983  C CD1 . LEU A 1 131 ? 0.947   -10.419 6.599   1.00 47.23  ? 131 LEU A CD1 1 
ATOM 984  C CD2 . LEU A 1 131 ? -1.135  -10.026 7.892   1.00 54.30  ? 131 LEU A CD2 1 
ATOM 985  N N   . SER A 1 132 ? 2.234   -6.456  10.069  1.00 56.83  ? 132 SER A N   1 
ATOM 986  C CA  . SER A 1 132 ? 3.122   -6.058  11.189  1.00 59.78  ? 132 SER A CA  1 
ATOM 987  C C   . SER A 1 132 ? 2.391   -5.297  12.316  1.00 59.37  ? 132 SER A C   1 
ATOM 988  O O   . SER A 1 132 ? 2.771   -5.383  13.484  1.00 66.18  ? 132 SER A O   1 
ATOM 989  C CB  . SER A 1 132 ? 4.296   -5.219  10.681  1.00 59.25  ? 132 SER A CB  1 
ATOM 990  O OG  . SER A 1 132 ? 4.169   -3.872  11.104  1.00 71.84  ? 132 SER A OG  1 
ATOM 991  N N   . GLU A 1 133 ? 1.349   -4.555  11.968  1.00 58.75  ? 133 GLU A N   1 
ATOM 992  C CA  . GLU A 1 133 ? 0.575   -3.789  12.947  1.00 60.64  ? 133 GLU A CA  1 
ATOM 993  C C   . GLU A 1 133 ? -0.178  -4.671  13.945  1.00 60.87  ? 133 GLU A C   1 
ATOM 994  O O   . GLU A 1 133 ? -0.550  -4.227  15.028  1.00 60.92  ? 133 GLU A O   1 
ATOM 995  C CB  . GLU A 1 133 ? -0.437  -2.880  12.223  1.00 59.15  ? 133 GLU A CB  1 
ATOM 996  C CG  . GLU A 1 133 ? 0.203   -1.791  11.368  1.00 58.31  ? 133 GLU A CG  1 
ATOM 997  C CD  . GLU A 1 133 ? -0.808  -1.019  10.506  1.00 66.92  ? 133 GLU A CD  1 
ATOM 998  O OE1 . GLU A 1 133 ? -1.702  -1.656  9.887   1.00 67.22  ? 133 GLU A OE1 1 
ATOM 999  O OE2 . GLU A 1 133 ? -0.690  0.234   10.446  1.00 59.61  ? 133 GLU A OE2 1 
ATOM 1000 N N   . VAL A 1 134 ? -0.433  -5.912  13.570  1.00 63.25  ? 134 VAL A N   1 
ATOM 1001 C CA  . VAL A 1 134 ? -1.242  -6.777  14.397  1.00 65.63  ? 134 VAL A CA  1 
ATOM 1002 C C   . VAL A 1 134 ? -0.505  -8.053  14.809  1.00 69.99  ? 134 VAL A C   1 
ATOM 1003 O O   . VAL A 1 134 ? -1.103  -8.962  15.379  1.00 74.63  ? 134 VAL A O   1 
ATOM 1004 C CB  . VAL A 1 134 ? -2.575  -7.124  13.674  1.00 65.16  ? 134 VAL A CB  1 
ATOM 1005 C CG1 . VAL A 1 134 ? -3.253  -5.870  13.226  1.00 60.21  ? 134 VAL A CG1 1 
ATOM 1006 C CG2 . VAL A 1 134 ? -2.363  -8.066  12.491  1.00 65.43  ? 134 VAL A CG2 1 
ATOM 1007 N N   . ALA A 1 135 ? 0.792   -8.109  14.540  1.00 75.99  ? 135 ALA A N   1 
ATOM 1008 C CA  . ALA A 1 135 ? 1.563   -9.340  14.691  1.00 79.51  ? 135 ALA A CA  1 
ATOM 1009 C C   . ALA A 1 135 ? 2.335   -9.388  16.032  1.00 83.25  ? 135 ALA A C   1 
ATOM 1010 O O   . ALA A 1 135 ? 2.616   -8.330  16.645  1.00 79.29  ? 135 ALA A O   1 
ATOM 1011 C CB  . ALA A 1 135 ? 2.523   -9.494  13.502  1.00 74.66  ? 135 ALA A CB  1 
ATOM 1012 N N   . SER A 1 136 ? 2.670   -10.624 16.452  1.00 84.35  ? 136 SER A N   1 
ATOM 1013 C CA  . SER A 1 136 ? 3.389   -10.913 17.710  1.00 84.12  ? 136 SER A CA  1 
ATOM 1014 C C   . SER A 1 136 ? 4.687   -11.706 17.484  1.00 83.00  ? 136 SER A C   1 
ATOM 1015 O O   . SER A 1 136 ? 4.742   -12.564 16.624  1.00 82.58  ? 136 SER A O   1 
ATOM 1016 C CB  . SER A 1 136 ? 2.481   -11.738 18.628  1.00 86.79  ? 136 SER A CB  1 
ATOM 1017 O OG  . SER A 1 136 ? 2.111   -12.959 17.992  1.00 80.63  ? 136 SER A OG  1 
ATOM 1018 N N   . GLY A 1 137 ? 5.727   -11.393 18.258  1.00 85.17  ? 137 GLY A N   1 
ATOM 1019 C CA  . GLY A 1 137 ? 6.934   -12.239 18.393  1.00 82.91  ? 137 GLY A CA  1 
ATOM 1020 C C   . GLY A 1 137 ? 7.732   -12.622 17.162  1.00 79.85  ? 137 GLY A C   1 
ATOM 1021 O O   . GLY A 1 137 ? 8.317   -11.783 16.504  1.00 74.58  ? 137 GLY A O   1 
ATOM 1022 N N   . ASP A 1 138 ? 7.785   -13.917 16.880  1.00 85.18  ? 138 ASP A N   1 
ATOM 1023 C CA  . ASP A 1 138 ? 8.506   -14.438 15.704  1.00 88.55  ? 138 ASP A CA  1 
ATOM 1024 C C   . ASP A 1 138 ? 7.830   -13.979 14.410  1.00 82.59  ? 138 ASP A C   1 
ATOM 1025 O O   . ASP A 1 138 ? 8.481   -13.489 13.502  1.00 81.47  ? 138 ASP A O   1 
ATOM 1026 C CB  . ASP A 1 138 ? 8.557   -15.987 15.721  1.00 91.92  ? 138 ASP A CB  1 
ATOM 1027 C CG  . ASP A 1 138 ? 9.392   -16.559 16.883  1.00 101.60 ? 138 ASP A CG  1 
ATOM 1028 O OD1 . ASP A 1 138 ? 10.588  -16.196 17.006  1.00 101.50 ? 138 ASP A OD1 1 
ATOM 1029 O OD2 . ASP A 1 138 ? 8.847   -17.391 17.655  1.00 100.94 ? 138 ASP A OD2 1 
ATOM 1030 N N   . ASN A 1 139 ? 6.519   -14.173 14.343  1.00 78.24  ? 139 ASN A N   1 
ATOM 1031 C CA  . ASN A 1 139 ? 5.685   -13.635 13.279  1.00 77.09  ? 139 ASN A CA  1 
ATOM 1032 C C   . ASN A 1 139 ? 5.998   -12.144 12.984  1.00 77.05  ? 139 ASN A C   1 
ATOM 1033 O O   . ASN A 1 139 ? 6.238   -11.770 11.835  1.00 75.00  ? 139 ASN A O   1 
ATOM 1034 C CB  . ASN A 1 139 ? 4.208   -13.841 13.659  1.00 75.54  ? 139 ASN A CB  1 
ATOM 1035 C CG  . ASN A 1 139 ? 3.243   -13.387 12.580  1.00 76.38  ? 139 ASN A CG  1 
ATOM 1036 O OD1 . ASN A 1 139 ? 3.575   -13.376 11.408  1.00 73.18  ? 139 ASN A OD1 1 
ATOM 1037 N ND2 . ASN A 1 139 ? 2.029   -13.031 12.981  1.00 76.04  ? 139 ASN A ND2 1 
ATOM 1038 N N   . LYS A 1 140 ? 6.045   -11.312 14.023  1.00 76.06  ? 140 LYS A N   1 
ATOM 1039 C CA  . LYS A 1 140 ? 6.310   -9.888  13.835  1.00 72.80  ? 140 LYS A CA  1 
ATOM 1040 C C   . LYS A 1 140 ? 7.668   -9.595  13.216  1.00 75.50  ? 140 LYS A C   1 
ATOM 1041 O O   . LYS A 1 140 ? 7.767   -8.749  12.329  1.00 82.93  ? 140 LYS A O   1 
ATOM 1042 C CB  . LYS A 1 140 ? 6.176   -9.110  15.136  1.00 70.46  ? 140 LYS A CB  1 
ATOM 1043 C CG  . LYS A 1 140 ? 6.353   -7.618  14.933  1.00 65.05  ? 140 LYS A CG  1 
ATOM 1044 C CD  . LYS A 1 140 ? 5.340   -6.776  15.680  1.00 71.13  ? 140 LYS A CD  1 
ATOM 1045 C CE  . LYS A 1 140 ? 5.807   -5.304  15.708  1.00 73.71  ? 140 LYS A CE  1 
ATOM 1046 N NZ  . LYS A 1 140 ? 4.723   -4.323  16.021  1.00 80.25  ? 140 LYS A NZ  1 
ATOM 1047 N N   . GLN A 1 141 ? 8.719   -10.265 13.679  1.00 74.28  ? 141 GLN A N   1 
ATOM 1048 C CA  . GLN A 1 141 ? 10.056  -10.073 13.090  1.00 70.95  ? 141 GLN A CA  1 
ATOM 1049 C C   . GLN A 1 141 ? 10.076  -10.460 11.581  1.00 67.53  ? 141 GLN A C   1 
ATOM 1050 O O   . GLN A 1 141 ? 10.757  -9.826  10.785  1.00 68.68  ? 141 GLN A O   1 
ATOM 1051 C CB  . GLN A 1 141 ? 11.121  -10.847 13.897  1.00 67.16  ? 141 GLN A CB  1 
ATOM 1052 N N   . THR A 1 142 ? 9.304   -11.478 11.209  1.00 62.95  ? 142 THR A N   1 
ATOM 1053 C CA  . THR A 1 142 ? 9.282   -12.009 9.848   1.00 66.44  ? 142 THR A CA  1 
ATOM 1054 C C   . THR A 1 142 ? 8.552   -11.055 8.899   1.00 68.16  ? 142 THR A C   1 
ATOM 1055 O O   . THR A 1 142 ? 8.977   -10.821 7.752   1.00 70.43  ? 142 THR A O   1 
ATOM 1056 C CB  . THR A 1 142 ? 8.549   -13.392 9.828   1.00 63.97  ? 142 THR A CB  1 
ATOM 1057 O OG1 . THR A 1 142 ? 9.260   -14.323 10.648  1.00 76.50  ? 142 THR A OG1 1 
ATOM 1058 C CG2 . THR A 1 142 ? 8.433   -13.968 8.422   1.00 60.88  ? 142 THR A CG2 1 
ATOM 1059 N N   . THR A 1 143 ? 7.419   -10.570 9.395   1.00 62.19  ? 143 THR A N   1 
ATOM 1060 C CA  . THR A 1 143 ? 6.602   -9.523  8.787   1.00 60.70  ? 143 THR A CA  1 
ATOM 1061 C C   . THR A 1 143 ? 7.351   -8.189  8.533   1.00 56.78  ? 143 THR A C   1 
ATOM 1062 O O   . THR A 1 143 ? 7.468   -7.729  7.392   1.00 56.14  ? 143 THR A O   1 
ATOM 1063 C CB  . THR A 1 143 ? 5.415   -9.247  9.741   1.00 62.25  ? 143 THR A CB  1 
ATOM 1064 O OG1 . THR A 1 143 ? 4.461   -10.310 9.635   1.00 56.21  ? 143 THR A OG1 1 
ATOM 1065 C CG2 . THR A 1 143 ? 4.760   -7.977  9.413   1.00 72.39  ? 143 THR A CG2 1 
ATOM 1066 N N   . VAL A 1 144 ? 7.852   -7.583  9.602   1.00 52.57  ? 144 VAL A N   1 
ATOM 1067 C CA  . VAL A 1 144 ? 8.599   -6.341  9.500   1.00 54.77  ? 144 VAL A CA  1 
ATOM 1068 C C   . VAL A 1 144 ? 9.718   -6.492  8.496   1.00 57.50  ? 144 VAL A C   1 
ATOM 1069 O O   . VAL A 1 144 ? 10.055  -5.555  7.771   1.00 57.57  ? 144 VAL A O   1 
ATOM 1070 C CB  . VAL A 1 144 ? 9.264   -5.934  10.839  1.00 56.42  ? 144 VAL A CB  1 
ATOM 1071 C CG1 . VAL A 1 144 ? 10.232  -4.730  10.631  1.00 41.46  ? 144 VAL A CG1 1 
ATOM 1072 C CG2 . VAL A 1 144 ? 8.213   -5.611  11.897  1.00 53.82  ? 144 VAL A CG2 1 
ATOM 1073 N N   . SER A 1 145 ? 10.311  -7.675  8.483   1.00 57.83  ? 145 SER A N   1 
ATOM 1074 C CA  . SER A 1 145 ? 11.503  -7.907  7.693   1.00 61.33  ? 145 SER A CA  1 
ATOM 1075 C C   . SER A 1 145 ? 11.138  -8.128  6.226   1.00 60.85  ? 145 SER A C   1 
ATOM 1076 O O   . SER A 1 145 ? 11.840  -7.620  5.343   1.00 59.88  ? 145 SER A O   1 
ATOM 1077 C CB  . SER A 1 145 ? 12.287  -9.081  8.277   1.00 63.15  ? 145 SER A CB  1 
ATOM 1078 O OG  . SER A 1 145 ? 13.481  -9.289  7.566   1.00 82.68  ? 145 SER A OG  1 
ATOM 1079 N N   . ASN A 1 146 ? 10.038  -8.845  5.955   1.00 57.68  ? 146 ASN A N   1 
ATOM 1080 C CA  . ASN A 1 146 ? 9.581   -9.009  4.570   1.00 56.01  ? 146 ASN A CA  1 
ATOM 1081 C C   . ASN A 1 146 ? 8.996   -7.720  4.011   1.00 53.97  ? 146 ASN A C   1 
ATOM 1082 O O   . ASN A 1 146 ? 9.090   -7.477  2.820   1.00 55.41  ? 146 ASN A O   1 
ATOM 1083 C CB  . ASN A 1 146 ? 8.554   -10.124 4.422   1.00 56.10  ? 146 ASN A CB  1 
ATOM 1084 C CG  . ASN A 1 146 ? 9.072   -11.439 4.884   1.00 54.88  ? 146 ASN A CG  1 
ATOM 1085 O OD1 . ASN A 1 146 ? 10.277  -11.677 4.908   1.00 59.19  ? 146 ASN A OD1 1 
ATOM 1086 N ND2 . ASN A 1 146 ? 8.161   -12.307 5.296   1.00 70.29  ? 146 ASN A ND2 1 
ATOM 1087 N N   . SER A 1 147 ? 8.387   -6.905  4.866   1.00 54.64  ? 147 SER A N   1 
ATOM 1088 C CA  . SER A 1 147 ? 7.954   -5.562  4.465   1.00 54.34  ? 147 SER A CA  1 
ATOM 1089 C C   . SER A 1 147 ? 9.127   -4.727  3.935   1.00 52.57  ? 147 SER A C   1 
ATOM 1090 O O   . SER A 1 147 ? 9.137   -4.303  2.771   1.00 53.03  ? 147 SER A O   1 
ATOM 1091 C CB  . SER A 1 147 ? 7.296   -4.832  5.637   1.00 52.45  ? 147 SER A CB  1 
ATOM 1092 O OG  . SER A 1 147 ? 6.747   -3.604  5.181   1.00 66.71  ? 147 SER A OG  1 
ATOM 1093 N N   . GLN A 1 148 ? 10.127  -4.503  4.779   1.00 51.30  ? 148 GLN A N   1 
ATOM 1094 C CA  . GLN A 1 148 ? 11.312  -3.744  4.360   1.00 53.77  ? 148 GLN A CA  1 
ATOM 1095 C C   . GLN A 1 148 ? 11.945  -4.344  3.108   1.00 54.03  ? 148 GLN A C   1 
ATOM 1096 O O   . GLN A 1 148 ? 12.222  -3.619  2.171   1.00 55.26  ? 148 GLN A O   1 
ATOM 1097 C CB  . GLN A 1 148 ? 12.351  -3.683  5.477   1.00 49.21  ? 148 GLN A CB  1 
ATOM 1098 C CG  . GLN A 1 148 ? 13.292  -2.529  5.342   1.00 56.17  ? 148 GLN A CG  1 
ATOM 1099 C CD  . GLN A 1 148 ? 14.434  -2.564  6.337   1.00 58.20  ? 148 GLN A CD  1 
ATOM 1100 O OE1 . GLN A 1 148 ? 14.404  -3.298  7.327   1.00 48.42  ? 148 GLN A OE1 1 
ATOM 1101 N NE2 . GLN A 1 148 ? 15.466  -1.771  6.064   1.00 60.44  ? 148 GLN A NE2 1 
ATOM 1102 N N   . GLN A 1 149 ? 12.144  -5.665  3.091   1.00 56.90  ? 149 GLN A N   1 
ATOM 1103 C CA  . GLN A 1 149 ? 12.722  -6.364  1.927   1.00 59.01  ? 149 GLN A CA  1 
ATOM 1104 C C   . GLN A 1 149 ? 11.954  -6.098  0.630   1.00 59.12  ? 149 GLN A C   1 
ATOM 1105 O O   . GLN A 1 149 ? 12.575  -5.886  -0.424  1.00 63.57  ? 149 GLN A O   1 
ATOM 1106 C CB  . GLN A 1 149 ? 12.808  -7.874  2.207   1.00 62.66  ? 149 GLN A CB  1 
ATOM 1107 C CG  . GLN A 1 149 ? 13.327  -8.797  1.062   1.00 64.63  ? 149 GLN A CG  1 
ATOM 1108 C CD  . GLN A 1 149 ? 13.423  -10.300 1.502   1.00 71.00  ? 149 GLN A CD  1 
ATOM 1109 O OE1 . GLN A 1 149 ? 13.536  -10.611 2.698   1.00 70.91  ? 149 GLN A OE1 1 
ATOM 1110 N NE2 . GLN A 1 149 ? 13.368  -11.218 0.526   1.00 65.12  ? 149 GLN A NE2 1 
ATOM 1111 N N   . ALA A 1 150 ? 10.619  -6.100  0.687   1.00 53.69  ? 150 ALA A N   1 
ATOM 1112 C CA  . ALA A 1 150 ? 9.830   -5.742  -0.503  1.00 54.03  ? 150 ALA A CA  1 
ATOM 1113 C C   . ALA A 1 150 ? 9.934   -4.230  -0.827  1.00 52.20  ? 150 ALA A C   1 
ATOM 1114 O O   . ALA A 1 150 ? 10.057  -3.852  -1.975  1.00 47.88  ? 150 ALA A O   1 
ATOM 1115 C CB  . ALA A 1 150 ? 8.384   -6.157  -0.342  1.00 51.24  ? 150 ALA A CB  1 
ATOM 1116 N N   . TYR A 1 151 ? 9.906   -3.374  0.186   1.00 53.38  ? 151 TYR A N   1 
ATOM 1117 C CA  . TYR A 1 151 ? 10.060  -1.922  -0.045  1.00 54.79  ? 151 TYR A CA  1 
ATOM 1118 C C   . TYR A 1 151 ? 11.392  -1.623  -0.750  1.00 54.02  ? 151 TYR A C   1 
ATOM 1119 O O   . TYR A 1 151 ? 11.464  -0.801  -1.702  1.00 52.58  ? 151 TYR A O   1 
ATOM 1120 C CB  . TYR A 1 151 ? 9.924   -1.124  1.274   1.00 48.88  ? 151 TYR A CB  1 
ATOM 1121 C CG  . TYR A 1 151 ? 8.473   -0.843  1.679   1.00 47.11  ? 151 TYR A CG  1 
ATOM 1122 C CD1 . TYR A 1 151 ? 7.573   -0.269  0.769   1.00 62.04  ? 151 TYR A CD1 1 
ATOM 1123 C CD2 . TYR A 1 151 ? 7.992   -1.128  2.966   1.00 51.43  ? 151 TYR A CD2 1 
ATOM 1124 C CE1 . TYR A 1 151 ? 6.235   -0.009  1.099   1.00 46.79  ? 151 TYR A CE1 1 
ATOM 1125 C CE2 . TYR A 1 151 ? 6.644   -0.846  3.318   1.00 43.06  ? 151 TYR A CE2 1 
ATOM 1126 C CZ  . TYR A 1 151 ? 5.782   -0.275  2.359   1.00 51.79  ? 151 TYR A CZ  1 
ATOM 1127 O OH  . TYR A 1 151 ? 4.460   0.020   2.616   1.00 51.44  ? 151 TYR A OH  1 
ATOM 1128 N N   . GLN A 1 152 ? 12.430  -2.340  -0.323  1.00 48.28  ? 152 GLN A N   1 
ATOM 1129 C CA  . GLN A 1 152 ? 13.800  -2.077  -0.794  1.00 42.48  ? 152 GLN A CA  1 
ATOM 1130 C C   . GLN A 1 152 ? 13.937  -2.518  -2.231  1.00 44.62  ? 152 GLN A C   1 
ATOM 1131 O O   . GLN A 1 152 ? 14.466  -1.790  -3.052  1.00 48.95  ? 152 GLN A O   1 
ATOM 1132 C CB  . GLN A 1 152 ? 14.835  -2.774  0.101   1.00 37.23  ? 152 GLN A CB  1 
ATOM 1133 C CG  . GLN A 1 152 ? 16.163  -2.111  0.086   1.00 52.94  ? 152 GLN A CG  1 
ATOM 1134 C CD  . GLN A 1 152 ? 16.125  -0.728  0.701   1.00 57.83  ? 152 GLN A CD  1 
ATOM 1135 O OE1 . GLN A 1 152 ? 15.845  -0.567  1.887   1.00 69.30  ? 152 GLN A OE1 1 
ATOM 1136 N NE2 . GLN A 1 152 ? 16.426  0.282   -0.109  1.00 89.31  ? 152 GLN A NE2 1 
ATOM 1137 N N   . GLU A 1 153 ? 13.420  -3.697  -2.562  1.00 49.52  ? 153 GLU A N   1 
ATOM 1138 C CA  . GLU A 1 153 ? 13.489  -4.147  -3.930  1.00 51.36  ? 153 GLU A CA  1 
ATOM 1139 C C   . GLU A 1 153 ? 12.739  -3.235  -4.910  1.00 49.54  ? 153 GLU A C   1 
ATOM 1140 O O   . GLU A 1 153 ? 13.184  -3.049  -6.034  1.00 47.07  ? 153 GLU A O   1 
ATOM 1141 C CB  . GLU A 1 153 ? 12.978  -5.559  -4.046  1.00 53.44  ? 153 GLU A CB  1 
ATOM 1142 C CG  . GLU A 1 153 ? 13.612  -6.304  -5.214  1.00 65.40  ? 153 GLU A CG  1 
ATOM 1143 C CD  . GLU A 1 153 ? 12.947  -7.629  -5.475  1.00 65.26  ? 153 GLU A CD  1 
ATOM 1144 O OE1 . GLU A 1 153 ? 12.713  -8.383  -4.492  1.00 79.59  ? 153 GLU A OE1 1 
ATOM 1145 O OE2 . GLU A 1 153 ? 12.673  -7.907  -6.670  1.00 72.63  ? 153 GLU A OE2 1 
ATOM 1146 N N   . ALA A 1 154 ? 11.605  -2.677  -4.493  1.00 55.45  ? 154 ALA A N   1 
ATOM 1147 C CA  . ALA A 1 154 ? 10.851  -1.701  -5.319  1.00 55.31  ? 154 ALA A CA  1 
ATOM 1148 C C   . ALA A 1 154 ? 11.642  -0.420  -5.523  1.00 64.23  ? 154 ALA A C   1 
ATOM 1149 O O   . ALA A 1 154 ? 11.584  0.202   -6.596  1.00 68.81  ? 154 ALA A O   1 
ATOM 1150 C CB  . ALA A 1 154 ? 9.520   -1.367  -4.672  1.00 54.15  ? 154 ALA A CB  1 
ATOM 1151 N N   . PHE A 1 155 ? 12.384  -0.026  -4.483  1.00 66.23  ? 155 PHE A N   1 
ATOM 1152 C CA  . PHE A 1 155 ? 13.141  1.221   -4.502  1.00 59.77  ? 155 PHE A CA  1 
ATOM 1153 C C   . PHE A 1 155 ? 14.367  1.130   -5.407  1.00 59.66  ? 155 PHE A C   1 
ATOM 1154 O O   . PHE A 1 155 ? 14.603  2.025   -6.208  1.00 67.75  ? 155 PHE A O   1 
ATOM 1155 C CB  . PHE A 1 155 ? 13.530  1.585   -3.079  1.00 58.73  ? 155 PHE A CB  1 
ATOM 1156 C CG  . PHE A 1 155 ? 13.675  3.044   -2.858  1.00 70.23  ? 155 PHE A CG  1 
ATOM 1157 C CD1 . PHE A 1 155 ? 12.701  3.935   -3.326  1.00 78.47  ? 155 PHE A CD1 1 
ATOM 1158 C CD2 . PHE A 1 155 ? 14.775  3.545   -2.167  1.00 73.85  ? 155 PHE A CD2 1 
ATOM 1159 C CE1 . PHE A 1 155 ? 12.825  5.290   -3.113  1.00 82.57  ? 155 PHE A CE1 1 
ATOM 1160 C CE2 . PHE A 1 155 ? 14.924  4.898   -1.964  1.00 74.64  ? 155 PHE A CE2 1 
ATOM 1161 C CZ  . PHE A 1 155 ? 13.950  5.782   -2.429  1.00 81.31  ? 155 PHE A CZ  1 
ATOM 1162 N N   . GLU A 1 156 ? 15.137  0.051   -5.276  1.00 59.01  ? 156 GLU A N   1 
ATOM 1163 C CA  . GLU A 1 156 ? 16.255  -0.258  -6.185  1.00 62.44  ? 156 GLU A CA  1 
ATOM 1164 C C   . GLU A 1 156 ? 15.791  -0.197  -7.655  1.00 58.29  ? 156 GLU A C   1 
ATOM 1165 O O   . GLU A 1 156 ? 16.422  0.440   -8.494  1.00 65.27  ? 156 GLU A O   1 
ATOM 1166 C CB  . GLU A 1 156 ? 16.811  -1.669  -5.899  1.00 61.75  ? 156 GLU A CB  1 
ATOM 1167 C CG  . GLU A 1 156 ? 17.660  -1.861  -4.595  1.00 68.54  ? 156 GLU A CG  1 
ATOM 1168 C CD  . GLU A 1 156 ? 17.879  -3.386  -4.168  1.00 79.47  ? 156 GLU A CD  1 
ATOM 1169 O OE1 . GLU A 1 156 ? 17.594  -4.348  -4.951  1.00 82.40  ? 156 GLU A OE1 1 
ATOM 1170 O OE2 . GLU A 1 156 ? 18.334  -3.618  -3.014  1.00 84.18  ? 156 GLU A OE2 1 
ATOM 1171 N N   . ILE A 1 157 ? 14.677  -0.841  -7.963  1.00 51.14  ? 157 ILE A N   1 
ATOM 1172 C CA  . ILE A 1 157 ? 14.109  -0.798  -9.308  1.00 55.89  ? 157 ILE A CA  1 
ATOM 1173 C C   . ILE A 1 157 ? 13.598  0.641   -9.663  1.00 57.24  ? 157 ILE A C   1 
ATOM 1174 O O   . ILE A 1 157 ? 14.023  1.205   -10.658 1.00 62.51  ? 157 ILE A O   1 
ATOM 1175 C CB  . ILE A 1 157 ? 13.031  -1.957  -9.520  1.00 56.99  ? 157 ILE A CB  1 
ATOM 1176 C CG1 . ILE A 1 157 ? 13.669  -3.344  -9.294  1.00 64.27  ? 157 ILE A CG1 1 
ATOM 1177 C CG2 . ILE A 1 157 ? 12.454  -1.938  -10.902 1.00 52.58  ? 157 ILE A CG2 1 
ATOM 1178 C CD1 . ILE A 1 157 ? 12.718  -4.521  -9.296  1.00 57.60  ? 157 ILE A CD1 1 
ATOM 1179 N N   . SER A 1 158 ? 12.742  1.262   -8.856  1.00 58.91  ? 158 SER A N   1 
ATOM 1180 C CA  . SER A 1 158 ? 12.370  2.685   -9.097  1.00 58.50  ? 158 SER A CA  1 
ATOM 1181 C C   . SER A 1 158 ? 13.574  3.631   -9.373  1.00 60.38  ? 158 SER A C   1 
ATOM 1182 O O   . SER A 1 158 ? 13.459  4.535   -10.223 1.00 61.89  ? 158 SER A O   1 
ATOM 1183 C CB  . SER A 1 158 ? 11.599  3.252   -7.901  1.00 60.95  ? 158 SER A CB  1 
ATOM 1184 O OG  . SER A 1 158 ? 12.502  3.728   -6.897  1.00 59.86  ? 158 SER A OG  1 
ATOM 1185 N N   . LYS A 1 159 ? 14.693  3.450   -8.645  1.00 54.34  ? 159 LYS A N   1 
ATOM 1186 C CA  . LYS A 1 159 ? 15.903  4.284   -8.841  1.00 57.28  ? 159 LYS A CA  1 
ATOM 1187 C C   . LYS A 1 159 ? 16.607  4.002   -10.166 1.00 57.30  ? 159 LYS A C   1 
ATOM 1188 O O   . LYS A 1 159 ? 17.092  4.909   -10.816 1.00 58.44  ? 159 LYS A O   1 
ATOM 1189 C CB  . LYS A 1 159 ? 16.903  4.128   -7.688  1.00 58.84  ? 159 LYS A CB  1 
ATOM 1190 C CG  . LYS A 1 159 ? 16.526  4.889   -6.386  1.00 65.05  ? 159 LYS A CG  1 
ATOM 1191 C CD  . LYS A 1 159 ? 17.705  4.926   -5.368  1.00 72.08  ? 159 LYS A CD  1 
ATOM 1192 C CE  . LYS A 1 159 ? 17.729  6.188   -4.428  1.00 74.67  ? 159 LYS A CE  1 
ATOM 1193 N N   . LYS A 1 160 ? 16.659  2.739   -10.577 1.00 62.64  ? 160 LYS A N   1 
ATOM 1194 C CA  . LYS A 1 160 ? 17.147  2.396   -11.910 1.00 57.13  ? 160 LYS A CA  1 
ATOM 1195 C C   . LYS A 1 160 ? 16.187  2.917   -13.011 1.00 59.37  ? 160 LYS A C   1 
ATOM 1196 O O   . LYS A 1 160 ? 16.618  3.444   -14.031 1.00 62.82  ? 160 LYS A O   1 
ATOM 1197 C CB  . LYS A 1 160 ? 17.364  0.883   -12.032 1.00 56.74  ? 160 LYS A CB  1 
ATOM 1198 C CG  . LYS A 1 160 ? 18.642  0.330   -11.342 1.00 58.74  ? 160 LYS A CG  1 
ATOM 1199 N N   . GLU A 1 161 ? 14.889  2.837   -12.800 1.00 54.38  ? 161 GLU A N   1 
ATOM 1200 C CA  . GLU A 1 161 ? 13.991  2.876   -13.934 1.00 54.88  ? 161 GLU A CA  1 
ATOM 1201 C C   . GLU A 1 161 ? 12.990  4.023   -14.015 1.00 58.76  ? 161 GLU A C   1 
ATOM 1202 O O   . GLU A 1 161 ? 12.193  4.074   -14.935 1.00 63.31  ? 161 GLU A O   1 
ATOM 1203 C CB  . GLU A 1 161 ? 13.220  1.580   -13.922 1.00 55.90  ? 161 GLU A CB  1 
ATOM 1204 C CG  . GLU A 1 161 ? 14.126  0.386   -13.748 1.00 61.14  ? 161 GLU A CG  1 
ATOM 1205 C CD  . GLU A 1 161 ? 14.730  -0.097  -15.045 1.00 75.73  ? 161 GLU A CD  1 
ATOM 1206 O OE1 . GLU A 1 161 ? 14.539  0.567   -16.103 1.00 74.61  ? 161 GLU A OE1 1 
ATOM 1207 O OE2 . GLU A 1 161 ? 15.378  -1.169  -14.993 1.00 76.18  ? 161 GLU A OE2 1 
ATOM 1208 N N   . MET A 1 162 ? 12.986  4.952   -13.082 1.00 63.54  ? 162 MET A N   1 
ATOM 1209 C CA  . MET A 1 162 ? 11.949  5.969   -13.124 1.00 67.84  ? 162 MET A CA  1 
ATOM 1210 C C   . MET A 1 162 ? 12.463  7.315   -12.719 1.00 67.22  ? 162 MET A C   1 
ATOM 1211 O O   . MET A 1 162 ? 13.479  7.438   -12.025 1.00 65.22  ? 162 MET A O   1 
ATOM 1212 C CB  . MET A 1 162 ? 10.793  5.575   -12.198 1.00 72.37  ? 162 MET A CB  1 
ATOM 1213 C CG  . MET A 1 162 ? 10.165  4.217   -12.542 1.00 71.14  ? 162 MET A CG  1 
ATOM 1214 S SD  . MET A 1 162 ? 8.840   3.780   -11.436 1.00 71.54  ? 162 MET A SD  1 
ATOM 1215 C CE  . MET A 1 162 ? 8.576   2.118   -11.960 1.00 81.13  ? 162 MET A CE  1 
ATOM 1216 N N   . GLN A 1 163 ? 11.741  8.338   -13.140 1.00 63.93  ? 163 GLN A N   1 
ATOM 1217 C CA  . GLN A 1 163 ? 12.119  9.660   -12.746 1.00 63.81  ? 163 GLN A CA  1 
ATOM 1218 C C   . GLN A 1 163 ? 11.883  9.722   -11.254 1.00 61.62  ? 163 GLN A C   1 
ATOM 1219 O O   . GLN A 1 163 ? 11.007  9.031   -10.730 1.00 61.99  ? 163 GLN A O   1 
ATOM 1220 C CB  . GLN A 1 163 ? 11.286  10.756  -13.466 1.00 66.92  ? 163 GLN A CB  1 
ATOM 1221 C CG  . GLN A 1 163 ? 11.462  10.890  -15.006 1.00 70.38  ? 163 GLN A CG  1 
ATOM 1222 C CD  . GLN A 1 163 ? 12.932  10.890  -15.509 1.00 80.91  ? 163 GLN A CD  1 
ATOM 1223 O OE1 . GLN A 1 163 ? 13.838  11.499  -14.913 1.00 95.58  ? 163 GLN A OE1 1 
ATOM 1224 N NE2 . GLN A 1 163 ? 13.156  10.208  -16.627 1.00 68.58  ? 163 GLN A NE2 1 
ATOM 1225 N N   . PRO A 1 164 ? 12.628  10.592  -10.567 1.00 61.64  ? 164 PRO A N   1 
ATOM 1226 C CA  . PRO A 1 164 ? 12.364  10.930  -9.182  1.00 60.20  ? 164 PRO A CA  1 
ATOM 1227 C C   . PRO A 1 164 ? 10.991  11.567  -8.950  1.00 57.71  ? 164 PRO A C   1 
ATOM 1228 O O   . PRO A 1 164 ? 10.515  11.601  -7.831  1.00 62.32  ? 164 PRO A O   1 
ATOM 1229 C CB  . PRO A 1 164 ? 13.442  11.972  -8.892  1.00 59.97  ? 164 PRO A CB  1 
ATOM 1230 C CG  . PRO A 1 164 ? 14.474  11.740  -9.856  1.00 54.27  ? 164 PRO A CG  1 
ATOM 1231 C CD  . PRO A 1 164 ? 13.780  11.349  -11.078 1.00 59.23  ? 164 PRO A CD  1 
ATOM 1232 N N   . THR A 1 165 ? 10.386  12.093  -10.006 1.00 60.76  ? 165 THR A N   1 
ATOM 1233 C CA  . THR A 1 165 ? 9.082   12.769  -9.951  1.00 60.37  ? 165 THR A CA  1 
ATOM 1234 C C   . THR A 1 165 ? 7.911   11.825  -10.282 1.00 60.32  ? 165 THR A C   1 
ATOM 1235 O O   . THR A 1 165 ? 6.741   12.199  -10.137 1.00 62.88  ? 165 THR A O   1 
ATOM 1236 C CB  . THR A 1 165 ? 9.071   13.956  -10.944 1.00 57.14  ? 165 THR A CB  1 
ATOM 1237 O OG1 . THR A 1 165 ? 9.797   13.592  -12.119 1.00 68.88  ? 165 THR A OG1 1 
ATOM 1238 C CG2 . THR A 1 165 ? 9.766   15.126  -10.349 1.00 61.49  ? 165 THR A CG2 1 
ATOM 1239 N N   . HIS A 1 166 ? 8.216   10.600  -10.707 1.00 57.18  ? 166 HIS A N   1 
ATOM 1240 C CA  . HIS A 1 166 ? 7.155   9.627   -10.981 1.00 55.69  ? 166 HIS A CA  1 
ATOM 1241 C C   . HIS A 1 166 ? 6.234   9.351   -9.774  1.00 55.62  ? 166 HIS A C   1 
ATOM 1242 O O   . HIS A 1 166 ? 6.690   8.932   -8.697  1.00 53.03  ? 166 HIS A O   1 
ATOM 1243 C CB  . HIS A 1 166 ? 7.724   8.316   -11.489 1.00 52.61  ? 166 HIS A CB  1 
ATOM 1244 C CG  . HIS A 1 166 ? 6.728   7.519   -12.251 1.00 46.75  ? 166 HIS A CG  1 
ATOM 1245 N ND1 . HIS A 1 166 ? 5.546   7.090   -11.690 1.00 49.54  ? 166 HIS A ND1 1 
ATOM 1246 C CD2 . HIS A 1 166 ? 6.718   7.093   -13.536 1.00 43.66  ? 166 HIS A CD2 1 
ATOM 1247 C CE1 . HIS A 1 166 ? 4.851   6.425   -12.597 1.00 62.85  ? 166 HIS A CE1 1 
ATOM 1248 N NE2 . HIS A 1 166 ? 5.540   6.411   -13.726 1.00 59.03  ? 166 HIS A NE2 1 
ATOM 1249 N N   . PRO A 1 167 ? 4.930   9.609   -9.943  1.00 57.33  ? 167 PRO A N   1 
ATOM 1250 C CA  . PRO A 1 167 ? 3.972   9.421   -8.854  1.00 60.06  ? 167 PRO A CA  1 
ATOM 1251 C C   . PRO A 1 167 ? 4.189   8.116   -8.100  1.00 53.32  ? 167 PRO A C   1 
ATOM 1252 O O   . PRO A 1 167 ? 4.385   8.155   -6.913  1.00 53.74  ? 167 PRO A O   1 
ATOM 1253 C CB  . PRO A 1 167 ? 2.623   9.426   -9.575  1.00 59.79  ? 167 PRO A CB  1 
ATOM 1254 C CG  . PRO A 1 167 ? 2.859   10.316  -10.750 1.00 63.15  ? 167 PRO A CG  1 
ATOM 1255 C CD  . PRO A 1 167 ? 4.273   10.096  -11.166 1.00 58.38  ? 167 PRO A CD  1 
ATOM 1256 N N   . ILE A 1 168 ? 4.212   6.987   -8.801  1.00 52.00  ? 168 ILE A N   1 
ATOM 1257 C CA  . ILE A 1 168 ? 4.518   5.688   -8.174  1.00 51.08  ? 168 ILE A CA  1 
ATOM 1258 C C   . ILE A 1 168 ? 5.806   5.695   -7.364  1.00 48.25  ? 168 ILE A C   1 
ATOM 1259 O O   . ILE A 1 168 ? 5.872   5.160   -6.261  1.00 49.23  ? 168 ILE A O   1 
ATOM 1260 C CB  . ILE A 1 168 ? 4.635   4.545   -9.203  1.00 42.74  ? 168 ILE A CB  1 
ATOM 1261 C CG1 . ILE A 1 168 ? 3.297   4.343   -9.896  1.00 45.42  ? 168 ILE A CG1 1 
ATOM 1262 C CG2 . ILE A 1 168 ? 5.057   3.253   -8.514  1.00 48.10  ? 168 ILE A CG2 1 
ATOM 1263 C CD1 . ILE A 1 168 ? 3.219   3.147   -10.811 1.00 58.15  ? 168 ILE A CD1 1 
ATOM 1264 N N   . ARG A 1 169 ? 6.840   6.285   -7.915  1.00 48.61  ? 169 ARG A N   1 
ATOM 1265 C CA  . ARG A 1 169 ? 8.085   6.261   -7.222  1.00 49.44  ? 169 ARG A CA  1 
ATOM 1266 C C   . ARG A 1 169 ? 7.987   7.150   -6.016  1.00 51.73  ? 169 ARG A C   1 
ATOM 1267 O O   . ARG A 1 169 ? 8.507   6.786   -4.961  1.00 55.98  ? 169 ARG A O   1 
ATOM 1268 C CB  . ARG A 1 169 ? 9.227   6.679   -8.124  1.00 49.06  ? 169 ARG A CB  1 
ATOM 1269 C CG  . ARG A 1 169 ? 10.495  6.813   -7.330  1.00 55.43  ? 169 ARG A CG  1 
ATOM 1270 C CD  . ARG A 1 169 ? 11.696  6.866   -8.203  1.00 53.68  ? 169 ARG A CD  1 
ATOM 1271 N NE  . ARG A 1 169 ? 12.810  7.454   -7.486  1.00 54.29  ? 169 ARG A NE  1 
ATOM 1272 C CZ  . ARG A 1 169 ? 13.993  7.681   -8.038  1.00 49.29  ? 169 ARG A CZ  1 
ATOM 1273 N NH1 . ARG A 1 169 ? 14.224  7.343   -9.303  1.00 62.17  ? 169 ARG A NH1 1 
ATOM 1274 N NH2 . ARG A 1 169 ? 14.949  8.234   -7.314  1.00 38.42  ? 169 ARG A NH2 1 
ATOM 1275 N N   . LEU A 1 170 ? 7.333   8.313   -6.155  1.00 57.01  ? 170 LEU A N   1 
ATOM 1276 C CA  . LEU A 1 170 ? 7.155   9.228   -5.014  1.00 55.88  ? 170 LEU A CA  1 
ATOM 1277 C C   . LEU A 1 170 ? 6.315   8.567   -3.935  1.00 56.11  ? 170 LEU A C   1 
ATOM 1278 O O   . LEU A 1 170 ? 6.589   8.685   -2.733  1.00 52.54  ? 170 LEU A O   1 
ATOM 1279 C CB  . LEU A 1 170 ? 6.469   10.486  -5.465  1.00 61.24  ? 170 LEU A CB  1 
ATOM 1280 C CG  . LEU A 1 170 ? 7.336   11.480  -6.253  1.00 73.19  ? 170 LEU A CG  1 
ATOM 1281 C CD1 . LEU A 1 170 ? 6.468   12.452  -7.072  1.00 70.81  ? 170 LEU A CD1 1 
ATOM 1282 C CD2 . LEU A 1 170 ? 8.224   12.255  -5.324  1.00 65.68  ? 170 LEU A CD2 1 
ATOM 1283 N N   . GLY A 1 171 ? 5.295   7.844   -4.391  1.00 57.51  ? 171 GLY A N   1 
ATOM 1284 C CA  . GLY A 1 171 ? 4.364   7.127   -3.520  1.00 57.81  ? 171 GLY A CA  1 
ATOM 1285 C C   . GLY A 1 171 ? 4.996   5.965   -2.799  1.00 57.92  ? 171 GLY A C   1 
ATOM 1286 O O   . GLY A 1 171 ? 4.602   5.635   -1.685  1.00 64.56  ? 171 GLY A O   1 
ATOM 1287 N N   . LEU A 1 172 ? 5.982   5.343   -3.432  1.00 56.12  ? 172 LEU A N   1 
ATOM 1288 C CA  . LEU A 1 172 ? 6.807   4.340   -2.770  1.00 48.54  ? 172 LEU A CA  1 
ATOM 1289 C C   . LEU A 1 172 ? 7.643   4.929   -1.651  1.00 45.84  ? 172 LEU A C   1 
ATOM 1290 O O   . LEU A 1 172 ? 7.811   4.296   -0.609  1.00 40.69  ? 172 LEU A O   1 
ATOM 1291 C CB  . LEU A 1 172 ? 7.743   3.676   -3.761  1.00 49.20  ? 172 LEU A CB  1 
ATOM 1292 C CG  . LEU A 1 172 ? 8.818   2.773   -3.152  1.00 53.78  ? 172 LEU A CG  1 
ATOM 1293 C CD1 . LEU A 1 172 ? 8.222   1.622   -2.342  1.00 50.95  ? 172 LEU A CD1 1 
ATOM 1294 C CD2 . LEU A 1 172 ? 9.659   2.248   -4.272  1.00 55.48  ? 172 LEU A CD2 1 
ATOM 1295 N N   . ALA A 1 173 ? 8.204   6.116   -1.878  1.00 53.35  ? 173 ALA A N   1 
ATOM 1296 C CA  . ALA A 1 173 ? 9.080   6.774   -0.891  1.00 49.39  ? 173 ALA A CA  1 
ATOM 1297 C C   . ALA A 1 173 ? 8.255   7.160   0.274   1.00 48.25  ? 173 ALA A C   1 
ATOM 1298 O O   . ALA A 1 173 ? 8.674   7.077   1.432   1.00 49.33  ? 173 ALA A O   1 
ATOM 1299 C CB  . ALA A 1 173 ? 9.673   8.003   -1.466  1.00 55.90  ? 173 ALA A CB  1 
ATOM 1300 N N   . LEU A 1 174 ? 7.055   7.611   -0.033  1.00 52.14  ? 174 LEU A N   1 
ATOM 1301 C CA  . LEU A 1 174 ? 6.164   8.035   1.027   1.00 51.82  ? 174 LEU A CA  1 
ATOM 1302 C C   . LEU A 1 174 ? 5.864   6.864   1.953   1.00 49.74  ? 174 LEU A C   1 
ATOM 1303 O O   . LEU A 1 174 ? 6.171   6.948   3.138   1.00 44.46  ? 174 LEU A O   1 
ATOM 1304 C CB  . LEU A 1 174 ? 4.884   8.618   0.453   1.00 50.38  ? 174 LEU A CB  1 
ATOM 1305 C CG  . LEU A 1 174 ? 3.953   9.111   1.538   1.00 47.47  ? 174 LEU A CG  1 
ATOM 1306 C CD1 . LEU A 1 174 ? 4.613   10.261  2.332   1.00 59.54  ? 174 LEU A CD1 1 
ATOM 1307 C CD2 . LEU A 1 174 ? 2.643   9.507   0.904   1.00 58.25  ? 174 LEU A CD2 1 
ATOM 1308 N N   . ASN A 1 175 ? 5.284   5.788   1.406   1.00 48.55  ? 175 ASN A N   1 
ATOM 1309 C CA  . ASN A 1 175 ? 4.969   4.588   2.201   1.00 48.95  ? 175 ASN A CA  1 
ATOM 1310 C C   . ASN A 1 175 ? 6.177   3.965   2.888   1.00 46.58  ? 175 ASN A C   1 
ATOM 1311 O O   . ASN A 1 175 ? 6.107   3.607   4.050   1.00 44.95  ? 175 ASN A O   1 
ATOM 1312 C CB  . ASN A 1 175 ? 4.207   3.543   1.359   1.00 48.03  ? 175 ASN A CB  1 
ATOM 1313 C CG  . ASN A 1 175 ? 2.802   4.026   1.025   1.00 62.11  ? 175 ASN A CG  1 
ATOM 1314 O OD1 . ASN A 1 175 ? 2.524   5.233   1.208   1.00 48.77  ? 175 ASN A OD1 1 
ATOM 1315 N ND2 . ASN A 1 175 ? 1.902   3.119   0.546   1.00 21.56  ? 175 ASN A ND2 1 
ATOM 1316 N N   . PHE A 1 176 ? 7.291   3.867   2.184   1.00 50.20  ? 176 PHE A N   1 
ATOM 1317 C CA  . PHE A 1 176 ? 8.505   3.293   2.764   1.00 48.68  ? 176 PHE A CA  1 
ATOM 1318 C C   . PHE A 1 176 ? 8.999   4.204   3.876   1.00 45.67  ? 176 PHE A C   1 
ATOM 1319 O O   . PHE A 1 176 ? 9.426   3.710   4.908   1.00 50.30  ? 176 PHE A O   1 
ATOM 1320 C CB  . PHE A 1 176 ? 9.585   3.083   1.679   1.00 44.76  ? 176 PHE A CB  1 
ATOM 1321 C CG  . PHE A 1 176 ? 10.700  2.115   2.053   1.00 47.45  ? 176 PHE A CG  1 
ATOM 1322 C CD1 . PHE A 1 176 ? 10.645  1.320   3.197   1.00 47.78  ? 176 PHE A CD1 1 
ATOM 1323 C CD2 . PHE A 1 176 ? 11.806  1.967   1.202   1.00 45.91  ? 176 PHE A CD2 1 
ATOM 1324 C CE1 . PHE A 1 176 ? 11.684  0.439   3.509   1.00 53.01  ? 176 PHE A CE1 1 
ATOM 1325 C CE2 . PHE A 1 176 ? 12.824  1.074   1.508   1.00 50.05  ? 176 PHE A CE2 1 
ATOM 1326 C CZ  . PHE A 1 176 ? 12.768  0.312   2.668   1.00 37.70  ? 176 PHE A CZ  1 
ATOM 1327 N N   . SER A 1 177 ? 8.912   5.521   3.712   1.00 41.50  ? 177 SER A N   1 
ATOM 1328 C CA  . SER A 1 177 ? 9.359   6.413   4.814   1.00 48.67  ? 177 SER A CA  1 
ATOM 1329 C C   . SER A 1 177 ? 8.518   6.167   6.088   1.00 51.10  ? 177 SER A C   1 
ATOM 1330 O O   . SER A 1 177 ? 9.065   6.034   7.194   1.00 55.29  ? 177 SER A O   1 
ATOM 1331 C CB  . SER A 1 177 ? 9.352   7.928   4.428   1.00 50.84  ? 177 SER A CB  1 
ATOM 1332 O OG  . SER A 1 177 ? 8.046   8.503   4.325   1.00 52.37  ? 177 SER A OG  1 
ATOM 1333 N N   . VAL A 1 178 ? 7.198   6.084   5.926   1.00 45.27  ? 178 VAL A N   1 
ATOM 1334 C CA  . VAL A 1 178 ? 6.294   5.828   7.046   1.00 48.28  ? 178 VAL A CA  1 
ATOM 1335 C C   . VAL A 1 178 ? 6.570   4.435   7.667   1.00 54.74  ? 178 VAL A C   1 
ATOM 1336 O O   . VAL A 1 178 ? 6.470   4.226   8.890   1.00 56.24  ? 178 VAL A O   1 
ATOM 1337 C CB  . VAL A 1 178 ? 4.835   5.915   6.586   1.00 50.65  ? 178 VAL A CB  1 
ATOM 1338 C CG1 . VAL A 1 178 ? 3.904   5.468   7.679   1.00 48.45  ? 178 VAL A CG1 1 
ATOM 1339 C CG2 . VAL A 1 178 ? 4.478   7.347   6.106   1.00 43.11  ? 178 VAL A CG2 1 
ATOM 1340 N N   . PHE A 1 179 ? 6.951   3.483   6.830   1.00 52.80  ? 179 PHE A N   1 
ATOM 1341 C CA  . PHE A 1 179 ? 7.313   2.193   7.345   1.00 52.24  ? 179 PHE A CA  1 
ATOM 1342 C C   . PHE A 1 179 ? 8.383   2.386   8.399   1.00 50.46  ? 179 PHE A C   1 
ATOM 1343 O O   . PHE A 1 179 ? 8.348   1.763   9.442   1.00 48.80  ? 179 PHE A O   1 
ATOM 1344 C CB  . PHE A 1 179 ? 7.823   1.282   6.236   1.00 50.51  ? 179 PHE A CB  1 
ATOM 1345 C CG  . PHE A 1 179 ? 8.483   0.057   6.744   1.00 54.90  ? 179 PHE A CG  1 
ATOM 1346 C CD1 . PHE A 1 179 ? 7.727   -1.017  7.176   1.00 56.43  ? 179 PHE A CD1 1 
ATOM 1347 C CD2 . PHE A 1 179 ? 9.868   -0.023  6.809   1.00 56.28  ? 179 PHE A CD2 1 
ATOM 1348 C CE1 . PHE A 1 179 ? 8.344   -2.162  7.676   1.00 56.84  ? 179 PHE A CE1 1 
ATOM 1349 C CE2 . PHE A 1 179 ? 10.490  -1.168  7.288   1.00 56.74  ? 179 PHE A CE2 1 
ATOM 1350 C CZ  . PHE A 1 179 ? 9.729   -2.234  7.729   1.00 50.47  ? 179 PHE A CZ  1 
ATOM 1351 N N   . TYR A 1 180 ? 9.344   3.252   8.124   1.00 49.82  ? 180 TYR A N   1 
ATOM 1352 C CA  . TYR A 1 180 ? 10.437  3.423   9.077   1.00 53.69  ? 180 TYR A CA  1 
ATOM 1353 C C   . TYR A 1 180 ? 9.978   4.118   10.327  1.00 58.92  ? 180 TYR A C   1 
ATOM 1354 O O   . TYR A 1 180 ? 10.399  3.731   11.420  1.00 55.03  ? 180 TYR A O   1 
ATOM 1355 C CB  . TYR A 1 180 ? 11.604  4.196   8.483   1.00 52.35  ? 180 TYR A CB  1 
ATOM 1356 C CG  . TYR A 1 180 ? 12.507  3.339   7.636   1.00 53.38  ? 180 TYR A CG  1 
ATOM 1357 C CD1 . TYR A 1 180 ? 13.358  2.396   8.209   1.00 46.02  ? 180 TYR A CD1 1 
ATOM 1358 C CD2 . TYR A 1 180 ? 12.501  3.466   6.265   1.00 55.87  ? 180 TYR A CD2 1 
ATOM 1359 C CE1 . TYR A 1 180 ? 14.165  1.628   7.421   1.00 51.52  ? 180 TYR A CE1 1 
ATOM 1360 C CE2 . TYR A 1 180 ? 13.292  2.704   5.492   1.00 60.22  ? 180 TYR A CE2 1 
ATOM 1361 C CZ  . TYR A 1 180 ? 14.128  1.796   6.065   1.00 45.75  ? 180 TYR A CZ  1 
ATOM 1362 O OH  . TYR A 1 180 ? 14.896  1.066   5.222   1.00 51.35  ? 180 TYR A OH  1 
ATOM 1363 N N   . TYR A 1 181 ? 9.123   5.138   10.148  1.00 64.42  ? 181 TYR A N   1 
ATOM 1364 C CA  . TYR A 1 181 ? 8.662   5.992   11.234  1.00 59.86  ? 181 TYR A CA  1 
ATOM 1365 C C   . TYR A 1 181 ? 7.758   5.228   12.153  1.00 59.06  ? 181 TYR A C   1 
ATOM 1366 O O   . TYR A 1 181 ? 7.983   5.216   13.341  1.00 65.24  ? 181 TYR A O   1 
ATOM 1367 C CB  . TYR A 1 181 ? 7.884   7.210   10.716  1.00 64.69  ? 181 TYR A CB  1 
ATOM 1368 C CG  . TYR A 1 181 ? 7.461   8.157   11.850  1.00 69.27  ? 181 TYR A CG  1 
ATOM 1369 C CD1 . TYR A 1 181 ? 8.315   9.160   12.294  1.00 80.23  ? 181 TYR A CD1 1 
ATOM 1370 C CD2 . TYR A 1 181 ? 6.229   8.023   12.491  1.00 70.36  ? 181 TYR A CD2 1 
ATOM 1371 C CE1 . TYR A 1 181 ? 7.963   10.012  13.322  1.00 77.08  ? 181 TYR A CE1 1 
ATOM 1372 C CE2 . TYR A 1 181 ? 5.864   8.873   13.526  1.00 70.79  ? 181 TYR A CE2 1 
ATOM 1373 C CZ  . TYR A 1 181 ? 6.739   9.873   13.937  1.00 81.55  ? 181 TYR A CZ  1 
ATOM 1374 O OH  . TYR A 1 181 ? 6.413   10.740  14.970  1.00 74.11  ? 181 TYR A OH  1 
ATOM 1375 N N   . GLU A 1 182 ? 6.725   4.615   11.590  1.00 57.81  ? 182 GLU A N   1 
ATOM 1376 C CA  . GLU A 1 182 ? 5.676   3.975   12.355  1.00 56.05  ? 182 GLU A CA  1 
ATOM 1377 C C   . GLU A 1 182 ? 6.010   2.544   12.753  1.00 56.81  ? 182 GLU A C   1 
ATOM 1378 O O   . GLU A 1 182 ? 5.672   2.130   13.852  1.00 63.67  ? 182 GLU A O   1 
ATOM 1379 C CB  . GLU A 1 182 ? 4.368   3.975   11.566  1.00 56.09  ? 182 GLU A CB  1 
ATOM 1380 C CG  . GLU A 1 182 ? 3.419   5.082   11.945  1.00 57.25  ? 182 GLU A CG  1 
ATOM 1381 C CD  . GLU A 1 182 ? 2.455   5.447   10.832  1.00 60.49  ? 182 GLU A CD  1 
ATOM 1382 O OE1 . GLU A 1 182 ? 1.780   4.546   10.294  1.00 55.06  ? 182 GLU A OE1 1 
ATOM 1383 O OE2 . GLU A 1 182 ? 2.387   6.653   10.477  1.00 70.71  ? 182 GLU A OE2 1 
ATOM 1384 N N   . ILE A 1 183 ? 6.661   1.781   11.894  1.00 49.51  ? 183 ILE A N   1 
ATOM 1385 C CA  . ILE A 1 183 ? 6.830   0.353   12.176  1.00 55.57  ? 183 ILE A CA  1 
ATOM 1386 C C   . ILE A 1 183 ? 8.202   0.059   12.758  1.00 59.72  ? 183 ILE A C   1 
ATOM 1387 O O   . ILE A 1 183 ? 8.313   -0.612  13.780  1.00 65.22  ? 183 ILE A O   1 
ATOM 1388 C CB  . ILE A 1 183 ? 6.624   -0.500  10.916  1.00 59.29  ? 183 ILE A CB  1 
ATOM 1389 C CG1 . ILE A 1 183 ? 5.380   -0.003  10.129  1.00 73.72  ? 183 ILE A CG1 1 
ATOM 1390 C CG2 . ILE A 1 183 ? 6.537   -2.008  11.248  1.00 45.85  ? 183 ILE A CG2 1 
ATOM 1391 C CD1 . ILE A 1 183 ? 4.055   0.084   10.912  1.00 63.21  ? 183 ILE A CD1 1 
ATOM 1392 N N   . LEU A 1 184 ? 9.249   0.569   12.122  1.00 60.47  ? 184 LEU A N   1 
ATOM 1393 C CA  . LEU A 1 184 ? 10.597  0.425   12.668  1.00 59.79  ? 184 LEU A CA  1 
ATOM 1394 C C   . LEU A 1 184 ? 10.959  1.437   13.772  1.00 61.26  ? 184 LEU A C   1 
ATOM 1395 O O   . LEU A 1 184 ? 11.979  1.293   14.458  1.00 59.68  ? 184 LEU A O   1 
ATOM 1396 C CB  . LEU A 1 184 ? 11.635  0.465   11.546  1.00 56.63  ? 184 LEU A CB  1 
ATOM 1397 C CG  . LEU A 1 184 ? 12.103  -0.895  11.014  1.00 59.13  ? 184 LEU A CG  1 
ATOM 1398 C CD1 . LEU A 1 184 ? 13.482  -0.742  10.364  1.00 60.84  ? 184 LEU A CD1 1 
ATOM 1399 C CD2 . LEU A 1 184 ? 12.170  -1.982  12.101  1.00 53.17  ? 184 LEU A CD2 1 
ATOM 1400 N N   . ASN A 1 185 ? 10.131  2.455   13.942  1.00 64.50  ? 185 ASN A N   1 
ATOM 1401 C CA  . ASN A 1 185 ? 10.379  3.483   14.943  1.00 71.16  ? 185 ASN A CA  1 
ATOM 1402 C C   . ASN A 1 185 ? 11.791  4.097   14.840  1.00 70.96  ? 185 ASN A C   1 
ATOM 1403 O O   . ASN A 1 185 ? 12.502  4.306   15.829  1.00 72.92  ? 185 ASN A O   1 
ATOM 1404 C CB  . ASN A 1 185 ? 10.082  2.945   16.343  1.00 75.77  ? 185 ASN A CB  1 
ATOM 1405 C CG  . ASN A 1 185 ? 9.773   4.052   17.317  1.00 81.47  ? 185 ASN A CG  1 
ATOM 1406 O OD1 . ASN A 1 185 ? 8.843   4.835   17.104  1.00 86.22  ? 185 ASN A OD1 1 
ATOM 1407 N ND2 . ASN A 1 185 ? 10.577  4.153   18.377  1.00 69.95  ? 185 ASN A ND2 1 
ATOM 1408 N N   . SER A 1 186 ? 12.163  4.385   13.601  1.00 69.30  ? 186 SER A N   1 
ATOM 1409 C CA  . SER A 1 186 ? 13.421  4.988   13.270  1.00 67.57  ? 186 SER A CA  1 
ATOM 1410 C C   . SER A 1 186 ? 13.041  6.224   12.477  1.00 62.93  ? 186 SER A C   1 
ATOM 1411 O O   . SER A 1 186 ? 12.938  6.170   11.241  1.00 58.27  ? 186 SER A O   1 
ATOM 1412 C CB  . SER A 1 186 ? 14.276  4.021   12.447  1.00 68.98  ? 186 SER A CB  1 
ATOM 1413 O OG  . SER A 1 186 ? 15.541  4.611   12.154  1.00 80.91  ? 186 SER A OG  1 
ATOM 1414 N N   . PRO A 1 187 ? 12.742  7.321   13.190  1.00 60.04  ? 187 PRO A N   1 
ATOM 1415 C CA  . PRO A 1 187 ? 12.375  8.599   12.542  1.00 58.19  ? 187 PRO A CA  1 
ATOM 1416 C C   . PRO A 1 187 ? 13.516  9.273   11.776  1.00 51.94  ? 187 PRO A C   1 
ATOM 1417 O O   . PRO A 1 187 ? 13.317  9.858   10.711  1.00 56.77  ? 187 PRO A O   1 
ATOM 1418 C CB  . PRO A 1 187 ? 11.919  9.473   13.706  1.00 56.63  ? 187 PRO A CB  1 
ATOM 1419 C CG  . PRO A 1 187 ? 12.578  8.858   14.936  1.00 57.93  ? 187 PRO A CG  1 
ATOM 1420 C CD  . PRO A 1 187 ? 12.676  7.394   14.662  1.00 59.72  ? 187 PRO A CD  1 
ATOM 1421 N N   . GLU A 1 188 ? 14.716  9.187   12.283  1.00 51.97  ? 188 GLU A N   1 
ATOM 1422 C CA  . GLU A 1 188 ? 15.822  9.898   11.607  1.00 56.44  ? 188 GLU A CA  1 
ATOM 1423 C C   . GLU A 1 188 ? 15.927  9.363   10.185  1.00 50.34  ? 188 GLU A C   1 
ATOM 1424 O O   . GLU A 1 188 ? 16.125  10.125  9.256   1.00 54.77  ? 188 GLU A O   1 
ATOM 1425 C CB  . GLU A 1 188 ? 17.167  9.757   12.364  1.00 63.31  ? 188 GLU A CB  1 
ATOM 1426 C CG  . GLU A 1 188 ? 17.147  9.934   13.938  1.00 63.38  ? 188 GLU A CG  1 
ATOM 1427 C CD  . GLU A 1 188 ? 16.640  8.690   14.692  1.00 78.50  ? 188 GLU A CD  1 
ATOM 1428 O OE1 . GLU A 1 188 ? 16.676  7.561   14.115  1.00 89.09  ? 188 GLU A OE1 1 
ATOM 1429 O OE2 . GLU A 1 188 ? 16.176  8.853   15.848  1.00 68.09  ? 188 GLU A OE2 1 
ATOM 1430 N N   . LYS A 1 189 ? 15.744  8.048   10.047  1.00 52.85  ? 189 LYS A N   1 
ATOM 1431 C CA  . LYS A 1 189 ? 15.750  7.305   8.765   1.00 52.36  ? 189 LYS A CA  1 
ATOM 1432 C C   . LYS A 1 189 ? 14.561  7.597   7.882   1.00 49.60  ? 189 LYS A C   1 
ATOM 1433 O O   . LYS A 1 189 ? 14.713  7.742   6.668   1.00 53.79  ? 189 LYS A O   1 
ATOM 1434 C CB  . LYS A 1 189 ? 15.746  5.786   9.019   1.00 53.89  ? 189 LYS A CB  1 
ATOM 1435 C CG  . LYS A 1 189 ? 15.772  4.903   7.739   1.00 60.57  ? 189 LYS A CG  1 
ATOM 1436 C CD  . LYS A 1 189 ? 17.024  5.087   6.868   1.00 58.24  ? 189 LYS A CD  1 
ATOM 1437 C CE  . LYS A 1 189 ? 16.816  4.515   5.474   1.00 59.48  ? 189 LYS A CE  1 
ATOM 1438 N NZ  . LYS A 1 189 ? 17.957  4.751   4.565   1.00 49.42  ? 189 LYS A NZ  1 
ATOM 1439 N N   . ALA A 1 190 ? 13.377  7.611   8.484   1.00 47.01  ? 190 ALA A N   1 
ATOM 1440 C CA  . ALA A 1 190 ? 12.180  8.073   7.818   1.00 47.45  ? 190 ALA A CA  1 
ATOM 1441 C C   . ALA A 1 190 ? 12.424  9.435   7.217   1.00 49.44  ? 190 ALA A C   1 
ATOM 1442 O O   . ALA A 1 190 ? 12.100  9.620   6.056   1.00 54.10  ? 190 ALA A O   1 
ATOM 1443 C CB  . ALA A 1 190 ? 11.009  8.138   8.778   1.00 53.28  ? 190 ALA A CB  1 
ATOM 1444 N N   . CYS A 1 191 ? 13.015  10.374  7.972   1.00 51.41  ? 191 CYS A N   1 
ATOM 1445 C CA  . CYS A 1 191 ? 13.317  11.714  7.414   1.00 58.69  ? 191 CYS A CA  1 
ATOM 1446 C C   . CYS A 1 191 ? 14.338  11.680  6.313   1.00 60.25  ? 191 CYS A C   1 
ATOM 1447 O O   . CYS A 1 191 ? 14.159  12.333  5.271   1.00 59.44  ? 191 CYS A O   1 
ATOM 1448 C CB  . CYS A 1 191 ? 13.844  12.671  8.463   1.00 60.18  ? 191 CYS A CB  1 
ATOM 1449 S SG  . CYS A 1 191 ? 12.586  13.107  9.605   1.00 69.93  ? 191 CYS A SG  1 
ATOM 1450 N N   . SER A 1 192 ? 15.425  10.953  6.571   1.00 58.53  ? 192 SER A N   1 
ATOM 1451 C CA  . SER A 1 192 ? 16.525  10.823  5.612   1.00 56.43  ? 192 SER A CA  1 
ATOM 1452 C C   . SER A 1 192 ? 15.987  10.300  4.311   1.00 58.08  ? 192 SER A C   1 
ATOM 1453 O O   . SER A 1 192 ? 16.182  10.909  3.263   1.00 57.14  ? 192 SER A O   1 
ATOM 1454 C CB  . SER A 1 192 ? 17.610  9.882   6.166   1.00 58.07  ? 192 SER A CB  1 
ATOM 1455 O OG  . SER A 1 192 ? 18.409  9.326   5.138   1.00 66.32  ? 192 SER A OG  1 
ATOM 1456 N N   . LEU A 1 193 ? 15.258  9.191   4.404   1.00 62.59  ? 193 LEU A N   1 
ATOM 1457 C CA  . LEU A 1 193 ? 14.647  8.555   3.240   1.00 59.71  ? 193 LEU A CA  1 
ATOM 1458 C C   . LEU A 1 193 ? 13.697  9.508   2.507   1.00 54.38  ? 193 LEU A C   1 
ATOM 1459 O O   . LEU A 1 193 ? 13.534  9.430   1.297   1.00 56.54  ? 193 LEU A O   1 
ATOM 1460 C CB  . LEU A 1 193 ? 13.875  7.289   3.665   1.00 54.96  ? 193 LEU A CB  1 
ATOM 1461 C CG  . LEU A 1 193 ? 13.477  6.453   2.455   1.00 49.12  ? 193 LEU A CG  1 
ATOM 1462 C CD1 . LEU A 1 193 ? 14.237  5.144   2.403   1.00 70.33  ? 193 LEU A CD1 1 
ATOM 1463 C CD2 . LEU A 1 193 ? 12.001  6.204   2.462   1.00 63.05  ? 193 LEU A CD2 1 
ATOM 1464 N N   . ALA A 1 194 ? 13.041  10.383  3.247   1.00 51.83  ? 194 ALA A N   1 
ATOM 1465 C CA  . ALA A 1 194 ? 12.093  11.317  2.639   1.00 53.19  ? 194 ALA A CA  1 
ATOM 1466 C C   . ALA A 1 194 ? 12.773  12.552  2.103   1.00 53.86  ? 194 ALA A C   1 
ATOM 1467 O O   . ALA A 1 194 ? 12.423  12.973  1.005   1.00 54.27  ? 194 ALA A O   1 
ATOM 1468 C CB  . ALA A 1 194 ? 10.994  11.691  3.600   1.00 52.45  ? 194 ALA A CB  1 
ATOM 1469 N N   . LYS A 1 195 ? 13.746  13.128  2.818   1.00 57.90  ? 195 LYS A N   1 
ATOM 1470 C CA  . LYS A 1 195 ? 14.392  14.313  2.251   1.00 63.66  ? 195 LYS A CA  1 
ATOM 1471 C C   . LYS A 1 195 ? 15.023  13.895  0.930   1.00 59.97  ? 195 LYS A C   1 
ATOM 1472 O O   . LYS A 1 195 ? 14.826  14.561  -0.096  1.00 59.68  ? 195 LYS A O   1 
ATOM 1473 C CB  . LYS A 1 195 ? 15.397  15.057  3.169   1.00 62.06  ? 195 LYS A CB  1 
ATOM 1474 C CG  . LYS A 1 195 ? 15.423  16.603  2.809   1.00 69.75  ? 195 LYS A CG  1 
ATOM 1475 C CD  . LYS A 1 195 ? 16.636  17.454  3.319   1.00 70.91  ? 195 LYS A CD  1 
ATOM 1476 N N   . THR A 1 196 ? 15.724  12.768  0.935   1.00 56.06  ? 196 THR A N   1 
ATOM 1477 C CA  . THR A 1 196 ? 16.348  12.291  -0.299  1.00 53.87  ? 196 THR A CA  1 
ATOM 1478 C C   . THR A 1 196 ? 15.340  12.272  -1.410  1.00 50.76  ? 196 THR A C   1 
ATOM 1479 O O   . THR A 1 196 ? 15.613  12.805  -2.485  1.00 49.99  ? 196 THR A O   1 
ATOM 1480 C CB  . THR A 1 196 ? 16.926  10.866  -0.188  1.00 51.39  ? 196 THR A CB  1 
ATOM 1481 O OG1 . THR A 1 196 ? 17.919  10.839  0.834   1.00 56.49  ? 196 THR A OG1 1 
ATOM 1482 C CG2 . THR A 1 196 ? 17.597  10.465  -1.461  1.00 48.17  ? 196 THR A CG2 1 
ATOM 1483 N N   . ALA A 1 197 ? 14.186  11.646  -1.174  1.00 48.37  ? 197 ALA A N   1 
ATOM 1484 C CA  . ALA A 1 197 ? 13.224  11.426  -2.273  1.00 52.40  ? 197 ALA A CA  1 
ATOM 1485 C C   . ALA A 1 197 ? 12.651  12.725  -2.761  1.00 55.43  ? 197 ALA A C   1 
ATOM 1486 O O   . ALA A 1 197 ? 12.438  12.878  -3.956  1.00 57.45  ? 197 ALA A O   1 
ATOM 1487 C CB  . ALA A 1 197 ? 12.108  10.519  -1.855  1.00 54.54  ? 197 ALA A CB  1 
ATOM 1488 N N   . PHE A 1 198 ? 12.404  13.642  -1.820  1.00 57.49  ? 198 PHE A N   1 
ATOM 1489 C CA  . PHE A 1 198 ? 11.953  14.988  -2.118  1.00 52.90  ? 198 PHE A CA  1 
ATOM 1490 C C   . PHE A 1 198 ? 13.010  15.721  -2.935  1.00 55.02  ? 198 PHE A C   1 
ATOM 1491 O O   . PHE A 1 198 ? 12.737  16.140  -4.088  1.00 58.29  ? 198 PHE A O   1 
ATOM 1492 C CB  . PHE A 1 198 ? 11.654  15.749  -0.824  1.00 55.10  ? 198 PHE A CB  1 
ATOM 1493 C CG  . PHE A 1 198 ? 11.013  17.122  -1.042  1.00 72.45  ? 198 PHE A CG  1 
ATOM 1494 C CD1 . PHE A 1 198 ? 9.720   17.242  -1.573  1.00 73.50  ? 198 PHE A CD1 1 
ATOM 1495 C CD2 . PHE A 1 198 ? 11.691  18.295  -0.704  1.00 69.00  ? 198 PHE A CD2 1 
ATOM 1496 C CE1 . PHE A 1 198 ? 9.122   18.505  -1.753  1.00 58.77  ? 198 PHE A CE1 1 
ATOM 1497 C CE2 . PHE A 1 198 ? 11.089  19.558  -0.889  1.00 57.15  ? 198 PHE A CE2 1 
ATOM 1498 C CZ  . PHE A 1 198 ? 9.808   19.650  -1.411  1.00 61.74  ? 198 PHE A CZ  1 
ATOM 1499 N N   . ASP A 1 199 ? 14.214  15.852  -2.372  1.00 50.55  ? 199 ASP A N   1 
ATOM 1500 C CA  . ASP A 1 199 ? 15.302  16.575  -3.056  1.00 53.05  ? 199 ASP A CA  1 
ATOM 1501 C C   . ASP A 1 199 ? 15.571  16.076  -4.504  1.00 54.68  ? 199 ASP A C   1 
ATOM 1502 O O   . ASP A 1 199 ? 15.754  16.892  -5.423  1.00 52.70  ? 199 ASP A O   1 
ATOM 1503 C CB  . ASP A 1 199 ? 16.573  16.593  -2.205  1.00 50.84  ? 199 ASP A CB  1 
ATOM 1504 C CG  . ASP A 1 199 ? 16.423  17.441  -0.907  1.00 62.80  ? 199 ASP A CG  1 
ATOM 1505 O OD1 . ASP A 1 199 ? 15.617  18.407  -0.895  1.00 66.52  ? 199 ASP A OD1 1 
ATOM 1506 O OD2 . ASP A 1 199 ? 17.122  17.143  0.101   1.00 58.33  ? 199 ASP A OD2 1 
ATOM 1507 N N   . GLU A 1 200 ? 15.548  14.756  -4.719  1.00 58.26  ? 200 GLU A N   1 
ATOM 1508 C CA  . GLU A 1 200 ? 15.774  14.209  -6.063  1.00 62.92  ? 200 GLU A CA  1 
ATOM 1509 C C   . GLU A 1 200 ? 14.640  14.653  -7.004  1.00 61.42  ? 200 GLU A C   1 
ATOM 1510 O O   . GLU A 1 200 ? 14.866  14.899  -8.184  1.00 56.26  ? 200 GLU A O   1 
ATOM 1511 C CB  . GLU A 1 200 ? 15.932  12.669  -6.056  1.00 61.39  ? 200 GLU A CB  1 
ATOM 1512 C CG  . GLU A 1 200 ? 17.224  12.134  -5.362  1.00 73.75  ? 200 GLU A CG  1 
ATOM 1513 C CD  . GLU A 1 200 ? 17.331  10.575  -5.313  1.00 81.11  ? 200 GLU A CD  1 
ATOM 1514 O OE1 . GLU A 1 200 ? 16.732  9.887   -6.170  1.00 92.63  ? 200 GLU A OE1 1 
ATOM 1515 O OE2 . GLU A 1 200 ? 18.036  10.026  -4.428  1.00 93.83  ? 200 GLU A OE2 1 
ATOM 1516 N N   . ALA A 1 201 ? 13.423  14.764  -6.491  1.00 61.49  ? 201 ALA A N   1 
ATOM 1517 C CA  . ALA A 1 201 ? 12.325  15.234  -7.324  1.00 64.09  ? 201 ALA A CA  1 
ATOM 1518 C C   . ALA A 1 201 ? 12.460  16.728  -7.600  1.00 67.36  ? 201 ALA A C   1 
ATOM 1519 O O   . ALA A 1 201 ? 12.438  17.130  -8.752  1.00 68.30  ? 201 ALA A O   1 
ATOM 1520 C CB  . ALA A 1 201 ? 11.015  14.932  -6.698  1.00 65.68  ? 201 ALA A CB  1 
ATOM 1521 N N   . ILE A 1 202 ? 12.647  17.545  -6.565  1.00 70.76  ? 202 ILE A N   1 
ATOM 1522 C CA  . ILE A 1 202 ? 12.805  18.995  -6.783  1.00 75.14  ? 202 ILE A CA  1 
ATOM 1523 C C   . ILE A 1 202 ? 14.063  19.368  -7.567  1.00 81.48  ? 202 ILE A C   1 
ATOM 1524 O O   . ILE A 1 202 ? 14.216  20.540  -7.923  1.00 90.17  ? 202 ILE A O   1 
ATOM 1525 C CB  . ILE A 1 202 ? 12.846  19.846  -5.484  1.00 70.95  ? 202 ILE A CB  1 
ATOM 1526 C CG1 . ILE A 1 202 ? 14.161  19.590  -4.726  1.00 78.11  ? 202 ILE A CG1 1 
ATOM 1527 C CG2 . ILE A 1 202 ? 11.592  19.616  -4.628  1.00 70.68  ? 202 ILE A CG2 1 
ATOM 1528 C CD1 . ILE A 1 202 ? 14.319  20.345  -3.373  1.00 78.00  ? 202 ILE A CD1 1 
ATOM 1529 N N   . ALA A 1 203 ? 14.987  18.430  -7.806  1.00 82.52  ? 203 ALA A N   1 
ATOM 1530 C CA  . ALA A 1 203 ? 16.117  18.731  -8.712  1.00 78.98  ? 203 ALA A CA  1 
ATOM 1531 C C   . ALA A 1 203 ? 15.623  18.627  -10.149 1.00 80.39  ? 203 ALA A C   1 
ATOM 1532 O O   . ALA A 1 203 ? 15.844  19.544  -10.946 1.00 86.83  ? 203 ALA A O   1 
ATOM 1533 C CB  . ALA A 1 203 ? 17.318  17.828  -8.463  1.00 73.81  ? 203 ALA A CB  1 
ATOM 1534 N N   . GLU A 1 204 ? 14.885  17.559  -10.453 1.00 77.15  ? 204 GLU A N   1 
ATOM 1535 C CA  . GLU A 1 204 ? 14.410  17.326  -11.806 1.00 78.48  ? 204 GLU A CA  1 
ATOM 1536 C C   . GLU A 1 204 ? 13.010  17.910  -11.996 1.00 74.67  ? 204 GLU A C   1 
ATOM 1537 O O   . GLU A 1 204 ? 12.083  17.219  -12.368 1.00 75.66  ? 204 GLU A O   1 
ATOM 1538 C CB  . GLU A 1 204 ? 14.544  15.826  -12.199 1.00 78.92  ? 204 GLU A CB  1 
ATOM 1539 C CG  . GLU A 1 204 ? 15.841  15.517  -13.058 1.00 82.09  ? 204 GLU A CG  1 
ATOM 1540 C CD  . GLU A 1 204 ? 16.380  14.086  -12.897 1.00 85.44  ? 204 GLU A CD  1 
ATOM 1541 O OE1 . GLU A 1 204 ? 16.308  13.276  -13.857 1.00 101.09 ? 204 GLU A OE1 1 
ATOM 1542 O OE2 . GLU A 1 204 ? 16.884  13.768  -11.804 1.00 84.50  ? 204 GLU A OE2 1 
ATOM 1543 N N   . LEU A 1 205 ? 12.901  19.219  -11.780 1.00 76.51  ? 205 LEU A N   1 
ATOM 1544 C CA  . LEU A 1 205 ? 11.645  19.974  -11.941 1.00 78.92  ? 205 LEU A CA  1 
ATOM 1545 C C   . LEU A 1 205 ? 11.245  20.114  -13.390 1.00 78.40  ? 205 LEU A C   1 
ATOM 1546 O O   . LEU A 1 205 ? 10.063  20.210  -13.706 1.00 74.22  ? 205 LEU A O   1 
ATOM 1547 C CB  . LEU A 1 205 ? 11.807  21.405  -11.426 1.00 85.12  ? 205 LEU A CB  1 
ATOM 1548 C CG  . LEU A 1 205 ? 12.371  21.663  -10.027 1.00 88.68  ? 205 LEU A CG  1 
ATOM 1549 C CD1 . LEU A 1 205 ? 13.322  22.904  -10.026 1.00 79.82  ? 205 LEU A CD1 1 
ATOM 1550 C CD2 . LEU A 1 205 ? 11.205  21.760  -9.013  1.00 79.52  ? 205 LEU A CD2 1 
ATOM 1551 N N   . ASP A 1 206 ? 12.246  20.219  -14.259 1.00 81.52  ? 206 ASP A N   1 
ATOM 1552 C CA  . ASP A 1 206 ? 12.008  20.247  -15.697 1.00 86.41  ? 206 ASP A CA  1 
ATOM 1553 C C   . ASP A 1 206 ? 11.400  18.935  -16.193 1.00 88.37  ? 206 ASP A C   1 
ATOM 1554 O O   . ASP A 1 206 ? 10.716  18.926  -17.196 1.00 88.64  ? 206 ASP A O   1 
ATOM 1555 C CB  . ASP A 1 206 ? 13.278  20.607  -16.501 1.00 88.34  ? 206 ASP A CB  1 
ATOM 1556 C CG  . ASP A 1 206 ? 14.605  20.216  -15.795 1.00 97.01  ? 206 ASP A CG  1 
ATOM 1557 O OD1 . ASP A 1 206 ? 14.901  18.989  -15.670 1.00 83.22  ? 206 ASP A OD1 1 
ATOM 1558 O OD2 . ASP A 1 206 ? 15.365  21.159  -15.411 1.00 86.00  ? 206 ASP A OD2 1 
ATOM 1559 N N   . THR A 1 207 ? 11.622  17.836  -15.477 1.00 94.32  ? 207 THR A N   1 
ATOM 1560 C CA  . THR A 1 207 ? 11.072  16.529  -15.882 1.00 97.31  ? 207 THR A CA  1 
ATOM 1561 C C   . THR A 1 207 ? 9.566   16.370  -15.555 1.00 100.47 ? 207 THR A C   1 
ATOM 1562 O O   . THR A 1 207 ? 8.822   15.746  -16.314 1.00 103.24 ? 207 THR A O   1 
ATOM 1563 C CB  . THR A 1 207 ? 11.885  15.338  -15.295 1.00 96.72  ? 207 THR A CB  1 
ATOM 1564 O OG1 . THR A 1 207 ? 11.635  15.188  -13.884 1.00 88.40  ? 207 THR A OG1 1 
ATOM 1565 C CG2 . THR A 1 207 ? 13.382  15.539  -15.567 1.00 95.71  ? 207 THR A CG2 1 
ATOM 1566 N N   . LEU A 1 208 ? 9.126   16.919  -14.425 1.00 98.83  ? 208 LEU A N   1 
ATOM 1567 C CA  . LEU A 1 208 ? 7.706   17.063  -14.143 1.00 95.60  ? 208 LEU A CA  1 
ATOM 1568 C C   . LEU A 1 208 ? 6.970   17.264  -15.453 1.00 97.23  ? 208 LEU A C   1 
ATOM 1569 O O   . LEU A 1 208 ? 7.255   18.231  -16.178 1.00 96.52  ? 208 LEU A O   1 
ATOM 1570 C CB  . LEU A 1 208 ? 7.468   18.308  -13.272 1.00 97.48  ? 208 LEU A CB  1 
ATOM 1571 C CG  . LEU A 1 208 ? 7.841   18.297  -11.780 1.00 95.75  ? 208 LEU A CG  1 
ATOM 1572 C CD1 . LEU A 1 208 ? 8.094   19.702  -11.192 1.00 86.86  ? 208 LEU A CD1 1 
ATOM 1573 C CD2 . LEU A 1 208 ? 6.755   17.582  -10.985 1.00 92.18  ? 208 LEU A CD2 1 
ATOM 1574 N N   . ASN A 1 209 ? 6.042   16.365  -15.780 1.00 101.02 ? 209 ASN A N   1 
ATOM 1575 C CA  . ASN A 1 209 ? 5.133   16.621  -16.917 1.00 102.16 ? 209 ASN A CA  1 
ATOM 1576 C C   . ASN A 1 209 ? 3.794   17.274  -16.485 1.00 103.48 ? 209 ASN A C   1 
ATOM 1577 O O   . ASN A 1 209 ? 3.125   16.830  -15.545 1.00 103.16 ? 209 ASN A O   1 
ATOM 1578 C CB  . ASN A 1 209 ? 4.965   15.405  -17.881 1.00 100.35 ? 209 ASN A CB  1 
ATOM 1579 C CG  . ASN A 1 209 ? 4.409   14.149  -17.220 1.00 92.33  ? 209 ASN A CG  1 
ATOM 1580 O OD1 . ASN A 1 209 ? 3.293   14.128  -16.717 1.00 76.64  ? 209 ASN A OD1 1 
ATOM 1581 N ND2 . ASN A 1 209 ? 5.174   13.071  -17.291 1.00 87.54  ? 209 ASN A ND2 1 
ATOM 1582 N N   . GLU A 1 210 ? 3.450   18.374  -17.152 1.00 102.85 ? 210 GLU A N   1 
ATOM 1583 C CA  . GLU A 1 210 ? 2.165   19.012  -16.953 1.00 101.73 ? 210 GLU A CA  1 
ATOM 1584 C C   . GLU A 1 210 ? 1.064   17.902  -16.904 1.00 99.10  ? 210 GLU A C   1 
ATOM 1585 O O   . GLU A 1 210 ? 0.239   17.870  -15.983 1.00 90.58  ? 210 GLU A O   1 
ATOM 1586 C CB  . GLU A 1 210 ? 1.963   20.089  -18.047 1.00 102.86 ? 210 GLU A CB  1 
ATOM 1587 C CG  . GLU A 1 210 ? 0.614   20.799  -18.047 1.00 101.36 ? 210 GLU A CG  1 
ATOM 1588 C CD  . GLU A 1 210 ? -0.486  20.015  -18.795 1.00 101.90 ? 210 GLU A CD  1 
ATOM 1589 O OE1 . GLU A 1 210 ? -0.398  19.841  -20.042 1.00 88.61  ? 210 GLU A OE1 1 
ATOM 1590 O OE2 . GLU A 1 210 ? -1.448  19.574  -18.126 1.00 95.89  ? 210 GLU A OE2 1 
ATOM 1591 N N   . GLU A 1 211 ? 1.123   16.956  -17.846 1.00 100.19 ? 211 GLU A N   1 
ATOM 1592 C CA  . GLU A 1 211 ? 0.189   15.800  -17.919 1.00 99.84  ? 211 GLU A CA  1 
ATOM 1593 C C   . GLU A 1 211 ? -0.083  15.036  -16.597 1.00 100.25 ? 211 GLU A C   1 
ATOM 1594 O O   . GLU A 1 211 ? -1.059  14.287  -16.531 1.00 102.44 ? 211 GLU A O   1 
ATOM 1595 C CB  . GLU A 1 211 ? 0.654   14.797  -19.000 1.00 98.57  ? 211 GLU A CB  1 
ATOM 1596 N N   . SER A 1 212 ? 0.779   15.185  -15.578 1.00 98.16  ? 212 SER A N   1 
ATOM 1597 C CA  . SER A 1 212 ? 0.500   14.682  -14.205 1.00 93.88  ? 212 SER A CA  1 
ATOM 1598 C C   . SER A 1 212 ? 1.118   15.568  -13.093 1.00 93.02  ? 212 SER A C   1 
ATOM 1599 O O   . SER A 1 212 ? 1.263   15.139  -11.927 1.00 89.21  ? 212 SER A O   1 
ATOM 1600 C CB  . SER A 1 212 ? 0.996   13.245  -14.050 1.00 93.25  ? 212 SER A CB  1 
ATOM 1601 O OG  . SER A 1 212 ? 2.358   13.203  -13.663 1.00 76.95  ? 212 SER A OG  1 
ATOM 1602 N N   . TYR A 1 213 ? 1.460   16.805  -13.455 1.00 87.91  ? 213 TYR A N   1 
ATOM 1603 C CA  . TYR A 1 213 ? 2.181   17.686  -12.566 1.00 82.47  ? 213 TYR A CA  1 
ATOM 1604 C C   . TYR A 1 213 ? 1.496   17.710  -11.189 1.00 76.51  ? 213 TYR A C   1 
ATOM 1605 O O   . TYR A 1 213 ? 2.166   17.642  -10.162 1.00 74.85  ? 213 TYR A O   1 
ATOM 1606 C CB  . TYR A 1 213 ? 2.370   19.079  -13.225 1.00 88.42  ? 213 TYR A CB  1 
ATOM 1607 C CG  . TYR A 1 213 ? 2.067   20.249  -12.324 1.00 94.94  ? 213 TYR A CG  1 
ATOM 1608 C CD1 . TYR A 1 213 ? 3.077   20.944  -11.665 1.00 91.16  ? 213 TYR A CD1 1 
ATOM 1609 C CD2 . TYR A 1 213 ? 0.742   20.653  -12.119 1.00 114.27 ? 213 TYR A CD2 1 
ATOM 1610 C CE1 . TYR A 1 213 ? 2.765   22.017  -10.799 1.00 100.57 ? 213 TYR A CE1 1 
ATOM 1611 C CE2 . TYR A 1 213 ? 0.421   21.713  -11.273 1.00 114.04 ? 213 TYR A CE2 1 
ATOM 1612 C CZ  . TYR A 1 213 ? 1.428   22.392  -10.613 1.00 106.33 ? 213 TYR A CZ  1 
ATOM 1613 O OH  . TYR A 1 213 ? 1.059   23.434  -9.785  1.00 101.31 ? 213 TYR A OH  1 
ATOM 1614 N N   . LYS A 1 214 ? 0.168   17.738  -11.152 1.00 72.49  ? 214 LYS A N   1 
ATOM 1615 C CA  . LYS A 1 214 ? -0.526  17.921  -9.879  1.00 74.62  ? 214 LYS A CA  1 
ATOM 1616 C C   . LYS A 1 214 ? -0.360  16.713  -8.904  1.00 75.25  ? 214 LYS A C   1 
ATOM 1617 O O   . LYS A 1 214 ? -0.434  16.869  -7.666  1.00 75.42  ? 214 LYS A O   1 
ATOM 1618 C CB  . LYS A 1 214 ? -2.004  18.316  -10.112 1.00 69.38  ? 214 LYS A CB  1 
ATOM 1619 N N   . ASP A 1 215 ? -0.107  15.524  -9.449  1.00 76.68  ? 215 ASP A N   1 
ATOM 1620 C CA  . ASP A 1 215 ? 0.013   14.298  -8.619  1.00 80.92  ? 215 ASP A CA  1 
ATOM 1621 C C   . ASP A 1 215 ? 1.394   14.224  -7.947  1.00 80.97  ? 215 ASP A C   1 
ATOM 1622 O O   . ASP A 1 215 ? 1.521   14.107  -6.716  1.00 77.88  ? 215 ASP A O   1 
ATOM 1623 C CB  . ASP A 1 215 ? -0.199  13.017  -9.462  1.00 83.66  ? 215 ASP A CB  1 
ATOM 1624 C CG  . ASP A 1 215 ? -1.422  13.092  -10.380 1.00 94.15  ? 215 ASP A CG  1 
ATOM 1625 O OD1 . ASP A 1 215 ? -2.327  12.235  -10.203 1.00 89.87  ? 215 ASP A OD1 1 
ATOM 1626 O OD2 . ASP A 1 215 ? -1.456  13.990  -11.277 1.00 84.87  ? 215 ASP A OD2 1 
ATOM 1627 N N   . SER A 1 216 ? 2.429   14.276  -8.787  1.00 79.79  ? 216 SER A N   1 
ATOM 1628 C CA  . SER A 1 216 ? 3.803   14.366  -8.338  1.00 71.83  ? 216 SER A CA  1 
ATOM 1629 C C   . SER A 1 216 ? 3.931   15.469  -7.295  1.00 71.51  ? 216 SER A C   1 
ATOM 1630 O O   . SER A 1 216 ? 4.485   15.240  -6.214  1.00 75.02  ? 216 SER A O   1 
ATOM 1631 C CB  . SER A 1 216 ? 4.705   14.656  -9.525  1.00 67.63  ? 216 SER A CB  1 
ATOM 1632 O OG  . SER A 1 216 ? 4.380   13.810  -10.608 1.00 69.32  ? 216 SER A OG  1 
ATOM 1633 N N   . THR A 1 217 ? 3.387   16.648  -7.592  1.00 67.07  ? 217 THR A N   1 
ATOM 1634 C CA  . THR A 1 217 ? 3.471   17.738  -6.641  1.00 66.95  ? 217 THR A CA  1 
ATOM 1635 C C   . THR A 1 217 ? 2.579   17.500  -5.443  1.00 65.58  ? 217 THR A C   1 
ATOM 1636 O O   . THR A 1 217 ? 2.849   18.058  -4.358  1.00 70.28  ? 217 THR A O   1 
ATOM 1637 C CB  . THR A 1 217 ? 3.167   19.145  -7.240  1.00 68.47  ? 217 THR A CB  1 
ATOM 1638 O OG1 . THR A 1 217 ? 1.805   19.233  -7.690  1.00 73.20  ? 217 THR A OG1 1 
ATOM 1639 C CG2 . THR A 1 217 ? 4.131   19.462  -8.360  1.00 59.93  ? 217 THR A CG2 1 
ATOM 1640 N N   . LEU A 1 218 ? 1.526   16.700  -5.598  1.00 64.71  ? 218 LEU A N   1 
ATOM 1641 C CA  . LEU A 1 218 ? 0.748   16.360  -4.410  1.00 68.33  ? 218 LEU A CA  1 
ATOM 1642 C C   . LEU A 1 218 ? 1.646   15.589  -3.448  1.00 69.10  ? 218 LEU A C   1 
ATOM 1643 O O   . LEU A 1 218 ? 1.789   15.988  -2.268  1.00 71.42  ? 218 LEU A O   1 
ATOM 1644 C CB  . LEU A 1 218 ? -0.534  15.557  -4.674  1.00 69.22  ? 218 LEU A CB  1 
ATOM 1645 C CG  . LEU A 1 218 ? -1.197  15.129  -3.328  1.00 72.37  ? 218 LEU A CG  1 
ATOM 1646 C CD1 . LEU A 1 218 ? -1.318  16.313  -2.301  1.00 78.80  ? 218 LEU A CD1 1 
ATOM 1647 C CD2 . LEU A 1 218 ? -2.559  14.458  -3.520  1.00 70.05  ? 218 LEU A CD2 1 
ATOM 1648 N N   . ILE A 1 219 ? 2.264   14.514  -3.952  1.00 59.94  ? 219 ILE A N   1 
ATOM 1649 C CA  . ILE A 1 219 ? 2.921   13.572  -3.072  1.00 55.83  ? 219 ILE A CA  1 
ATOM 1650 C C   . ILE A 1 219 ? 4.150   14.215  -2.502  1.00 58.87  ? 219 ILE A C   1 
ATOM 1651 O O   . ILE A 1 219 ? 4.528   13.945  -1.367  1.00 60.05  ? 219 ILE A O   1 
ATOM 1652 C CB  . ILE A 1 219 ? 3.254   12.258  -3.768  1.00 55.33  ? 219 ILE A CB  1 
ATOM 1653 C CG1 . ILE A 1 219 ? 1.961   11.606  -4.284  1.00 55.45  ? 219 ILE A CG1 1 
ATOM 1654 C CG2 . ILE A 1 219 ? 3.956   11.342  -2.782  1.00 56.21  ? 219 ILE A CG2 1 
ATOM 1655 C CD1 . ILE A 1 219 ? 2.135   10.444  -5.231  1.00 62.10  ? 219 ILE A CD1 1 
ATOM 1656 N N   . MET A 1 220 ? 4.767   15.092  -3.285  1.00 63.25  ? 220 MET A N   1 
ATOM 1657 C CA  . MET A 1 220 ? 5.874   15.929  -2.783  1.00 64.38  ? 220 MET A CA  1 
ATOM 1658 C C   . MET A 1 220 ? 5.496   16.761  -1.569  1.00 64.03  ? 220 MET A C   1 
ATOM 1659 O O   . MET A 1 220 ? 6.279   16.899  -0.629  1.00 66.56  ? 220 MET A O   1 
ATOM 1660 C CB  . MET A 1 220 ? 6.397   16.817  -3.904  1.00 60.51  ? 220 MET A CB  1 
ATOM 1661 C CG  . MET A 1 220 ? 7.269   16.005  -4.840  1.00 74.69  ? 220 MET A CG  1 
ATOM 1662 S SD  . MET A 1 220 ? 7.706   16.742  -6.407  1.00 73.53  ? 220 MET A SD  1 
ATOM 1663 C CE  . MET A 1 220 ? 8.285   18.344  -5.845  1.00 89.49  ? 220 MET A CE  1 
ATOM 1664 N N   . GLN A 1 221 ? 4.288   17.310  -1.584  1.00 69.38  ? 221 GLN A N   1 
ATOM 1665 C CA  . GLN A 1 221 ? 3.790   18.059  -0.434  1.00 67.02  ? 221 GLN A CA  1 
ATOM 1666 C C   . GLN A 1 221 ? 3.511   17.109  0.729   1.00 65.80  ? 221 GLN A C   1 
ATOM 1667 O O   . GLN A 1 221 ? 3.782   17.478  1.873   1.00 68.10  ? 221 GLN A O   1 
ATOM 1668 C CB  . GLN A 1 221 ? 2.552   18.916  -0.807  1.00 72.67  ? 221 GLN A CB  1 
ATOM 1669 C CG  . GLN A 1 221 ? 2.013   19.893  0.301   1.00 73.37  ? 221 GLN A CG  1 
ATOM 1670 C CD  . GLN A 1 221 ? 3.090   20.743  1.013   1.00 77.43  ? 221 GLN A CD  1 
ATOM 1671 O OE1 . GLN A 1 221 ? 3.797   21.558  0.382   1.00 69.70  ? 221 GLN A OE1 1 
ATOM 1672 N NE2 . GLN A 1 221 ? 3.209   20.547  2.348   1.00 55.77  ? 221 GLN A NE2 1 
ATOM 1673 N N   . LEU A 1 222 ? 3.015   15.892  0.455   1.00 61.18  ? 222 LEU A N   1 
ATOM 1674 C CA  . LEU A 1 222 ? 2.851   14.881  1.511   1.00 61.26  ? 222 LEU A CA  1 
ATOM 1675 C C   . LEU A 1 222 ? 4.207   14.583  2.177   1.00 59.48  ? 222 LEU A C   1 
ATOM 1676 O O   . LEU A 1 222 ? 4.325   14.474  3.415   1.00 60.17  ? 222 LEU A O   1 
ATOM 1677 C CB  . LEU A 1 222 ? 2.261   13.566  0.957   1.00 67.13  ? 222 LEU A CB  1 
ATOM 1678 C CG  . LEU A 1 222 ? 0.928   13.526  0.162   1.00 70.71  ? 222 LEU A CG  1 
ATOM 1679 C CD1 . LEU A 1 222 ? 0.641   12.141  -0.392  1.00 64.92  ? 222 LEU A CD1 1 
ATOM 1680 C CD2 . LEU A 1 222 ? -0.256  13.944  0.998   1.00 61.59  ? 222 LEU A CD2 1 
ATOM 1681 N N   . LEU A 1 223 ? 5.234   14.453  1.346   1.00 55.15  ? 223 LEU A N   1 
ATOM 1682 C CA  . LEU A 1 223 ? 6.566   14.141  1.828   1.00 58.85  ? 223 LEU A CA  1 
ATOM 1683 C C   . LEU A 1 223 ? 7.057   15.269  2.708   1.00 62.55  ? 223 LEU A C   1 
ATOM 1684 O O   . LEU A 1 223 ? 7.504   15.023  3.832   1.00 57.51  ? 223 LEU A O   1 
ATOM 1685 C CB  . LEU A 1 223 ? 7.540   13.878  0.656   1.00 61.08  ? 223 LEU A CB  1 
ATOM 1686 C CG  . LEU A 1 223 ? 7.442   12.501  -0.030  1.00 55.14  ? 223 LEU A CG  1 
ATOM 1687 C CD1 . LEU A 1 223 ? 8.107   12.479  -1.414  1.00 59.63  ? 223 LEU A CD1 1 
ATOM 1688 C CD2 . LEU A 1 223 ? 8.049   11.402  0.848   1.00 59.38  ? 223 LEU A CD2 1 
ATOM 1689 N N   . ARG A 1 224 ? 6.954   16.502  2.192   1.00 70.43  ? 224 ARG A N   1 
ATOM 1690 C CA  . ARG A 1 224 ? 7.292   17.701  2.952   1.00 72.77  ? 224 ARG A CA  1 
ATOM 1691 C C   . ARG A 1 224 ? 6.519   17.705  4.249   1.00 67.67  ? 224 ARG A C   1 
ATOM 1692 O O   . ARG A 1 224 ? 7.124   17.839  5.300   1.00 74.20  ? 224 ARG A O   1 
ATOM 1693 C CB  . ARG A 1 224 ? 7.031   18.978  2.151   1.00 75.00  ? 224 ARG A CB  1 
ATOM 1694 C CG  . ARG A 1 224 ? 6.867   20.244  3.031   1.00 90.46  ? 224 ARG A CG  1 
ATOM 1695 C CD  . ARG A 1 224 ? 7.561   21.534  2.485   1.00 88.94  ? 224 ARG A CD  1 
ATOM 1696 N NE  . ARG A 1 224 ? 8.970   21.332  2.120   1.00 97.79  ? 224 ARG A NE  1 
ATOM 1697 C CZ  . ARG A 1 224 ? 9.960   20.999  2.961   1.00 102.69 ? 224 ARG A CZ  1 
ATOM 1698 N NH1 . ARG A 1 224 ? 9.745   20.808  4.263   1.00 104.92 ? 224 ARG A NH1 1 
ATOM 1699 N NH2 . ARG A 1 224 ? 11.193  20.844  2.491   1.00 100.45 ? 224 ARG A NH2 1 
ATOM 1700 N N   . ASP A 1 225 ? 5.200   17.526  4.191   1.00 69.48  ? 225 ASP A N   1 
ATOM 1701 C CA  . ASP A 1 225 ? 4.367   17.434  5.434   1.00 72.48  ? 225 ASP A CA  1 
ATOM 1702 C C   . ASP A 1 225 ? 5.132   16.668  6.523   1.00 69.29  ? 225 ASP A C   1 
ATOM 1703 O O   . ASP A 1 225 ? 5.514   17.243  7.547   1.00 71.41  ? 225 ASP A O   1 
ATOM 1704 C CB  . ASP A 1 225 ? 2.984   16.729  5.223   1.00 72.71  ? 225 ASP A CB  1 
ATOM 1705 C CG  . ASP A 1 225 ? 1.924   17.601  4.459   1.00 81.48  ? 225 ASP A CG  1 
ATOM 1706 O OD1 . ASP A 1 225 ? 2.276   18.734  4.000   1.00 54.35  ? 225 ASP A OD1 1 
ATOM 1707 O OD2 . ASP A 1 225 ? 0.735   17.115  4.318   1.00 69.10  ? 225 ASP A OD2 1 
ATOM 1708 N N   . ASN A 1 226 ? 5.385   15.383  6.260   1.00 67.24  ? 226 ASN A N   1 
ATOM 1709 C CA  . ASN A 1 226 ? 5.925   14.457  7.250   1.00 59.91  ? 226 ASN A CA  1 
ATOM 1710 C C   . ASN A 1 226 ? 7.267   14.900  7.801   1.00 64.16  ? 226 ASN A C   1 
ATOM 1711 O O   . ASN A 1 226 ? 7.486   14.864  9.010   1.00 58.76  ? 226 ASN A O   1 
ATOM 1712 C CB  . ASN A 1 226 ? 6.037   13.068  6.644   1.00 56.64  ? 226 ASN A CB  1 
ATOM 1713 C CG  . ASN A 1 226 ? 4.706   12.448  6.400   1.00 54.50  ? 226 ASN A CG  1 
ATOM 1714 O OD1 . ASN A 1 226 ? 3.702   13.053  6.739   1.00 57.61  ? 226 ASN A OD1 1 
ATOM 1715 N ND2 . ASN A 1 226 ? 4.671   11.219  5.837   1.00 59.60  ? 226 ASN A ND2 1 
ATOM 1716 N N   . LEU A 1 227 ? 8.159   15.333  6.915   1.00 66.90  ? 227 LEU A N   1 
ATOM 1717 C CA  . LEU A 1 227 ? 9.435   15.874  7.343   1.00 72.31  ? 227 LEU A CA  1 
ATOM 1718 C C   . LEU A 1 227 ? 9.283   16.929  8.408   1.00 76.73  ? 227 LEU A C   1 
ATOM 1719 O O   . LEU A 1 227 ? 9.840   16.798  9.506   1.00 78.56  ? 227 LEU A O   1 
ATOM 1720 C CB  . LEU A 1 227 ? 10.154  16.544  6.183   1.00 73.97  ? 227 LEU A CB  1 
ATOM 1721 C CG  . LEU A 1 227 ? 10.856  15.667  5.166   1.00 68.44  ? 227 LEU A CG  1 
ATOM 1722 C CD1 . LEU A 1 227 ? 11.539  16.612  4.160   1.00 72.63  ? 227 LEU A CD1 1 
ATOM 1723 C CD2 . LEU A 1 227 ? 11.829  14.728  5.858   1.00 61.09  ? 227 LEU A CD2 1 
ATOM 1724 N N   . THR A 1 228 ? 8.546   17.989  8.066   1.00 79.83  ? 228 THR A N   1 
ATOM 1725 C CA  . THR A 1 228 ? 8.492   19.192  8.908   1.00 81.63  ? 228 THR A CA  1 
ATOM 1726 C C   . THR A 1 228 ? 7.742   18.942  10.234  1.00 81.99  ? 228 THR A C   1 
ATOM 1727 O O   . THR A 1 228 ? 8.071   19.522  11.271  1.00 88.13  ? 228 THR A O   1 
ATOM 1728 C CB  . THR A 1 228 ? 7.979   20.425  8.110   1.00 81.50  ? 228 THR A CB  1 
ATOM 1729 O OG1 . THR A 1 228 ? 7.017   20.022  7.122   1.00 76.28  ? 228 THR A OG1 1 
ATOM 1730 C CG2 . THR A 1 228 ? 9.158   21.094  7.403   1.00 80.33  ? 228 THR A CG2 1 
ATOM 1731 N N   . LEU A 1 229 ? 6.778   18.034  10.200  1.00 78.98  ? 229 LEU A N   1 
ATOM 1732 C CA  . LEU A 1 229 ? 6.250   17.430  11.411  1.00 77.60  ? 229 LEU A CA  1 
ATOM 1733 C C   . LEU A 1 229 ? 7.345   16.664  12.140  1.00 80.10  ? 229 LEU A C   1 
ATOM 1734 O O   . LEU A 1 229 ? 7.610   16.906  13.323  1.00 86.85  ? 229 LEU A O   1 
ATOM 1735 C CB  . LEU A 1 229 ? 5.113   16.467  11.048  1.00 80.13  ? 229 LEU A CB  1 
ATOM 1736 C CG  . LEU A 1 229 ? 4.714   15.354  12.021  1.00 80.96  ? 229 LEU A CG  1 
ATOM 1737 C CD1 . LEU A 1 229 ? 4.207   15.960  13.318  1.00 77.63  ? 229 LEU A CD1 1 
ATOM 1738 C CD2 . LEU A 1 229 ? 3.666   14.400  11.368  1.00 71.51  ? 229 LEU A CD2 1 
ATOM 1739 N N   . TRP A 1 230 ? 7.978   15.740  11.415  1.00 79.91  ? 230 TRP A N   1 
ATOM 1740 C CA  . TRP A 1 230 ? 8.886   14.748  12.006  1.00 74.66  ? 230 TRP A CA  1 
ATOM 1741 C C   . TRP A 1 230 ? 10.144  15.358  12.624  1.00 74.74  ? 230 TRP A C   1 
ATOM 1742 O O   . TRP A 1 230 ? 10.625  14.838  13.636  1.00 76.25  ? 230 TRP A O   1 
ATOM 1743 C CB  . TRP A 1 230 ? 9.261   13.647  10.991  1.00 68.92  ? 230 TRP A CB  1 
ATOM 1744 C CG  . TRP A 1 230 ? 8.148   12.629  10.695  1.00 66.22  ? 230 TRP A CG  1 
ATOM 1745 C CD1 . TRP A 1 230 ? 7.079   12.329  11.487  1.00 64.35  ? 230 TRP A CD1 1 
ATOM 1746 C CD2 . TRP A 1 230 ? 8.042   11.764  9.552   1.00 59.82  ? 230 TRP A CD2 1 
ATOM 1747 N NE1 . TRP A 1 230 ? 6.313   11.344  10.908  1.00 63.33  ? 230 TRP A NE1 1 
ATOM 1748 C CE2 . TRP A 1 230 ? 6.883   10.976  9.724   1.00 63.59  ? 230 TRP A CE2 1 
ATOM 1749 C CE3 . TRP A 1 230 ? 8.811   11.580  8.398   1.00 48.25  ? 230 TRP A CE3 1 
ATOM 1750 C CZ2 . TRP A 1 230 ? 6.470   10.017  8.780   1.00 71.51  ? 230 TRP A CZ2 1 
ATOM 1751 C CZ3 . TRP A 1 230 ? 8.391   10.622  7.452   1.00 63.53  ? 230 TRP A CZ3 1 
ATOM 1752 C CH2 . TRP A 1 230 ? 7.237   9.858   7.653   1.00 63.03  ? 230 TRP A CH2 1 
ATOM 1753 N N   . THR A 1 231 ? 10.669  16.446  12.048  1.00 72.48  ? 231 THR A N   1 
ATOM 1754 C CA  . THR A 1 231 ? 11.844  17.133  12.624  1.00 77.18  ? 231 THR A CA  1 
ATOM 1755 C C   . THR A 1 231 ? 11.656  17.441  14.115  1.00 79.05  ? 231 THR A C   1 
ATOM 1756 O O   . THR A 1 231 ? 12.618  17.392  14.893  1.00 80.99  ? 231 THR A O   1 
ATOM 1757 C CB  . THR A 1 231 ? 12.117  18.480  11.952  1.00 81.59  ? 231 THR A CB  1 
ATOM 1758 O OG1 . THR A 1 231 ? 10.985  19.346  12.178  1.00 92.49  ? 231 THR A OG1 1 
ATOM 1759 C CG2 . THR A 1 231 ? 12.425  18.320  10.424  1.00 76.93  ? 231 THR A CG2 1 
ATOM 1760 N N   . SER A 1 232 ? 10.420  17.783  14.489  1.00 79.76  ? 232 SER A N   1 
ATOM 1761 C CA  . SER A 1 232 ? 10.010  17.946  15.891  1.00 81.37  ? 232 SER A CA  1 
ATOM 1762 C C   . SER A 1 232 ? 9.011   16.848  16.299  1.00 79.02  ? 232 SER A C   1 
ATOM 1763 O O   . SER A 1 232 ? 9.364   15.888  17.003  1.00 73.73  ? 232 SER A O   1 
ATOM 1764 C CB  . SER A 1 232 ? 9.394   19.339  16.099  1.00 83.71  ? 232 SER A CB  1 
ATOM 1765 O OG  . SER A 1 232 ? 8.704   19.785  14.935  1.00 80.08  ? 232 SER A OG  1 
ATOM 1766 N N   . GLY B 2 1   ? -8.142  5.670   -10.337 1.00 70.57  ? 1   GLY P N   1 
ATOM 1767 C CA  . GLY B 2 1   ? -7.311  6.849   -9.961  1.00 71.65  ? 1   GLY P CA  1 
ATOM 1768 C C   . GLY B 2 1   ? -6.007  6.377   -9.366  1.00 74.22  ? 1   GLY P C   1 
ATOM 1769 O O   . GLY B 2 1   ? -5.997  5.652   -8.359  1.00 77.79  ? 1   GLY P O   1 
ATOM 1770 N N   . LEU B 2 2   ? -4.899  6.772   -9.977  1.00 71.18  ? 2   LEU P N   1 
ATOM 1771 C CA  . LEU B 2 2   ? -3.617  6.318   -9.486  1.00 70.27  ? 2   LEU P CA  1 
ATOM 1772 C C   . LEU B 2 2   ? -3.339  6.701   -8.021  1.00 67.64  ? 2   LEU P C   1 
ATOM 1773 O O   . LEU B 2 2   ? -2.790  5.890   -7.273  1.00 69.44  ? 2   LEU P O   1 
ATOM 1774 C CB  . LEU B 2 2   ? -2.475  6.815   -10.375 1.00 73.79  ? 2   LEU P CB  1 
ATOM 1775 C CG  . LEU B 2 2   ? -1.117  6.148   -10.082 1.00 77.79  ? 2   LEU P CG  1 
ATOM 1776 C CD1 . LEU B 2 2   ? -1.223  4.593   -10.115 1.00 74.45  ? 2   LEU P CD1 1 
ATOM 1777 C CD2 . LEU B 2 2   ? -0.082  6.645   -11.062 1.00 66.67  ? 2   LEU P CD2 1 
ATOM 1778 N N   . LEU B 2 3   ? -3.696  7.913   -7.604  1.00 61.25  ? 3   LEU P N   1 
ATOM 1779 C CA  . LEU B 2 3   ? -3.342  8.343   -6.258  1.00 64.17  ? 3   LEU P CA  1 
ATOM 1780 C C   . LEU B 2 3   ? -4.084  7.502   -5.269  1.00 62.88  ? 3   LEU P C   1 
ATOM 1781 O O   . LEU B 2 3   ? -3.549  7.059   -4.259  1.00 66.65  ? 3   LEU P O   1 
ATOM 1782 C CB  . LEU B 2 3   ? -3.702  9.802   -6.035  1.00 65.58  ? 3   LEU P CB  1 
ATOM 1783 C CG  . LEU B 2 3   ? -2.929  10.781  -6.911  1.00 77.87  ? 3   LEU P CG  1 
ATOM 1784 C CD1 . LEU B 2 3   ? -3.097  12.183  -6.339  1.00 80.21  ? 3   LEU P CD1 1 
ATOM 1785 C CD2 . LEU B 2 3   ? -1.447  10.403  -7.010  1.00 76.97  ? 3   LEU P CD2 1 
ATOM 1786 N N   . ASP B 2 4   ? -5.344  7.293   -5.589  1.00 63.33  ? 4   ASP P N   1 
ATOM 1787 C CA  . ASP B 2 4   ? -6.198  6.491   -4.790  1.00 64.22  ? 4   ASP P CA  1 
ATOM 1788 C C   . ASP B 2 4   ? -5.606  5.055   -4.764  1.00 62.94  ? 4   ASP P C   1 
ATOM 1789 O O   . ASP B 2 4   ? -5.418  4.451   -3.697  1.00 62.84  ? 4   ASP P O   1 
ATOM 1790 C CB  . ASP B 2 4   ? -7.620  6.582   -5.383  1.00 65.55  ? 4   ASP P CB  1 
ATOM 1791 C CG  . ASP B 2 4   ? -8.654  5.831   -4.561  1.00 70.43  ? 4   ASP P CG  1 
ATOM 1792 O OD1 . ASP B 2 4   ? -8.403  5.623   -3.349  1.00 63.60  ? 4   ASP P OD1 1 
ATOM 1793 O OD2 . ASP B 2 4   ? -9.700  5.435   -5.141  1.00 60.88  ? 4   ASP P OD2 1 
ATOM 1794 N N   . ALA B 2 5   ? -5.244  4.546   -5.934  1.00 56.79  ? 5   ALA P N   1 
ATOM 1795 C CA  . ALA B 2 5   ? -4.725  3.194   -6.038  1.00 57.21  ? 5   ALA P CA  1 
ATOM 1796 C C   . ALA B 2 5   ? -3.430  2.985   -5.283  1.00 56.83  ? 5   ALA P C   1 
ATOM 1797 O O   . ALA B 2 5   ? -3.012  1.853   -5.090  1.00 57.47  ? 5   ALA P O   1 
ATOM 1798 C CB  . ALA B 2 5   ? -4.517  2.827   -7.489  1.00 59.14  ? 5   ALA P CB  1 
ATOM 1799 N N   . LEU B 2 6   ? -2.780  4.058   -4.853  1.00 57.36  ? 6   LEU P N   1 
ATOM 1800 C CA  . LEU B 2 6   ? -1.442  3.932   -4.293  1.00 55.65  ? 6   LEU P CA  1 
ATOM 1801 C C   . LEU B 2 6   ? -1.486  3.911   -2.785  1.00 58.42  ? 6   LEU P C   1 
ATOM 1802 O O   . LEU B 2 6   ? -0.514  4.308   -2.168  1.00 61.69  ? 6   LEU P O   1 
ATOM 1803 C CB  . LEU B 2 6   ? -0.564  5.096   -4.787  1.00 53.22  ? 6   LEU P CB  1 
ATOM 1804 C CG  . LEU B 2 6   ? 0.138   4.931   -6.164  1.00 56.49  ? 6   LEU P CG  1 
ATOM 1805 C CD1 . LEU B 2 6   ? 0.698   6.259   -6.674  1.00 41.16  ? 6   LEU P CD1 1 
ATOM 1806 C CD2 . LEU B 2 6   ? 1.264   3.887   -6.162  1.00 51.37  ? 6   LEU P CD2 1 
ATOM 1807 N N   . ASP B 2 7   ? -2.573  3.404   -2.188  1.00 59.23  ? 7   ASP P N   1 
ATOM 1808 C CA  . ASP B 2 7   ? -2.965  3.826   -0.831  1.00 55.96  ? 7   ASP P CA  1 
ATOM 1809 C C   . ASP B 2 7   ? -1.830  4.437   -0.126  1.00 50.84  ? 7   ASP P C   1 
ATOM 1810 O O   . ASP B 2 7   ? -0.964  3.776   0.427   1.00 54.36  ? 7   ASP P O   1 
ATOM 1811 C CB  . ASP B 2 7   ? -3.679  2.779   0.083   1.00 60.25  ? 7   ASP P CB  1 
ATOM 1812 C CG  . ASP B 2 7   ? -2.937  1.456   0.241   1.00 63.25  ? 7   ASP P CG  1 
ATOM 1813 O OD1 . ASP B 2 7   ? -2.183  1.022   -0.663  1.00 76.84  ? 7   ASP P OD1 1 
ATOM 1814 O OD2 . ASP B 2 7   ? -3.185  0.805   1.281   1.00 53.59  ? 7   ASP P OD2 1 
ATOM 1815 N N   . LEU B 2 8   ? -1.851  5.751   -0.165  1.00 55.11  ? 8   LEU P N   1 
ATOM 1816 C CA  . LEU B 2 8   ? -0.805  6.549   0.418   1.00 53.66  ? 8   LEU P CA  1 
ATOM 1817 C C   . LEU B 2 8   ? -0.951  6.434   1.922   1.00 58.33  ? 8   LEU P C   1 
ATOM 1818 O O   . LEU B 2 8   ? -2.047  6.490   2.448   1.00 65.29  ? 8   LEU P O   1 
ATOM 1819 C CB  . LEU B 2 8   ? -0.935  8.001   -0.083  1.00 44.89  ? 8   LEU P CB  1 
ATOM 1820 C CG  . LEU B 2 8   ? -0.857  8.161   -1.613  1.00 48.79  ? 8   LEU P CG  1 
ATOM 1821 C CD1 . LEU B 2 8   ? -1.001  9.589   -2.069  1.00 58.99  ? 8   LEU P CD1 1 
ATOM 1822 C CD2 . LEU B 2 8   ? 0.443   7.597   -2.168  1.00 49.88  ? 8   LEU P CD2 1 
ATOM 1823 N N   . ALA B 2 9   ? 0.160   6.234   2.608   1.00 65.56  ? 9   ALA P N   1 
ATOM 1824 C CA  . ALA B 2 9   ? 0.194   6.304   4.050   1.00 69.04  ? 9   ALA P CA  1 
ATOM 1825 C C   . ALA B 2 9   ? -0.197  7.701   4.533   1.00 75.96  ? 9   ALA P C   1 
ATOM 1826 O O   . ALA B 2 9   ? -0.304  7.940   5.731   1.00 77.31  ? 9   ALA P O   1 
ATOM 1827 C CB  . ALA B 2 9   ? 1.571   5.940   4.531   1.00 72.21  ? 9   ALA P CB  1 
ATOM 1828 N N   . SER B 2 10  ? -0.359  8.634   3.595   1.00 84.71  ? 10  SER P N   1 
ATOM 1829 C CA  . SER B 2 10  ? -1.369  9.688   3.705   1.00 91.54  ? 10  SER P CA  1 
ATOM 1830 C C   . SER B 2 10  ? -0.845  11.029  4.165   1.00 96.51  ? 10  SER P C   1 
ATOM 1831 O O   . SER B 2 10  ? 0.333   11.166  4.515   1.00 97.15  ? 10  SER P O   1 
ATOM 1832 C CB  . SER B 2 10  ? -2.533  9.256   4.643   1.00 95.50  ? 10  SER P CB  1 
ATOM 1833 O OG  . SER B 2 10  ? -2.235  9.466   6.027   1.00 89.45  ? 10  SER P OG  1 
ATOM 1834 N N   . LYS B 2 11  ? -1.757  12.009  4.109   1.00 102.20 ? 11  LYS P N   1 
ATOM 1835 C CA  . LYS B 2 11  ? -1.692  13.269  4.877   1.00 105.10 ? 11  LYS P CA  1 
ATOM 1836 C C   . LYS B 2 11  ? -3.061  13.499  5.492   1.00 105.55 ? 11  LYS P C   1 
ATOM 1837 O O   . LYS B 2 11  ? -3.972  12.678  5.315   1.00 104.10 ? 11  LYS P O   1 
ATOM 1838 C CB  . LYS B 2 11  ? -1.344  14.488  4.005   1.00 105.35 ? 11  LYS P CB  1 
ATOM 1839 O OXT . LYS B 2 11  ? -3.271  14.520  6.150   1.00 105.78 ? 11  LYS P OXT 1 
# 
loop_
_pdbx_poly_seq_scheme.asym_id 
_pdbx_poly_seq_scheme.entity_id 
_pdbx_poly_seq_scheme.seq_id 
_pdbx_poly_seq_scheme.mon_id 
_pdbx_poly_seq_scheme.ndb_seq_num 
_pdbx_poly_seq_scheme.pdb_seq_num 
_pdbx_poly_seq_scheme.auth_seq_num 
_pdbx_poly_seq_scheme.pdb_mon_id 
_pdbx_poly_seq_scheme.auth_mon_id 
_pdbx_poly_seq_scheme.pdb_strand_id 
_pdbx_poly_seq_scheme.pdb_ins_code 
_pdbx_poly_seq_scheme.hetero 
A 1 1   MET 1   1   ?   ?   ?   A . n 
A 1 2   THR 2   2   ?   ?   ?   A . n 
A 1 3   MET 3   3   3   MET MET A . n 
A 1 4   ASP 4   4   4   ASP ASP A . n 
A 1 5   LYS 5   5   5   LYS LYS A . n 
A 1 6   SER 6   6   6   SER SER A . n 
A 1 7   GLU 7   7   7   GLU GLU A . n 
A 1 8   LEU 8   8   8   LEU LEU A . n 
A 1 9   VAL 9   9   9   VAL VAL A . n 
A 1 10  GLN 10  10  10  GLN GLN A . n 
A 1 11  LYS 11  11  11  LYS LYS A . n 
A 1 12  ALA 12  12  12  ALA ALA A . n 
A 1 13  LYS 13  13  13  LYS LYS A . n 
A 1 14  LEU 14  14  14  LEU LEU A . n 
A 1 15  ALA 15  15  15  ALA ALA A . n 
A 1 16  GLU 16  16  16  GLU GLU A . n 
A 1 17  GLN 17  17  17  GLN GLN A . n 
A 1 18  ALA 18  18  18  ALA ALA A . n 
A 1 19  GLU 19  19  19  GLU GLU A . n 
A 1 20  ARG 20  20  20  ARG ARG A . n 
A 1 21  TYR 21  21  21  TYR TYR A . n 
A 1 22  ASP 22  22  22  ASP ASP A . n 
A 1 23  ASP 23  23  23  ASP ASP A . n 
A 1 24  MET 24  24  24  MET MET A . n 
A 1 25  ALA 25  25  25  ALA ALA A . n 
A 1 26  ALA 26  26  26  ALA ALA A . n 
A 1 27  ALA 27  27  27  ALA ALA A . n 
A 1 28  MET 28  28  28  MET MET A . n 
A 1 29  LYS 29  29  29  LYS LYS A . n 
A 1 30  ALA 30  30  30  ALA ALA A . n 
A 1 31  VAL 31  31  31  VAL VAL A . n 
A 1 32  THR 32  32  32  THR THR A . n 
A 1 33  GLU 33  33  33  GLU GLU A . n 
A 1 34  GLN 34  34  34  GLN GLN A . n 
A 1 35  GLY 35  35  35  GLY GLY A . n 
A 1 36  HIS 36  36  36  HIS HIS A . n 
A 1 37  GLU 37  37  37  GLU GLU A . n 
A 1 38  LEU 38  38  38  LEU LEU A . n 
A 1 39  SER 39  39  39  SER SER A . n 
A 1 40  ASN 40  40  40  ASN ASN A . n 
A 1 41  GLU 41  41  41  GLU GLU A . n 
A 1 42  GLU 42  42  42  GLU GLU A . n 
A 1 43  ARG 43  43  43  ARG ARG A . n 
A 1 44  ASN 44  44  44  ASN ASN A . n 
A 1 45  LEU 45  45  45  LEU LEU A . n 
A 1 46  LEU 46  46  46  LEU LEU A . n 
A 1 47  SER 47  47  47  SER SER A . n 
A 1 48  VAL 48  48  48  VAL VAL A . n 
A 1 49  ALA 49  49  49  ALA ALA A . n 
A 1 50  TYR 50  50  50  TYR TYR A . n 
A 1 51  LYS 51  51  51  LYS LYS A . n 
A 1 52  ASN 52  52  52  ASN ASN A . n 
A 1 53  VAL 53  53  53  VAL VAL A . n 
A 1 54  VAL 54  54  54  VAL VAL A . n 
A 1 55  GLY 55  55  55  GLY GLY A . n 
A 1 56  ALA 56  56  56  ALA ALA A . n 
A 1 57  ARG 57  57  57  ARG ARG A . n 
A 1 58  ARG 58  58  58  ARG ARG A . n 
A 1 59  SER 59  59  59  SER SER A . n 
A 1 60  SER 60  60  60  SER SER A . n 
A 1 61  TRP 61  61  61  TRP TRP A . n 
A 1 62  ARG 62  62  62  ARG ARG A . n 
A 1 63  VAL 63  63  63  VAL VAL A . n 
A 1 64  ILE 64  64  64  ILE ILE A . n 
A 1 65  SER 65  65  65  SER SER A . n 
A 1 66  SER 66  66  66  SER SER A . n 
A 1 67  ILE 67  67  67  ILE ILE A . n 
A 1 68  GLU 68  68  68  GLU GLU A . n 
A 1 69  GLN 69  69  69  GLN GLN A . n 
A 1 70  LYS 70  70  70  LYS LYS A . n 
A 1 71  THR 71  71  ?   ?   ?   A . n 
A 1 72  GLU 72  72  ?   ?   ?   A . n 
A 1 73  ARG 73  73  ?   ?   ?   A . n 
A 1 74  ASN 74  74  ?   ?   ?   A . n 
A 1 75  GLU 75  75  ?   ?   ?   A . n 
A 1 76  LYS 76  76  76  LYS LYS A . n 
A 1 77  LYS 77  77  77  LYS LYS A . n 
A 1 78  GLN 78  78  78  GLN GLN A . n 
A 1 79  GLN 79  79  79  GLN GLN A . n 
A 1 80  MET 80  80  80  MET MET A . n 
A 1 81  GLY 81  81  81  GLY GLY A . n 
A 1 82  LYS 82  82  82  LYS LYS A . n 
A 1 83  GLU 83  83  83  GLU GLU A . n 
A 1 84  TYR 84  84  84  TYR TYR A . n 
A 1 85  ARG 85  85  85  ARG ARG A . n 
A 1 86  GLU 86  86  86  GLU GLU A . n 
A 1 87  LYS 87  87  87  LYS LYS A . n 
A 1 88  ILE 88  88  88  ILE ILE A . n 
A 1 89  GLU 89  89  89  GLU GLU A . n 
A 1 90  ALA 90  90  90  ALA ALA A . n 
A 1 91  GLU 91  91  91  GLU GLU A . n 
A 1 92  LEU 92  92  92  LEU LEU A . n 
A 1 93  GLN 93  93  93  GLN GLN A . n 
A 1 94  ASP 94  94  94  ASP ASP A . n 
A 1 95  ILE 95  95  95  ILE ILE A . n 
A 1 96  CYS 96  96  96  CYS CYS A . n 
A 1 97  ASN 97  97  97  ASN ASN A . n 
A 1 98  ASP 98  98  98  ASP ASP A . n 
A 1 99  VAL 99  99  99  VAL VAL A . n 
A 1 100 LEU 100 100 100 LEU LEU A . n 
A 1 101 GLU 101 101 101 GLU GLU A . n 
A 1 102 LEU 102 102 102 LEU LEU A . n 
A 1 103 LEU 103 103 103 LEU LEU A . n 
A 1 104 ASP 104 104 104 ASP ASP A . n 
A 1 105 LYS 105 105 105 LYS LYS A . n 
A 1 106 TYR 106 106 106 TYR TYR A . n 
A 1 107 LEU 107 107 107 LEU LEU A . n 
A 1 108 ILE 108 108 108 ILE ILE A . n 
A 1 109 PRO 109 109 109 PRO PRO A . n 
A 1 110 ASN 110 110 110 ASN ASN A . n 
A 1 111 ALA 111 111 111 ALA ALA A . n 
A 1 112 THR 112 112 112 THR THR A . n 
A 1 113 GLN 113 113 113 GLN GLN A . n 
A 1 114 PRO 114 114 114 PRO PRO A . n 
A 1 115 GLU 115 115 115 GLU GLU A . n 
A 1 116 SER 116 116 116 SER SER A . n 
A 1 117 LYS 117 117 117 LYS LYS A . n 
A 1 118 VAL 118 118 118 VAL VAL A . n 
A 1 119 PHE 119 119 119 PHE PHE A . n 
A 1 120 TYR 120 120 120 TYR TYR A . n 
A 1 121 LEU 121 121 121 LEU LEU A . n 
A 1 122 LYS 122 122 122 LYS LYS A . n 
A 1 123 MET 123 123 123 MET MET A . n 
A 1 124 LYS 124 124 124 LYS LYS A . n 
A 1 125 GLY 125 125 125 GLY GLY A . n 
A 1 126 ASP 126 126 126 ASP ASP A . n 
A 1 127 TYR 127 127 127 TYR TYR A . n 
A 1 128 PHE 128 128 128 PHE PHE A . n 
A 1 129 ARG 129 129 129 ARG ARG A . n 
A 1 130 TYR 130 130 130 TYR TYR A . n 
A 1 131 LEU 131 131 131 LEU LEU A . n 
A 1 132 SER 132 132 132 SER SER A . n 
A 1 133 GLU 133 133 133 GLU GLU A . n 
A 1 134 VAL 134 134 134 VAL VAL A . n 
A 1 135 ALA 135 135 135 ALA ALA A . n 
A 1 136 SER 136 136 136 SER SER A . n 
A 1 137 GLY 137 137 137 GLY GLY A . n 
A 1 138 ASP 138 138 138 ASP ASP A . n 
A 1 139 ASN 139 139 139 ASN ASN A . n 
A 1 140 LYS 140 140 140 LYS LYS A . n 
A 1 141 GLN 141 141 141 GLN GLN A . n 
A 1 142 THR 142 142 142 THR THR A . n 
A 1 143 THR 143 143 143 THR THR A . n 
A 1 144 VAL 144 144 144 VAL VAL A . n 
A 1 145 SER 145 145 145 SER SER A . n 
A 1 146 ASN 146 146 146 ASN ASN A . n 
A 1 147 SER 147 147 147 SER SER A . n 
A 1 148 GLN 148 148 148 GLN GLN A . n 
A 1 149 GLN 149 149 149 GLN GLN A . n 
A 1 150 ALA 150 150 150 ALA ALA A . n 
A 1 151 TYR 151 151 151 TYR TYR A . n 
A 1 152 GLN 152 152 152 GLN GLN A . n 
A 1 153 GLU 153 153 153 GLU GLU A . n 
A 1 154 ALA 154 154 154 ALA ALA A . n 
A 1 155 PHE 155 155 155 PHE PHE A . n 
A 1 156 GLU 156 156 156 GLU GLU A . n 
A 1 157 ILE 157 157 157 ILE ILE A . n 
A 1 158 SER 158 158 158 SER SER A . n 
A 1 159 LYS 159 159 159 LYS LYS A . n 
A 1 160 LYS 160 160 160 LYS LYS A . n 
A 1 161 GLU 161 161 161 GLU GLU A . n 
A 1 162 MET 162 162 162 MET MET A . n 
A 1 163 GLN 163 163 163 GLN GLN A . n 
A 1 164 PRO 164 164 164 PRO PRO A . n 
A 1 165 THR 165 165 165 THR THR A . n 
A 1 166 HIS 166 166 166 HIS HIS A . n 
A 1 167 PRO 167 167 167 PRO PRO A . n 
A 1 168 ILE 168 168 168 ILE ILE A . n 
A 1 169 ARG 169 169 169 ARG ARG A . n 
A 1 170 LEU 170 170 170 LEU LEU A . n 
A 1 171 GLY 171 171 171 GLY GLY A . n 
A 1 172 LEU 172 172 172 LEU LEU A . n 
A 1 173 ALA 173 173 173 ALA ALA A . n 
A 1 174 LEU 174 174 174 LEU LEU A . n 
A 1 175 ASN 175 175 175 ASN ASN A . n 
A 1 176 PHE 176 176 176 PHE PHE A . n 
A 1 177 SER 177 177 177 SER SER A . n 
A 1 178 VAL 178 178 178 VAL VAL A . n 
A 1 179 PHE 179 179 179 PHE PHE A . n 
A 1 180 TYR 180 180 180 TYR TYR A . n 
A 1 181 TYR 181 181 181 TYR TYR A . n 
A 1 182 GLU 182 182 182 GLU GLU A . n 
A 1 183 ILE 183 183 183 ILE ILE A . n 
A 1 184 LEU 184 184 184 LEU LEU A . n 
A 1 185 ASN 185 185 185 ASN ASN A . n 
A 1 186 SER 186 186 186 SER SER A . n 
A 1 187 PRO 187 187 187 PRO PRO A . n 
A 1 188 GLU 188 188 188 GLU GLU A . n 
A 1 189 LYS 189 189 189 LYS LYS A . n 
A 1 190 ALA 190 190 190 ALA ALA A . n 
A 1 191 CYS 191 191 191 CYS CYS A . n 
A 1 192 SER 192 192 192 SER SER A . n 
A 1 193 LEU 193 193 193 LEU LEU A . n 
A 1 194 ALA 194 194 194 ALA ALA A . n 
A 1 195 LYS 195 195 195 LYS LYS A . n 
A 1 196 THR 196 196 196 THR THR A . n 
A 1 197 ALA 197 197 197 ALA ALA A . n 
A 1 198 PHE 198 198 198 PHE PHE A . n 
A 1 199 ASP 199 199 199 ASP ASP A . n 
A 1 200 GLU 200 200 200 GLU GLU A . n 
A 1 201 ALA 201 201 201 ALA ALA A . n 
A 1 202 ILE 202 202 202 ILE ILE A . n 
A 1 203 ALA 203 203 203 ALA ALA A . n 
A 1 204 GLU 204 204 204 GLU GLU A . n 
A 1 205 LEU 205 205 205 LEU LEU A . n 
A 1 206 ASP 206 206 206 ASP ASP A . n 
A 1 207 THR 207 207 207 THR THR A . n 
A 1 208 LEU 208 208 208 LEU LEU A . n 
A 1 209 ASN 209 209 209 ASN ASN A . n 
A 1 210 GLU 210 210 210 GLU GLU A . n 
A 1 211 GLU 211 211 211 GLU GLU A . n 
A 1 212 SER 212 212 212 SER SER A . n 
A 1 213 TYR 213 213 213 TYR TYR A . n 
A 1 214 LYS 214 214 214 LYS LYS A . n 
A 1 215 ASP 215 215 215 ASP ASP A . n 
A 1 216 SER 216 216 216 SER SER A . n 
A 1 217 THR 217 217 217 THR THR A . n 
A 1 218 LEU 218 218 218 LEU LEU A . n 
A 1 219 ILE 219 219 219 ILE ILE A . n 
A 1 220 MET 220 220 220 MET MET A . n 
A 1 221 GLN 221 221 221 GLN GLN A . n 
A 1 222 LEU 222 222 222 LEU LEU A . n 
A 1 223 LEU 223 223 223 LEU LEU A . n 
A 1 224 ARG 224 224 224 ARG ARG A . n 
A 1 225 ASP 225 225 225 ASP ASP A . n 
A 1 226 ASN 226 226 226 ASN ASN A . n 
A 1 227 LEU 227 227 227 LEU LEU A . n 
A 1 228 THR 228 228 228 THR THR A . n 
A 1 229 LEU 229 229 229 LEU LEU A . n 
A 1 230 TRP 230 230 230 TRP TRP A . n 
A 1 231 THR 231 231 231 THR THR A . n 
A 1 232 SER 232 232 232 SER SER A . n 
A 1 233 GLU 233 233 ?   ?   ?   A . n 
A 1 234 ASN 234 234 ?   ?   ?   A . n 
A 1 235 GLN 235 235 ?   ?   ?   A . n 
A 1 236 GLY 236 236 ?   ?   ?   A . n 
A 1 237 ASP 237 237 ?   ?   ?   A . n 
A 1 238 GLU 238 238 ?   ?   ?   A . n 
A 1 239 GLY 239 239 ?   ?   ?   A . n 
A 1 240 GLU 240 240 ?   ?   ?   A . n 
A 1 241 ASN 241 241 ?   ?   ?   A . n 
A 1 242 LEU 242 242 ?   ?   ?   A . n 
A 1 243 TYR 243 243 ?   ?   ?   A . n 
A 1 244 PHE 244 244 ?   ?   ?   A . n 
A 1 245 GLN 245 245 ?   ?   ?   A . n 
B 2 1   GLY 1   1   1   GLY GLY P . n 
B 2 2   LEU 2   2   2   LEU LEU P . n 
B 2 3   LEU 3   3   3   LEU LEU P . n 
B 2 4   ASP 4   4   4   ASP ASP P . n 
B 2 5   ALA 5   5   5   ALA ALA P . n 
B 2 6   LEU 6   6   6   LEU LEU P . n 
B 2 7   ASP 7   7   7   ASP ASP P . n 
B 2 8   LEU 8   8   8   LEU LEU P . n 
B 2 9   ALA 9   9   9   ALA ALA P . n 
B 2 10  SER 10  10  10  SER SER P . n 
B 2 11  LYS 11  11  11  LYS LYS P . n 
# 
_pdbx_struct_assembly.id                   1 
_pdbx_struct_assembly.details              author_and_software_defined_assembly 
_pdbx_struct_assembly.method_details       PISA 
_pdbx_struct_assembly.oligomeric_details   tetrameric 
_pdbx_struct_assembly.oligomeric_count     4 
# 
_pdbx_struct_assembly_gen.assembly_id       1 
_pdbx_struct_assembly_gen.oper_expression   1,2 
_pdbx_struct_assembly_gen.asym_id_list      A,B 
# 
loop_
_pdbx_struct_assembly_prop.biol_id 
_pdbx_struct_assembly_prop.type 
_pdbx_struct_assembly_prop.value 
_pdbx_struct_assembly_prop.details 
1 'ABSA (A^2)' 4570  ? 
1 MORE         -28.1 ? 
1 'SSA (A^2)'  21150 ? 
# 
loop_
_pdbx_struct_oper_list.id 
_pdbx_struct_oper_list.type 
_pdbx_struct_oper_list.name 
_pdbx_struct_oper_list.symmetry_operation 
_pdbx_struct_oper_list.matrix[1][1] 
_pdbx_struct_oper_list.matrix[1][2] 
_pdbx_struct_oper_list.matrix[1][3] 
_pdbx_struct_oper_list.vector[1] 
_pdbx_struct_oper_list.matrix[2][1] 
_pdbx_struct_oper_list.matrix[2][2] 
_pdbx_struct_oper_list.matrix[2][3] 
_pdbx_struct_oper_list.vector[2] 
_pdbx_struct_oper_list.matrix[3][1] 
_pdbx_struct_oper_list.matrix[3][2] 
_pdbx_struct_oper_list.matrix[3][3] 
_pdbx_struct_oper_list.vector[3] 
1 'identity operation'         1_555 x,y,z       1.0000000000  0.0000000000  0.0000000000  0.0000000000   0.0000000000  1.0000000000 0.0000000000 0.0000000000  0.0000000000  0.0000000000 1.0000000000  0.0000000000  
2 'crystal symmetry operation' 3_555 -x,y,-z+1/2 -0.9997881176 -0.0205626378 -0.0009475825 -38.5945661238 -0.0205626378 0.9955503310 0.0919604071 -0.8888630576 -0.0009475825 0.0919604071 -0.9957622134 10.6585531383 
# 
loop_
_pdbx_audit_revision_history.ordinal 
_pdbx_audit_revision_history.data_content_type 
_pdbx_audit_revision_history.major_revision 
_pdbx_audit_revision_history.minor_revision 
_pdbx_audit_revision_history.revision_date 
1 'Structure model' 1 0 2005-09-29 
2 'Structure model' 1 1 2013-12-04 
3 'Structure model' 1 2 2023-12-13 
# 
_pdbx_audit_revision_details.ordinal             1 
_pdbx_audit_revision_details.revision_ordinal    1 
_pdbx_audit_revision_details.data_content_type   'Structure model' 
_pdbx_audit_revision_details.provider            repository 
_pdbx_audit_revision_details.type                'Initial release' 
_pdbx_audit_revision_details.description         ? 
_pdbx_audit_revision_details.details             ? 
# 
loop_
_pdbx_audit_revision_group.ordinal 
_pdbx_audit_revision_group.revision_ordinal 
_pdbx_audit_revision_group.data_content_type 
_pdbx_audit_revision_group.group 
1 2 'Structure model' 'Derived calculations'      
2 2 'Structure model' 'Refinement description'    
3 2 'Structure model' 'Source and taxonomy'       
4 2 'Structure model' 'Version format compliance' 
5 3 'Structure model' 'Data collection'           
6 3 'Structure model' 'Database references'       
7 3 'Structure model' Other                       
8 3 'Structure model' 'Refinement description'    
# 
loop_
_pdbx_audit_revision_category.ordinal 
_pdbx_audit_revision_category.revision_ordinal 
_pdbx_audit_revision_category.data_content_type 
_pdbx_audit_revision_category.category 
1 3 'Structure model' chem_comp_atom                
2 3 'Structure model' chem_comp_bond                
3 3 'Structure model' database_2                    
4 3 'Structure model' pdbx_database_status          
5 3 'Structure model' pdbx_initial_refinement_model 
# 
loop_
_pdbx_audit_revision_item.ordinal 
_pdbx_audit_revision_item.revision_ordinal 
_pdbx_audit_revision_item.data_content_type 
_pdbx_audit_revision_item.item 
1 3 'Structure model' '_database_2.pdbx_DOI'                 
2 3 'Structure model' '_database_2.pdbx_database_accession'  
3 3 'Structure model' '_pdbx_database_status.status_code_sf' 
# 
loop_
_software.name 
_software.classification 
_software.version 
_software.citation_id 
_software.pdbx_ordinal 
REFMAC refinement       5.2.0005 ? 1 
MOSFLM 'data reduction' .        ? 2 
SCALA  'data scaling'   .        ? 3 
PHASER phasing          .        ? 4 
# 
_pdbx_entry_details.entry_id                 2C23 
_pdbx_entry_details.compound_details         ? 
_pdbx_entry_details.source_details           ? 
_pdbx_entry_details.nonpolymer_details       ? 
_pdbx_entry_details.sequence_details         
;RESIDUES 240-245 ARE CLONING ARTEFACT FOR CHAIN A.
THE UNIPROT CROSS-REFERENCE GIVEN IN THE DBREF RECORDS
BELOW CORRESPONDS TO GENBANK ENTRY BC001359.2 (HOMO
SAPIENS TYROSINE 3-MONOOXYGENASE ACTIVATION PROTEIN
BETA POLYPEPTIDE TRANSCRIPT VARIANT 2)
;
_pdbx_entry_details.has_ligand_of_interest   ? 
# 
loop_
_pdbx_validate_torsion.id 
_pdbx_validate_torsion.PDB_model_num 
_pdbx_validate_torsion.auth_comp_id 
_pdbx_validate_torsion.auth_asym_id 
_pdbx_validate_torsion.auth_seq_id 
_pdbx_validate_torsion.PDB_ins_code 
_pdbx_validate_torsion.label_alt_id 
_pdbx_validate_torsion.phi 
_pdbx_validate_torsion.psi 
1  1 SER A 39  ? ? -66.31  -178.24 
2  1 LYS A 77  ? ? -96.36  56.77   
3  1 GLN A 79  ? ? -54.65  6.92    
4  1 TYR A 106 ? ? -131.46 -57.76  
5  1 PRO A 114 ? ? -25.23  -59.40  
6  1 GLU A 204 ? ? -93.25  59.06   
7  1 LEU A 208 ? ? -31.36  119.78  
8  1 GLU A 211 ? ? -46.42  -18.54  
9  1 SER A 212 ? ? -147.33 18.43   
10 1 LEU P 6   ? ? -98.33  30.01   
11 1 ASP P 7   ? ? -19.41  98.32   
12 1 SER P 10  ? ? 100.43  172.75  
# 
_pdbx_validate_peptide_omega.id               1 
_pdbx_validate_peptide_omega.PDB_model_num    1 
_pdbx_validate_peptide_omega.auth_comp_id_1   ALA 
_pdbx_validate_peptide_omega.auth_asym_id_1   P 
_pdbx_validate_peptide_omega.auth_seq_id_1    9 
_pdbx_validate_peptide_omega.PDB_ins_code_1   ? 
_pdbx_validate_peptide_omega.label_alt_id_1   ? 
_pdbx_validate_peptide_omega.auth_comp_id_2   SER 
_pdbx_validate_peptide_omega.auth_asym_id_2   P 
_pdbx_validate_peptide_omega.auth_seq_id_2    10 
_pdbx_validate_peptide_omega.PDB_ins_code_2   ? 
_pdbx_validate_peptide_omega.label_alt_id_2   ? 
_pdbx_validate_peptide_omega.omega            145.01 
# 
loop_
_pdbx_unobs_or_zero_occ_atoms.id 
_pdbx_unobs_or_zero_occ_atoms.PDB_model_num 
_pdbx_unobs_or_zero_occ_atoms.polymer_flag 
_pdbx_unobs_or_zero_occ_atoms.occupancy_flag 
_pdbx_unobs_or_zero_occ_atoms.auth_asym_id 
_pdbx_unobs_or_zero_occ_atoms.auth_comp_id 
_pdbx_unobs_or_zero_occ_atoms.auth_seq_id 
_pdbx_unobs_or_zero_occ_atoms.PDB_ins_code 
_pdbx_unobs_or_zero_occ_atoms.auth_atom_id 
_pdbx_unobs_or_zero_occ_atoms.label_alt_id 
_pdbx_unobs_or_zero_occ_atoms.label_asym_id 
_pdbx_unobs_or_zero_occ_atoms.label_comp_id 
_pdbx_unobs_or_zero_occ_atoms.label_seq_id 
_pdbx_unobs_or_zero_occ_atoms.label_atom_id 
1  1 Y 1 A LYS 13  ? CE  ? A LYS 13  CE  
2  1 Y 1 A LYS 13  ? NZ  ? A LYS 13  NZ  
3  1 Y 1 A GLN 69  ? CG  ? A GLN 69  CG  
4  1 Y 1 A GLN 69  ? CD  ? A GLN 69  CD  
5  1 Y 1 A GLN 69  ? OE1 ? A GLN 69  OE1 
6  1 Y 1 A GLN 69  ? NE2 ? A GLN 69  NE2 
7  1 Y 1 A LYS 70  ? CG  ? A LYS 70  CG  
8  1 Y 1 A LYS 70  ? CD  ? A LYS 70  CD  
9  1 Y 1 A LYS 70  ? CE  ? A LYS 70  CE  
10 1 Y 1 A LYS 70  ? NZ  ? A LYS 70  NZ  
11 1 Y 1 A LYS 76  ? CG  ? A LYS 76  CG  
12 1 Y 1 A LYS 76  ? CD  ? A LYS 76  CD  
13 1 Y 1 A LYS 76  ? CE  ? A LYS 76  CE  
14 1 Y 1 A LYS 76  ? NZ  ? A LYS 76  NZ  
15 1 Y 1 A LYS 77  ? CG  ? A LYS 77  CG  
16 1 Y 1 A LYS 77  ? CD  ? A LYS 77  CD  
17 1 Y 1 A LYS 77  ? CE  ? A LYS 77  CE  
18 1 Y 1 A LYS 77  ? NZ  ? A LYS 77  NZ  
19 1 Y 1 A GLN 79  ? CG  ? A GLN 79  CG  
20 1 Y 1 A GLN 79  ? CD  ? A GLN 79  CD  
21 1 Y 1 A GLN 79  ? OE1 ? A GLN 79  OE1 
22 1 Y 1 A GLN 79  ? NE2 ? A GLN 79  NE2 
23 1 Y 1 A GLU 83  ? CG  ? A GLU 83  CG  
24 1 Y 1 A GLU 83  ? CD  ? A GLU 83  CD  
25 1 Y 1 A GLU 83  ? OE1 ? A GLU 83  OE1 
26 1 Y 1 A GLU 83  ? OE2 ? A GLU 83  OE2 
27 1 Y 1 A LYS 105 ? CE  ? A LYS 105 CE  
28 1 Y 1 A LYS 105 ? NZ  ? A LYS 105 NZ  
29 1 Y 1 A GLN 141 ? CG  ? A GLN 141 CG  
30 1 Y 1 A GLN 141 ? CD  ? A GLN 141 CD  
31 1 Y 1 A GLN 141 ? OE1 ? A GLN 141 OE1 
32 1 Y 1 A GLN 141 ? NE2 ? A GLN 141 NE2 
33 1 Y 1 A LYS 159 ? NZ  ? A LYS 159 NZ  
34 1 Y 1 A LYS 160 ? CD  ? A LYS 160 CD  
35 1 Y 1 A LYS 160 ? CE  ? A LYS 160 CE  
36 1 Y 1 A LYS 160 ? NZ  ? A LYS 160 NZ  
37 1 Y 1 A LYS 195 ? CE  ? A LYS 195 CE  
38 1 Y 1 A LYS 195 ? NZ  ? A LYS 195 NZ  
39 1 Y 1 A GLU 211 ? CG  ? A GLU 211 CG  
40 1 Y 1 A GLU 211 ? CD  ? A GLU 211 CD  
41 1 Y 1 A GLU 211 ? OE1 ? A GLU 211 OE1 
42 1 Y 1 A GLU 211 ? OE2 ? A GLU 211 OE2 
43 1 Y 1 A LYS 214 ? CG  ? A LYS 214 CG  
44 1 Y 1 A LYS 214 ? CD  ? A LYS 214 CD  
45 1 Y 1 A LYS 214 ? CE  ? A LYS 214 CE  
46 1 Y 1 A LYS 214 ? NZ  ? A LYS 214 NZ  
47 1 Y 1 P LYS 11  ? CG  ? B LYS 11  CG  
48 1 Y 1 P LYS 11  ? CD  ? B LYS 11  CD  
49 1 Y 1 P LYS 11  ? CE  ? B LYS 11  CE  
50 1 Y 1 P LYS 11  ? NZ  ? B LYS 11  NZ  
# 
loop_
_pdbx_unobs_or_zero_occ_residues.id 
_pdbx_unobs_or_zero_occ_residues.PDB_model_num 
_pdbx_unobs_or_zero_occ_residues.polymer_flag 
_pdbx_unobs_or_zero_occ_residues.occupancy_flag 
_pdbx_unobs_or_zero_occ_residues.auth_asym_id 
_pdbx_unobs_or_zero_occ_residues.auth_comp_id 
_pdbx_unobs_or_zero_occ_residues.auth_seq_id 
_pdbx_unobs_or_zero_occ_residues.PDB_ins_code 
_pdbx_unobs_or_zero_occ_residues.label_asym_id 
_pdbx_unobs_or_zero_occ_residues.label_comp_id 
_pdbx_unobs_or_zero_occ_residues.label_seq_id 
1  1 Y 1 A MET 1   ? A MET 1   
2  1 Y 1 A THR 2   ? A THR 2   
3  1 Y 1 A THR 71  ? A THR 71  
4  1 Y 1 A GLU 72  ? A GLU 72  
5  1 Y 1 A ARG 73  ? A ARG 73  
6  1 Y 1 A ASN 74  ? A ASN 74  
7  1 Y 1 A GLU 75  ? A GLU 75  
8  1 Y 1 A GLU 233 ? A GLU 233 
9  1 Y 1 A ASN 234 ? A ASN 234 
10 1 Y 1 A GLN 235 ? A GLN 235 
11 1 Y 1 A GLY 236 ? A GLY 236 
12 1 Y 1 A ASP 237 ? A ASP 237 
13 1 Y 1 A GLU 238 ? A GLU 238 
14 1 Y 1 A GLY 239 ? A GLY 239 
15 1 Y 1 A GLU 240 ? A GLU 240 
16 1 Y 1 A ASN 241 ? A ASN 241 
17 1 Y 1 A LEU 242 ? A LEU 242 
18 1 Y 1 A TYR 243 ? A TYR 243 
19 1 Y 1 A PHE 244 ? A PHE 244 
20 1 Y 1 A GLN 245 ? A GLN 245 
# 
loop_
_chem_comp_atom.comp_id 
_chem_comp_atom.atom_id 
_chem_comp_atom.type_symbol 
_chem_comp_atom.pdbx_aromatic_flag 
_chem_comp_atom.pdbx_stereo_config 
_chem_comp_atom.pdbx_ordinal 
ALA N    N N N 1   
ALA CA   C N S 2   
ALA C    C N N 3   
ALA O    O N N 4   
ALA CB   C N N 5   
ALA OXT  O N N 6   
ALA H    H N N 7   
ALA H2   H N N 8   
ALA HA   H N N 9   
ALA HB1  H N N 10  
ALA HB2  H N N 11  
ALA HB3  H N N 12  
ALA HXT  H N N 13  
ARG N    N N N 14  
ARG CA   C N S 15  
ARG C    C N N 16  
ARG O    O N N 17  
ARG CB   C N N 18  
ARG CG   C N N 19  
ARG CD   C N N 20  
ARG NE   N N N 21  
ARG CZ   C N N 22  
ARG NH1  N N N 23  
ARG NH2  N N N 24  
ARG OXT  O N N 25  
ARG H    H N N 26  
ARG H2   H N N 27  
ARG HA   H N N 28  
ARG HB2  H N N 29  
ARG HB3  H N N 30  
ARG HG2  H N N 31  
ARG HG3  H N N 32  
ARG HD2  H N N 33  
ARG HD3  H N N 34  
ARG HE   H N N 35  
ARG HH11 H N N 36  
ARG HH12 H N N 37  
ARG HH21 H N N 38  
ARG HH22 H N N 39  
ARG HXT  H N N 40  
ASN N    N N N 41  
ASN CA   C N S 42  
ASN C    C N N 43  
ASN O    O N N 44  
ASN CB   C N N 45  
ASN CG   C N N 46  
ASN OD1  O N N 47  
ASN ND2  N N N 48  
ASN OXT  O N N 49  
ASN H    H N N 50  
ASN H2   H N N 51  
ASN HA   H N N 52  
ASN HB2  H N N 53  
ASN HB3  H N N 54  
ASN HD21 H N N 55  
ASN HD22 H N N 56  
ASN HXT  H N N 57  
ASP N    N N N 58  
ASP CA   C N S 59  
ASP C    C N N 60  
ASP O    O N N 61  
ASP CB   C N N 62  
ASP CG   C N N 63  
ASP OD1  O N N 64  
ASP OD2  O N N 65  
ASP OXT  O N N 66  
ASP H    H N N 67  
ASP H2   H N N 68  
ASP HA   H N N 69  
ASP HB2  H N N 70  
ASP HB3  H N N 71  
ASP HD2  H N N 72  
ASP HXT  H N N 73  
CYS N    N N N 74  
CYS CA   C N R 75  
CYS C    C N N 76  
CYS O    O N N 77  
CYS CB   C N N 78  
CYS SG   S N N 79  
CYS OXT  O N N 80  
CYS H    H N N 81  
CYS H2   H N N 82  
CYS HA   H N N 83  
CYS HB2  H N N 84  
CYS HB3  H N N 85  
CYS HG   H N N 86  
CYS HXT  H N N 87  
GLN N    N N N 88  
GLN CA   C N S 89  
GLN C    C N N 90  
GLN O    O N N 91  
GLN CB   C N N 92  
GLN CG   C N N 93  
GLN CD   C N N 94  
GLN OE1  O N N 95  
GLN NE2  N N N 96  
GLN OXT  O N N 97  
GLN H    H N N 98  
GLN H2   H N N 99  
GLN HA   H N N 100 
GLN HB2  H N N 101 
GLN HB3  H N N 102 
GLN HG2  H N N 103 
GLN HG3  H N N 104 
GLN HE21 H N N 105 
GLN HE22 H N N 106 
GLN HXT  H N N 107 
GLU N    N N N 108 
GLU CA   C N S 109 
GLU C    C N N 110 
GLU O    O N N 111 
GLU CB   C N N 112 
GLU CG   C N N 113 
GLU CD   C N N 114 
GLU OE1  O N N 115 
GLU OE2  O N N 116 
GLU OXT  O N N 117 
GLU H    H N N 118 
GLU H2   H N N 119 
GLU HA   H N N 120 
GLU HB2  H N N 121 
GLU HB3  H N N 122 
GLU HG2  H N N 123 
GLU HG3  H N N 124 
GLU HE2  H N N 125 
GLU HXT  H N N 126 
GLY N    N N N 127 
GLY CA   C N N 128 
GLY C    C N N 129 
GLY O    O N N 130 
GLY OXT  O N N 131 
GLY H    H N N 132 
GLY H2   H N N 133 
GLY HA2  H N N 134 
GLY HA3  H N N 135 
GLY HXT  H N N 136 
HIS N    N N N 137 
HIS CA   C N S 138 
HIS C    C N N 139 
HIS O    O N N 140 
HIS CB   C N N 141 
HIS CG   C Y N 142 
HIS ND1  N Y N 143 
HIS CD2  C Y N 144 
HIS CE1  C Y N 145 
HIS NE2  N Y N 146 
HIS OXT  O N N 147 
HIS H    H N N 148 
HIS H2   H N N 149 
HIS HA   H N N 150 
HIS HB2  H N N 151 
HIS HB3  H N N 152 
HIS HD1  H N N 153 
HIS HD2  H N N 154 
HIS HE1  H N N 155 
HIS HE2  H N N 156 
HIS HXT  H N N 157 
ILE N    N N N 158 
ILE CA   C N S 159 
ILE C    C N N 160 
ILE O    O N N 161 
ILE CB   C N S 162 
ILE CG1  C N N 163 
ILE CG2  C N N 164 
ILE CD1  C N N 165 
ILE OXT  O N N 166 
ILE H    H N N 167 
ILE H2   H N N 168 
ILE HA   H N N 169 
ILE HB   H N N 170 
ILE HG12 H N N 171 
ILE HG13 H N N 172 
ILE HG21 H N N 173 
ILE HG22 H N N 174 
ILE HG23 H N N 175 
ILE HD11 H N N 176 
ILE HD12 H N N 177 
ILE HD13 H N N 178 
ILE HXT  H N N 179 
LEU N    N N N 180 
LEU CA   C N S 181 
LEU C    C N N 182 
LEU O    O N N 183 
LEU CB   C N N 184 
LEU CG   C N N 185 
LEU CD1  C N N 186 
LEU CD2  C N N 187 
LEU OXT  O N N 188 
LEU H    H N N 189 
LEU H2   H N N 190 
LEU HA   H N N 191 
LEU HB2  H N N 192 
LEU HB3  H N N 193 
LEU HG   H N N 194 
LEU HD11 H N N 195 
LEU HD12 H N N 196 
LEU HD13 H N N 197 
LEU HD21 H N N 198 
LEU HD22 H N N 199 
LEU HD23 H N N 200 
LEU HXT  H N N 201 
LYS N    N N N 202 
LYS CA   C N S 203 
LYS C    C N N 204 
LYS O    O N N 205 
LYS CB   C N N 206 
LYS CG   C N N 207 
LYS CD   C N N 208 
LYS CE   C N N 209 
LYS NZ   N N N 210 
LYS OXT  O N N 211 
LYS H    H N N 212 
LYS H2   H N N 213 
LYS HA   H N N 214 
LYS HB2  H N N 215 
LYS HB3  H N N 216 
LYS HG2  H N N 217 
LYS HG3  H N N 218 
LYS HD2  H N N 219 
LYS HD3  H N N 220 
LYS HE2  H N N 221 
LYS HE3  H N N 222 
LYS HZ1  H N N 223 
LYS HZ2  H N N 224 
LYS HZ3  H N N 225 
LYS HXT  H N N 226 
MET N    N N N 227 
MET CA   C N S 228 
MET C    C N N 229 
MET O    O N N 230 
MET CB   C N N 231 
MET CG   C N N 232 
MET SD   S N N 233 
MET CE   C N N 234 
MET OXT  O N N 235 
MET H    H N N 236 
MET H2   H N N 237 
MET HA   H N N 238 
MET HB2  H N N 239 
MET HB3  H N N 240 
MET HG2  H N N 241 
MET HG3  H N N 242 
MET HE1  H N N 243 
MET HE2  H N N 244 
MET HE3  H N N 245 
MET HXT  H N N 246 
PHE N    N N N 247 
PHE CA   C N S 248 
PHE C    C N N 249 
PHE O    O N N 250 
PHE CB   C N N 251 
PHE CG   C Y N 252 
PHE CD1  C Y N 253 
PHE CD2  C Y N 254 
PHE CE1  C Y N 255 
PHE CE2  C Y N 256 
PHE CZ   C Y N 257 
PHE OXT  O N N 258 
PHE H    H N N 259 
PHE H2   H N N 260 
PHE HA   H N N 261 
PHE HB2  H N N 262 
PHE HB3  H N N 263 
PHE HD1  H N N 264 
PHE HD2  H N N 265 
PHE HE1  H N N 266 
PHE HE2  H N N 267 
PHE HZ   H N N 268 
PHE HXT  H N N 269 
PRO N    N N N 270 
PRO CA   C N S 271 
PRO C    C N N 272 
PRO O    O N N 273 
PRO CB   C N N 274 
PRO CG   C N N 275 
PRO CD   C N N 276 
PRO OXT  O N N 277 
PRO H    H N N 278 
PRO HA   H N N 279 
PRO HB2  H N N 280 
PRO HB3  H N N 281 
PRO HG2  H N N 282 
PRO HG3  H N N 283 
PRO HD2  H N N 284 
PRO HD3  H N N 285 
PRO HXT  H N N 286 
SER N    N N N 287 
SER CA   C N S 288 
SER C    C N N 289 
SER O    O N N 290 
SER CB   C N N 291 
SER OG   O N N 292 
SER OXT  O N N 293 
SER H    H N N 294 
SER H2   H N N 295 
SER HA   H N N 296 
SER HB2  H N N 297 
SER HB3  H N N 298 
SER HG   H N N 299 
SER HXT  H N N 300 
THR N    N N N 301 
THR CA   C N S 302 
THR C    C N N 303 
THR O    O N N 304 
THR CB   C N R 305 
THR OG1  O N N 306 
THR CG2  C N N 307 
THR OXT  O N N 308 
THR H    H N N 309 
THR H2   H N N 310 
THR HA   H N N 311 
THR HB   H N N 312 
THR HG1  H N N 313 
THR HG21 H N N 314 
THR HG22 H N N 315 
THR HG23 H N N 316 
THR HXT  H N N 317 
TRP N    N N N 318 
TRP CA   C N S 319 
TRP C    C N N 320 
TRP O    O N N 321 
TRP CB   C N N 322 
TRP CG   C Y N 323 
TRP CD1  C Y N 324 
TRP CD2  C Y N 325 
TRP NE1  N Y N 326 
TRP CE2  C Y N 327 
TRP CE3  C Y N 328 
TRP CZ2  C Y N 329 
TRP CZ3  C Y N 330 
TRP CH2  C Y N 331 
TRP OXT  O N N 332 
TRP H    H N N 333 
TRP H2   H N N 334 
TRP HA   H N N 335 
TRP HB2  H N N 336 
TRP HB3  H N N 337 
TRP HD1  H N N 338 
TRP HE1  H N N 339 
TRP HE3  H N N 340 
TRP HZ2  H N N 341 
TRP HZ3  H N N 342 
TRP HH2  H N N 343 
TRP HXT  H N N 344 
TYR N    N N N 345 
TYR CA   C N S 346 
TYR C    C N N 347 
TYR O    O N N 348 
TYR CB   C N N 349 
TYR CG   C Y N 350 
TYR CD1  C Y N 351 
TYR CD2  C Y N 352 
TYR CE1  C Y N 353 
TYR CE2  C Y N 354 
TYR CZ   C Y N 355 
TYR OH   O N N 356 
TYR OXT  O N N 357 
TYR H    H N N 358 
TYR H2   H N N 359 
TYR HA   H N N 360 
TYR HB2  H N N 361 
TYR HB3  H N N 362 
TYR HD1  H N N 363 
TYR HD2  H N N 364 
TYR HE1  H N N 365 
TYR HE2  H N N 366 
TYR HH   H N N 367 
TYR HXT  H N N 368 
VAL N    N N N 369 
VAL CA   C N S 370 
VAL C    C N N 371 
VAL O    O N N 372 
VAL CB   C N N 373 
VAL CG1  C N N 374 
VAL CG2  C N N 375 
VAL OXT  O N N 376 
VAL H    H N N 377 
VAL H2   H N N 378 
VAL HA   H N N 379 
VAL HB   H N N 380 
VAL HG11 H N N 381 
VAL HG12 H N N 382 
VAL HG13 H N N 383 
VAL HG21 H N N 384 
VAL HG22 H N N 385 
VAL HG23 H N N 386 
VAL HXT  H N N 387 
# 
loop_
_chem_comp_bond.comp_id 
_chem_comp_bond.atom_id_1 
_chem_comp_bond.atom_id_2 
_chem_comp_bond.value_order 
_chem_comp_bond.pdbx_aromatic_flag 
_chem_comp_bond.pdbx_stereo_config 
_chem_comp_bond.pdbx_ordinal 
ALA N   CA   sing N N 1   
ALA N   H    sing N N 2   
ALA N   H2   sing N N 3   
ALA CA  C    sing N N 4   
ALA CA  CB   sing N N 5   
ALA CA  HA   sing N N 6   
ALA C   O    doub N N 7   
ALA C   OXT  sing N N 8   
ALA CB  HB1  sing N N 9   
ALA CB  HB2  sing N N 10  
ALA CB  HB3  sing N N 11  
ALA OXT HXT  sing N N 12  
ARG N   CA   sing N N 13  
ARG N   H    sing N N 14  
ARG N   H2   sing N N 15  
ARG CA  C    sing N N 16  
ARG CA  CB   sing N N 17  
ARG CA  HA   sing N N 18  
ARG C   O    doub N N 19  
ARG C   OXT  sing N N 20  
ARG CB  CG   sing N N 21  
ARG CB  HB2  sing N N 22  
ARG CB  HB3  sing N N 23  
ARG CG  CD   sing N N 24  
ARG CG  HG2  sing N N 25  
ARG CG  HG3  sing N N 26  
ARG CD  NE   sing N N 27  
ARG CD  HD2  sing N N 28  
ARG CD  HD3  sing N N 29  
ARG NE  CZ   sing N N 30  
ARG NE  HE   sing N N 31  
ARG CZ  NH1  sing N N 32  
ARG CZ  NH2  doub N N 33  
ARG NH1 HH11 sing N N 34  
ARG NH1 HH12 sing N N 35  
ARG NH2 HH21 sing N N 36  
ARG NH2 HH22 sing N N 37  
ARG OXT HXT  sing N N 38  
ASN N   CA   sing N N 39  
ASN N   H    sing N N 40  
ASN N   H2   sing N N 41  
ASN CA  C    sing N N 42  
ASN CA  CB   sing N N 43  
ASN CA  HA   sing N N 44  
ASN C   O    doub N N 45  
ASN C   OXT  sing N N 46  
ASN CB  CG   sing N N 47  
ASN CB  HB2  sing N N 48  
ASN CB  HB3  sing N N 49  
ASN CG  OD1  doub N N 50  
ASN CG  ND2  sing N N 51  
ASN ND2 HD21 sing N N 52  
ASN ND2 HD22 sing N N 53  
ASN OXT HXT  sing N N 54  
ASP N   CA   sing N N 55  
ASP N   H    sing N N 56  
ASP N   H2   sing N N 57  
ASP CA  C    sing N N 58  
ASP CA  CB   sing N N 59  
ASP CA  HA   sing N N 60  
ASP C   O    doub N N 61  
ASP C   OXT  sing N N 62  
ASP CB  CG   sing N N 63  
ASP CB  HB2  sing N N 64  
ASP CB  HB3  sing N N 65  
ASP CG  OD1  doub N N 66  
ASP CG  OD2  sing N N 67  
ASP OD2 HD2  sing N N 68  
ASP OXT HXT  sing N N 69  
CYS N   CA   sing N N 70  
CYS N   H    sing N N 71  
CYS N   H2   sing N N 72  
CYS CA  C    sing N N 73  
CYS CA  CB   sing N N 74  
CYS CA  HA   sing N N 75  
CYS C   O    doub N N 76  
CYS C   OXT  sing N N 77  
CYS CB  SG   sing N N 78  
CYS CB  HB2  sing N N 79  
CYS CB  HB3  sing N N 80  
CYS SG  HG   sing N N 81  
CYS OXT HXT  sing N N 82  
GLN N   CA   sing N N 83  
GLN N   H    sing N N 84  
GLN N   H2   sing N N 85  
GLN CA  C    sing N N 86  
GLN CA  CB   sing N N 87  
GLN CA  HA   sing N N 88  
GLN C   O    doub N N 89  
GLN C   OXT  sing N N 90  
GLN CB  CG   sing N N 91  
GLN CB  HB2  sing N N 92  
GLN CB  HB3  sing N N 93  
GLN CG  CD   sing N N 94  
GLN CG  HG2  sing N N 95  
GLN CG  HG3  sing N N 96  
GLN CD  OE1  doub N N 97  
GLN CD  NE2  sing N N 98  
GLN NE2 HE21 sing N N 99  
GLN NE2 HE22 sing N N 100 
GLN OXT HXT  sing N N 101 
GLU N   CA   sing N N 102 
GLU N   H    sing N N 103 
GLU N   H2   sing N N 104 
GLU CA  C    sing N N 105 
GLU CA  CB   sing N N 106 
GLU CA  HA   sing N N 107 
GLU C   O    doub N N 108 
GLU C   OXT  sing N N 109 
GLU CB  CG   sing N N 110 
GLU CB  HB2  sing N N 111 
GLU CB  HB3  sing N N 112 
GLU CG  CD   sing N N 113 
GLU CG  HG2  sing N N 114 
GLU CG  HG3  sing N N 115 
GLU CD  OE1  doub N N 116 
GLU CD  OE2  sing N N 117 
GLU OE2 HE2  sing N N 118 
GLU OXT HXT  sing N N 119 
GLY N   CA   sing N N 120 
GLY N   H    sing N N 121 
GLY N   H2   sing N N 122 
GLY CA  C    sing N N 123 
GLY CA  HA2  sing N N 124 
GLY CA  HA3  sing N N 125 
GLY C   O    doub N N 126 
GLY C   OXT  sing N N 127 
GLY OXT HXT  sing N N 128 
HIS N   CA   sing N N 129 
HIS N   H    sing N N 130 
HIS N   H2   sing N N 131 
HIS CA  C    sing N N 132 
HIS CA  CB   sing N N 133 
HIS CA  HA   sing N N 134 
HIS C   O    doub N N 135 
HIS C   OXT  sing N N 136 
HIS CB  CG   sing N N 137 
HIS CB  HB2  sing N N 138 
HIS CB  HB3  sing N N 139 
HIS CG  ND1  sing Y N 140 
HIS CG  CD2  doub Y N 141 
HIS ND1 CE1  doub Y N 142 
HIS ND1 HD1  sing N N 143 
HIS CD2 NE2  sing Y N 144 
HIS CD2 HD2  sing N N 145 
HIS CE1 NE2  sing Y N 146 
HIS CE1 HE1  sing N N 147 
HIS NE2 HE2  sing N N 148 
HIS OXT HXT  sing N N 149 
ILE N   CA   sing N N 150 
ILE N   H    sing N N 151 
ILE N   H2   sing N N 152 
ILE CA  C    sing N N 153 
ILE CA  CB   sing N N 154 
ILE CA  HA   sing N N 155 
ILE C   O    doub N N 156 
ILE C   OXT  sing N N 157 
ILE CB  CG1  sing N N 158 
ILE CB  CG2  sing N N 159 
ILE CB  HB   sing N N 160 
ILE CG1 CD1  sing N N 161 
ILE CG1 HG12 sing N N 162 
ILE CG1 HG13 sing N N 163 
ILE CG2 HG21 sing N N 164 
ILE CG2 HG22 sing N N 165 
ILE CG2 HG23 sing N N 166 
ILE CD1 HD11 sing N N 167 
ILE CD1 HD12 sing N N 168 
ILE CD1 HD13 sing N N 169 
ILE OXT HXT  sing N N 170 
LEU N   CA   sing N N 171 
LEU N   H    sing N N 172 
LEU N   H2   sing N N 173 
LEU CA  C    sing N N 174 
LEU CA  CB   sing N N 175 
LEU CA  HA   sing N N 176 
LEU C   O    doub N N 177 
LEU C   OXT  sing N N 178 
LEU CB  CG   sing N N 179 
LEU CB  HB2  sing N N 180 
LEU CB  HB3  sing N N 181 
LEU CG  CD1  sing N N 182 
LEU CG  CD2  sing N N 183 
LEU CG  HG   sing N N 184 
LEU CD1 HD11 sing N N 185 
LEU CD1 HD12 sing N N 186 
LEU CD1 HD13 sing N N 187 
LEU CD2 HD21 sing N N 188 
LEU CD2 HD22 sing N N 189 
LEU CD2 HD23 sing N N 190 
LEU OXT HXT  sing N N 191 
LYS N   CA   sing N N 192 
LYS N   H    sing N N 193 
LYS N   H2   sing N N 194 
LYS CA  C    sing N N 195 
LYS CA  CB   sing N N 196 
LYS CA  HA   sing N N 197 
LYS C   O    doub N N 198 
LYS C   OXT  sing N N 199 
LYS CB  CG   sing N N 200 
LYS CB  HB2  sing N N 201 
LYS CB  HB3  sing N N 202 
LYS CG  CD   sing N N 203 
LYS CG  HG2  sing N N 204 
LYS CG  HG3  sing N N 205 
LYS CD  CE   sing N N 206 
LYS CD  HD2  sing N N 207 
LYS CD  HD3  sing N N 208 
LYS CE  NZ   sing N N 209 
LYS CE  HE2  sing N N 210 
LYS CE  HE3  sing N N 211 
LYS NZ  HZ1  sing N N 212 
LYS NZ  HZ2  sing N N 213 
LYS NZ  HZ3  sing N N 214 
LYS OXT HXT  sing N N 215 
MET N   CA   sing N N 216 
MET N   H    sing N N 217 
MET N   H2   sing N N 218 
MET CA  C    sing N N 219 
MET CA  CB   sing N N 220 
MET CA  HA   sing N N 221 
MET C   O    doub N N 222 
MET C   OXT  sing N N 223 
MET CB  CG   sing N N 224 
MET CB  HB2  sing N N 225 
MET CB  HB3  sing N N 226 
MET CG  SD   sing N N 227 
MET CG  HG2  sing N N 228 
MET CG  HG3  sing N N 229 
MET SD  CE   sing N N 230 
MET CE  HE1  sing N N 231 
MET CE  HE2  sing N N 232 
MET CE  HE3  sing N N 233 
MET OXT HXT  sing N N 234 
PHE N   CA   sing N N 235 
PHE N   H    sing N N 236 
PHE N   H2   sing N N 237 
PHE CA  C    sing N N 238 
PHE CA  CB   sing N N 239 
PHE CA  HA   sing N N 240 
PHE C   O    doub N N 241 
PHE C   OXT  sing N N 242 
PHE CB  CG   sing N N 243 
PHE CB  HB2  sing N N 244 
PHE CB  HB3  sing N N 245 
PHE CG  CD1  doub Y N 246 
PHE CG  CD2  sing Y N 247 
PHE CD1 CE1  sing Y N 248 
PHE CD1 HD1  sing N N 249 
PHE CD2 CE2  doub Y N 250 
PHE CD2 HD2  sing N N 251 
PHE CE1 CZ   doub Y N 252 
PHE CE1 HE1  sing N N 253 
PHE CE2 CZ   sing Y N 254 
PHE CE2 HE2  sing N N 255 
PHE CZ  HZ   sing N N 256 
PHE OXT HXT  sing N N 257 
PRO N   CA   sing N N 258 
PRO N   CD   sing N N 259 
PRO N   H    sing N N 260 
PRO CA  C    sing N N 261 
PRO CA  CB   sing N N 262 
PRO CA  HA   sing N N 263 
PRO C   O    doub N N 264 
PRO C   OXT  sing N N 265 
PRO CB  CG   sing N N 266 
PRO CB  HB2  sing N N 267 
PRO CB  HB3  sing N N 268 
PRO CG  CD   sing N N 269 
PRO CG  HG2  sing N N 270 
PRO CG  HG3  sing N N 271 
PRO CD  HD2  sing N N 272 
PRO CD  HD3  sing N N 273 
PRO OXT HXT  sing N N 274 
SER N   CA   sing N N 275 
SER N   H    sing N N 276 
SER N   H2   sing N N 277 
SER CA  C    sing N N 278 
SER CA  CB   sing N N 279 
SER CA  HA   sing N N 280 
SER C   O    doub N N 281 
SER C   OXT  sing N N 282 
SER CB  OG   sing N N 283 
SER CB  HB2  sing N N 284 
SER CB  HB3  sing N N 285 
SER OG  HG   sing N N 286 
SER OXT HXT  sing N N 287 
THR N   CA   sing N N 288 
THR N   H    sing N N 289 
THR N   H2   sing N N 290 
THR CA  C    sing N N 291 
THR CA  CB   sing N N 292 
THR CA  HA   sing N N 293 
THR C   O    doub N N 294 
THR C   OXT  sing N N 295 
THR CB  OG1  sing N N 296 
THR CB  CG2  sing N N 297 
THR CB  HB   sing N N 298 
THR OG1 HG1  sing N N 299 
THR CG2 HG21 sing N N 300 
THR CG2 HG22 sing N N 301 
THR CG2 HG23 sing N N 302 
THR OXT HXT  sing N N 303 
TRP N   CA   sing N N 304 
TRP N   H    sing N N 305 
TRP N   H2   sing N N 306 
TRP CA  C    sing N N 307 
TRP CA  CB   sing N N 308 
TRP CA  HA   sing N N 309 
TRP C   O    doub N N 310 
TRP C   OXT  sing N N 311 
TRP CB  CG   sing N N 312 
TRP CB  HB2  sing N N 313 
TRP CB  HB3  sing N N 314 
TRP CG  CD1  doub Y N 315 
TRP CG  CD2  sing Y N 316 
TRP CD1 NE1  sing Y N 317 
TRP CD1 HD1  sing N N 318 
TRP CD2 CE2  doub Y N 319 
TRP CD2 CE3  sing Y N 320 
TRP NE1 CE2  sing Y N 321 
TRP NE1 HE1  sing N N 322 
TRP CE2 CZ2  sing Y N 323 
TRP CE3 CZ3  doub Y N 324 
TRP CE3 HE3  sing N N 325 
TRP CZ2 CH2  doub Y N 326 
TRP CZ2 HZ2  sing N N 327 
TRP CZ3 CH2  sing Y N 328 
TRP CZ3 HZ3  sing N N 329 
TRP CH2 HH2  sing N N 330 
TRP OXT HXT  sing N N 331 
TYR N   CA   sing N N 332 
TYR N   H    sing N N 333 
TYR N   H2   sing N N 334 
TYR CA  C    sing N N 335 
TYR CA  CB   sing N N 336 
TYR CA  HA   sing N N 337 
TYR C   O    doub N N 338 
TYR C   OXT  sing N N 339 
TYR CB  CG   sing N N 340 
TYR CB  HB2  sing N N 341 
TYR CB  HB3  sing N N 342 
TYR CG  CD1  doub Y N 343 
TYR CG  CD2  sing Y N 344 
TYR CD1 CE1  sing Y N 345 
TYR CD1 HD1  sing N N 346 
TYR CD2 CE2  doub Y N 347 
TYR CD2 HD2  sing N N 348 
TYR CE1 CZ   doub Y N 349 
TYR CE1 HE1  sing N N 350 
TYR CE2 CZ   sing Y N 351 
TYR CE2 HE2  sing N N 352 
TYR CZ  OH   sing N N 353 
TYR OH  HH   sing N N 354 
TYR OXT HXT  sing N N 355 
VAL N   CA   sing N N 356 
VAL N   H    sing N N 357 
VAL N   H2   sing N N 358 
VAL CA  C    sing N N 359 
VAL CA  CB   sing N N 360 
VAL CA  HA   sing N N 361 
VAL C   O    doub N N 362 
VAL C   OXT  sing N N 363 
VAL CB  CG1  sing N N 364 
VAL CB  CG2  sing N N 365 
VAL CB  HB   sing N N 366 
VAL CG1 HG11 sing N N 367 
VAL CG1 HG12 sing N N 368 
VAL CG1 HG13 sing N N 369 
VAL CG2 HG21 sing N N 370 
VAL CG2 HG22 sing N N 371 
VAL CG2 HG23 sing N N 372 
VAL OXT HXT  sing N N 373 
# 
_pdbx_initial_refinement_model.id               1 
_pdbx_initial_refinement_model.entity_id_list   ? 
_pdbx_initial_refinement_model.type             'experimental model' 
_pdbx_initial_refinement_model.source_name      PDB 
_pdbx_initial_refinement_model.accession_code   2BQ0 
_pdbx_initial_refinement_model.details          'PDB ENTRY 2BQ0' 
# 
